data_5QOV
# 
_entry.id   5QOV 
# 
_audit_conform.dict_name       mmcif_pdbx.dic 
_audit_conform.dict_version    5.387 
_audit_conform.dict_location   http://mmcif.pdb.org/dictionaries/ascii/mmcif_pdbx.dic 
# 
loop_
_database_2.database_id 
_database_2.database_code 
_database_2.pdbx_database_accession 
_database_2.pdbx_DOI 
PDB   5QOV         pdb_00005qov 10.2210/pdb5qov/pdb 
WWPDB D_1001402220 ?            ?                   
# 
loop_
_pdbx_audit_revision_history.ordinal 
_pdbx_audit_revision_history.data_content_type 
_pdbx_audit_revision_history.major_revision 
_pdbx_audit_revision_history.minor_revision 
_pdbx_audit_revision_history.revision_date 
1 'Structure model' 1 0 2019-05-08 
2 'Structure model' 1 1 2019-11-20 
3 'Structure model' 1 2 2024-03-06 
# 
_pdbx_audit_revision_details.ordinal             1 
_pdbx_audit_revision_details.revision_ordinal    1 
_pdbx_audit_revision_details.data_content_type   'Structure model' 
_pdbx_audit_revision_details.provider            repository 
_pdbx_audit_revision_details.type                'Initial release' 
_pdbx_audit_revision_details.description         ? 
_pdbx_audit_revision_details.details             ? 
# 
loop_
_pdbx_audit_revision_group.ordinal 
_pdbx_audit_revision_group.revision_ordinal 
_pdbx_audit_revision_group.data_content_type 
_pdbx_audit_revision_group.group 
1 2 'Structure model' 'Data collection'     
2 3 'Structure model' 'Data collection'     
3 3 'Structure model' 'Database references' 
# 
loop_
_pdbx_audit_revision_category.ordinal 
_pdbx_audit_revision_category.revision_ordinal 
_pdbx_audit_revision_category.data_content_type 
_pdbx_audit_revision_category.category 
1 2 'Structure model' diffrn_source  
2 3 'Structure model' chem_comp_atom 
3 3 'Structure model' chem_comp_bond 
4 3 'Structure model' database_2     
# 
loop_
_pdbx_audit_revision_item.ordinal 
_pdbx_audit_revision_item.revision_ordinal 
_pdbx_audit_revision_item.data_content_type 
_pdbx_audit_revision_item.item 
1 2 'Structure model' '_diffrn_source.pdbx_synchrotron_beamline' 
2 2 'Structure model' '_diffrn_source.type'                      
3 3 'Structure model' '_database_2.pdbx_DOI'                     
4 3 'Structure model' '_database_2.pdbx_database_accession'      
# 
_pdbx_database_status.entry_id                        5QOV 
_pdbx_database_status.status_code                     REL 
_pdbx_database_status.status_code_sf                  REL 
_pdbx_database_status.status_code_mr                  ? 
_pdbx_database_status.status_code_cs                  ? 
_pdbx_database_status.recvd_initial_deposition_date   2019-02-22 
_pdbx_database_status.deposit_site                    RCSB 
_pdbx_database_status.process_site                    RCSB 
_pdbx_database_status.SG_entry                        ? 
_pdbx_database_status.pdb_format_compatible           Y 
_pdbx_database_status.methods_development_category    ? 
_pdbx_database_status.status_code_nmr_data            ? 
# 
loop_
_audit_author.name 
_audit_author.pdbx_ordinal 
_audit_author.identifier_ORCID 
'Nelson, E.R.'      1  ? 
'Velupillai, S.'    2  ? 
'Talon, R.'         3  ? 
'Collins, P.M.'     4  ? 
'Krojer, T.'        5  ? 
'Wang, D.'          6  ? 
'Brandao-Neto, J.'  7  ? 
'Douangamath, A.'   8  ? 
'Burgess-Brown, N.' 9  ? 
'Arrowsmith, C.H.'  10 ? 
'Bountra, C.'       11 ? 
'Huber, K.'         12 ? 
'von Delft, F.'     13 ? 
# 
_citation.id                        primary 
_citation.title                     'PanDDA analysis group deposition' 
_citation.journal_abbrev            'To Be Published' 
_citation.journal_volume            ? 
_citation.page_first                ? 
_citation.page_last                 ? 
_citation.year                      ? 
_citation.journal_id_ASTM           ? 
_citation.country                   ? 
_citation.journal_id_ISSN           ? 
_citation.journal_id_CSD            0353 
_citation.book_publisher            ? 
_citation.pdbx_database_id_PubMed   ? 
_citation.pdbx_database_id_DOI      ? 
# 
loop_
_citation_author.citation_id 
_citation_author.name 
_citation_author.identifier_ORCID 
_citation_author.ordinal 
primary 'Nelson, E.R.'      ? 1  
primary 'Velupillai, S.'    ? 2  
primary 'Talon, R.'         ? 3  
primary 'Collins, P.M.'     ? 4  
primary 'Krojer, T.'        ? 5  
primary 'Wang, D.'          ? 6  
primary 'Brandao-Neto, J.'  ? 7  
primary 'Douangamath, A.'   ? 8  
primary 'Burgess-Brown, N.' ? 9  
primary 'Arrowsmith, C.H.'  ? 10 
primary 'Bountra, C.'       ? 11 
primary 'Huber, K.'         ? 12 
primary 'von Delft, F.'     ? 13 
# 
loop_
_entity.id 
_entity.type 
_entity.src_method 
_entity.pdbx_description 
_entity.formula_weight 
_entity.pdbx_number_of_molecules 
_entity.pdbx_ec 
_entity.pdbx_mutation 
_entity.pdbx_fragment 
_entity.details 
1 polymer     man 'DCP2 (NUDT20)'                                19073.738 1  3.6.1.62 ? 'UNP residues 95-260' ? 
2 non-polymer syn 1,2-ETHANEDIOL                                 62.068    2  ?        ? ?                     ? 
3 non-polymer syn 'DIMETHYL SULFOXIDE'                           78.133    1  ?        ? ?                     ? 
4 non-polymer syn 'ACETATE ION'                                  59.044    2  ?        ? ?                     ? 
5 non-polymer syn '[2-(cycloheptylamino)pyrimidin-4-yl]methanol' 221.299   1  ?        ? ?                     ? 
6 water       nat water                                          18.015    84 ?        ? ?                     ? 
# 
_entity_name_com.entity_id   1 
_entity_name_com.name        
'Nucleoside diphosphate-linked moiety X motif 20, Nudix motif 20, mRNA-decapping enzyme 2, hDpc, m7GpppN-mRNA hydrolase' 
# 
_entity_poly.entity_id                      1 
_entity_poly.type                           'polypeptide(L)' 
_entity_poly.nstd_linkage                   no 
_entity_poly.nstd_monomer                   no 
_entity_poly.pdbx_seq_one_letter_code       
;SMGVPTYGAIILDETLENVLLVQGYLAKSGWGFPKGKVNKEEAPHDCAAREVFEETGFDIKDYICKDDYIELRINDQLAR
LYIIPGIPKDTKFNPKTRREIRNIEWFSIEKLPCHRNDMTPKSKLGLAPNKFFMAIPFIRPLRDWLSRRFGDSSDSDNGF
SSTGSTP
;
_entity_poly.pdbx_seq_one_letter_code_can   
;SMGVPTYGAIILDETLENVLLVQGYLAKSGWGFPKGKVNKEEAPHDCAAREVFEETGFDIKDYICKDDYIELRINDQLAR
LYIIPGIPKDTKFNPKTRREIRNIEWFSIEKLPCHRNDMTPKSKLGLAPNKFFMAIPFIRPLRDWLSRRFGDSSDSDNGF
SSTGSTP
;
_entity_poly.pdbx_strand_id                 A 
_entity_poly.pdbx_target_identifier         ? 
# 
loop_
_pdbx_entity_nonpoly.entity_id 
_pdbx_entity_nonpoly.name 
_pdbx_entity_nonpoly.comp_id 
2 1,2-ETHANEDIOL                                 EDO 
3 'DIMETHYL SULFOXIDE'                           DMS 
4 'ACETATE ION'                                  ACT 
5 '[2-(cycloheptylamino)pyrimidin-4-yl]methanol' LE4 
6 water                                          HOH 
# 
loop_
_entity_poly_seq.entity_id 
_entity_poly_seq.num 
_entity_poly_seq.mon_id 
_entity_poly_seq.hetero 
1 1   SER n 
1 2   MET n 
1 3   GLY n 
1 4   VAL n 
1 5   PRO n 
1 6   THR n 
1 7   TYR n 
1 8   GLY n 
1 9   ALA n 
1 10  ILE n 
1 11  ILE n 
1 12  LEU n 
1 13  ASP n 
1 14  GLU n 
1 15  THR n 
1 16  LEU n 
1 17  GLU n 
1 18  ASN n 
1 19  VAL n 
1 20  LEU n 
1 21  LEU n 
1 22  VAL n 
1 23  GLN n 
1 24  GLY n 
1 25  TYR n 
1 26  LEU n 
1 27  ALA n 
1 28  LYS n 
1 29  SER n 
1 30  GLY n 
1 31  TRP n 
1 32  GLY n 
1 33  PHE n 
1 34  PRO n 
1 35  LYS n 
1 36  GLY n 
1 37  LYS n 
1 38  VAL n 
1 39  ASN n 
1 40  LYS n 
1 41  GLU n 
1 42  GLU n 
1 43  ALA n 
1 44  PRO n 
1 45  HIS n 
1 46  ASP n 
1 47  CYS n 
1 48  ALA n 
1 49  ALA n 
1 50  ARG n 
1 51  GLU n 
1 52  VAL n 
1 53  PHE n 
1 54  GLU n 
1 55  GLU n 
1 56  THR n 
1 57  GLY n 
1 58  PHE n 
1 59  ASP n 
1 60  ILE n 
1 61  LYS n 
1 62  ASP n 
1 63  TYR n 
1 64  ILE n 
1 65  CYS n 
1 66  LYS n 
1 67  ASP n 
1 68  ASP n 
1 69  TYR n 
1 70  ILE n 
1 71  GLU n 
1 72  LEU n 
1 73  ARG n 
1 74  ILE n 
1 75  ASN n 
1 76  ASP n 
1 77  GLN n 
1 78  LEU n 
1 79  ALA n 
1 80  ARG n 
1 81  LEU n 
1 82  TYR n 
1 83  ILE n 
1 84  ILE n 
1 85  PRO n 
1 86  GLY n 
1 87  ILE n 
1 88  PRO n 
1 89  LYS n 
1 90  ASP n 
1 91  THR n 
1 92  LYS n 
1 93  PHE n 
1 94  ASN n 
1 95  PRO n 
1 96  LYS n 
1 97  THR n 
1 98  ARG n 
1 99  ARG n 
1 100 GLU n 
1 101 ILE n 
1 102 ARG n 
1 103 ASN n 
1 104 ILE n 
1 105 GLU n 
1 106 TRP n 
1 107 PHE n 
1 108 SER n 
1 109 ILE n 
1 110 GLU n 
1 111 LYS n 
1 112 LEU n 
1 113 PRO n 
1 114 CYS n 
1 115 HIS n 
1 116 ARG n 
1 117 ASN n 
1 118 ASP n 
1 119 MET n 
1 120 THR n 
1 121 PRO n 
1 122 LYS n 
1 123 SER n 
1 124 LYS n 
1 125 LEU n 
1 126 GLY n 
1 127 LEU n 
1 128 ALA n 
1 129 PRO n 
1 130 ASN n 
1 131 LYS n 
1 132 PHE n 
1 133 PHE n 
1 134 MET n 
1 135 ALA n 
1 136 ILE n 
1 137 PRO n 
1 138 PHE n 
1 139 ILE n 
1 140 ARG n 
1 141 PRO n 
1 142 LEU n 
1 143 ARG n 
1 144 ASP n 
1 145 TRP n 
1 146 LEU n 
1 147 SER n 
1 148 ARG n 
1 149 ARG n 
1 150 PHE n 
1 151 GLY n 
1 152 ASP n 
1 153 SER n 
1 154 SER n 
1 155 ASP n 
1 156 SER n 
1 157 ASP n 
1 158 ASN n 
1 159 GLY n 
1 160 PHE n 
1 161 SER n 
1 162 SER n 
1 163 THR n 
1 164 GLY n 
1 165 SER n 
1 166 THR n 
1 167 PRO n 
# 
_entity_src_gen.entity_id                          1 
_entity_src_gen.pdbx_src_id                        1 
_entity_src_gen.pdbx_alt_source_flag               sample 
_entity_src_gen.pdbx_seq_type                      'Biological sequence' 
_entity_src_gen.pdbx_beg_seq_num                   1 
_entity_src_gen.pdbx_end_seq_num                   167 
_entity_src_gen.gene_src_common_name               Human 
_entity_src_gen.gene_src_genus                     ? 
_entity_src_gen.pdbx_gene_src_gene                 'DCP2, NUDT20' 
_entity_src_gen.gene_src_species                   ? 
_entity_src_gen.gene_src_strain                    ? 
_entity_src_gen.gene_src_tissue                    ? 
_entity_src_gen.gene_src_tissue_fraction           ? 
_entity_src_gen.gene_src_details                   ? 
_entity_src_gen.pdbx_gene_src_fragment             ? 
_entity_src_gen.pdbx_gene_src_scientific_name      'Homo sapiens' 
_entity_src_gen.pdbx_gene_src_ncbi_taxonomy_id     9606 
_entity_src_gen.pdbx_gene_src_variant              ? 
_entity_src_gen.pdbx_gene_src_cell_line            ? 
_entity_src_gen.pdbx_gene_src_atcc                 ? 
_entity_src_gen.pdbx_gene_src_organ                ? 
_entity_src_gen.pdbx_gene_src_organelle            ? 
_entity_src_gen.pdbx_gene_src_cell                 ? 
_entity_src_gen.pdbx_gene_src_cellular_location    ? 
_entity_src_gen.host_org_common_name               ? 
_entity_src_gen.pdbx_host_org_scientific_name      'Escherichia coli' 
_entity_src_gen.pdbx_host_org_ncbi_taxonomy_id     562 
_entity_src_gen.host_org_genus                     ? 
_entity_src_gen.pdbx_host_org_gene                 ? 
_entity_src_gen.pdbx_host_org_organ                ? 
_entity_src_gen.host_org_species                   ? 
_entity_src_gen.pdbx_host_org_tissue               ? 
_entity_src_gen.pdbx_host_org_tissue_fraction      ? 
_entity_src_gen.pdbx_host_org_strain               ? 
_entity_src_gen.pdbx_host_org_variant              ? 
_entity_src_gen.pdbx_host_org_cell_line            ? 
_entity_src_gen.pdbx_host_org_atcc                 ? 
_entity_src_gen.pdbx_host_org_culture_collection   ? 
_entity_src_gen.pdbx_host_org_cell                 ? 
_entity_src_gen.pdbx_host_org_organelle            ? 
_entity_src_gen.pdbx_host_org_cellular_location    ? 
_entity_src_gen.pdbx_host_org_vector_type          ? 
_entity_src_gen.pdbx_host_org_vector               ? 
_entity_src_gen.host_org_details                   ? 
_entity_src_gen.expression_system_id               ? 
_entity_src_gen.plasmid_name                       ? 
_entity_src_gen.plasmid_details                    ? 
_entity_src_gen.pdbx_description                   ? 
# 
loop_
_chem_comp.id 
_chem_comp.type 
_chem_comp.mon_nstd_flag 
_chem_comp.name 
_chem_comp.pdbx_synonyms 
_chem_comp.formula 
_chem_comp.formula_weight 
ACT non-polymer         . 'ACETATE ION'                                  ?                 'C2 H3 O2 -1'    59.044  
ALA 'L-peptide linking' y ALANINE                                        ?                 'C3 H7 N O2'     89.093  
ARG 'L-peptide linking' y ARGININE                                       ?                 'C6 H15 N4 O2 1' 175.209 
ASN 'L-peptide linking' y ASPARAGINE                                     ?                 'C4 H8 N2 O3'    132.118 
ASP 'L-peptide linking' y 'ASPARTIC ACID'                                ?                 'C4 H7 N O4'     133.103 
CYS 'L-peptide linking' y CYSTEINE                                       ?                 'C3 H7 N O2 S'   121.158 
DMS non-polymer         . 'DIMETHYL SULFOXIDE'                           ?                 'C2 H6 O S'      78.133  
EDO non-polymer         . 1,2-ETHANEDIOL                                 'ETHYLENE GLYCOL' 'C2 H6 O2'       62.068  
GLN 'L-peptide linking' y GLUTAMINE                                      ?                 'C5 H10 N2 O3'   146.144 
GLU 'L-peptide linking' y 'GLUTAMIC ACID'                                ?                 'C5 H9 N O4'     147.129 
GLY 'peptide linking'   y GLYCINE                                        ?                 'C2 H5 N O2'     75.067  
HIS 'L-peptide linking' y HISTIDINE                                      ?                 'C6 H10 N3 O2 1' 156.162 
HOH non-polymer         . WATER                                          ?                 'H2 O'           18.015  
ILE 'L-peptide linking' y ISOLEUCINE                                     ?                 'C6 H13 N O2'    131.173 
LE4 non-polymer         . '[2-(cycloheptylamino)pyrimidin-4-yl]methanol' ?                 'C12 H19 N3 O'   221.299 
LEU 'L-peptide linking' y LEUCINE                                        ?                 'C6 H13 N O2'    131.173 
LYS 'L-peptide linking' y LYSINE                                         ?                 'C6 H15 N2 O2 1' 147.195 
MET 'L-peptide linking' y METHIONINE                                     ?                 'C5 H11 N O2 S'  149.211 
PHE 'L-peptide linking' y PHENYLALANINE                                  ?                 'C9 H11 N O2'    165.189 
PRO 'L-peptide linking' y PROLINE                                        ?                 'C5 H9 N O2'     115.130 
SER 'L-peptide linking' y SERINE                                         ?                 'C3 H7 N O3'     105.093 
THR 'L-peptide linking' y THREONINE                                      ?                 'C4 H9 N O3'     119.119 
TRP 'L-peptide linking' y TRYPTOPHAN                                     ?                 'C11 H12 N2 O2'  204.225 
TYR 'L-peptide linking' y TYROSINE                                       ?                 'C9 H11 N O3'    181.189 
VAL 'L-peptide linking' y VALINE                                         ?                 'C5 H11 N O2'    117.146 
# 
loop_
_pdbx_poly_seq_scheme.asym_id 
_pdbx_poly_seq_scheme.entity_id 
_pdbx_poly_seq_scheme.seq_id 
_pdbx_poly_seq_scheme.mon_id 
_pdbx_poly_seq_scheme.ndb_seq_num 
_pdbx_poly_seq_scheme.pdb_seq_num 
_pdbx_poly_seq_scheme.auth_seq_num 
_pdbx_poly_seq_scheme.pdb_mon_id 
_pdbx_poly_seq_scheme.auth_mon_id 
_pdbx_poly_seq_scheme.pdb_strand_id 
_pdbx_poly_seq_scheme.pdb_ins_code 
_pdbx_poly_seq_scheme.hetero 
A 1 1   SER 1   94  ?   ?   ?   A . n 
A 1 2   MET 2   95  ?   ?   ?   A . n 
A 1 3   GLY 3   96  96  GLY GLY A . n 
A 1 4   VAL 4   97  97  VAL VAL A . n 
A 1 5   PRO 5   98  98  PRO PRO A . n 
A 1 6   THR 6   99  99  THR THR A . n 
A 1 7   TYR 7   100 100 TYR TYR A . n 
A 1 8   GLY 8   101 101 GLY GLY A . n 
A 1 9   ALA 9   102 102 ALA ALA A . n 
A 1 10  ILE 10  103 103 ILE ILE A . n 
A 1 11  ILE 11  104 104 ILE ILE A . n 
A 1 12  LEU 12  105 105 LEU LEU A . n 
A 1 13  ASP 13  106 106 ASP ASP A . n 
A 1 14  GLU 14  107 107 GLU GLU A . n 
A 1 15  THR 15  108 108 THR THR A . n 
A 1 16  LEU 16  109 109 LEU LEU A . n 
A 1 17  GLU 17  110 110 GLU GLU A . n 
A 1 18  ASN 18  111 111 ASN ASN A . n 
A 1 19  VAL 19  112 112 VAL VAL A . n 
A 1 20  LEU 20  113 113 LEU LEU A . n 
A 1 21  LEU 21  114 114 LEU LEU A . n 
A 1 22  VAL 22  115 115 VAL VAL A . n 
A 1 23  GLN 23  116 116 GLN GLN A . n 
A 1 24  GLY 24  117 117 GLY GLY A . n 
A 1 25  TYR 25  118 118 TYR TYR A . n 
A 1 26  LEU 26  119 119 LEU LEU A . n 
A 1 27  ALA 27  120 120 ALA ALA A . n 
A 1 28  LYS 28  121 121 LYS LYS A . n 
A 1 29  SER 29  122 122 SER SER A . n 
A 1 30  GLY 30  123 123 GLY GLY A . n 
A 1 31  TRP 31  124 124 TRP TRP A . n 
A 1 32  GLY 32  125 125 GLY GLY A . n 
A 1 33  PHE 33  126 126 PHE PHE A . n 
A 1 34  PRO 34  127 127 PRO PRO A . n 
A 1 35  LYS 35  128 128 LYS LYS A . n 
A 1 36  GLY 36  129 129 GLY GLY A . n 
A 1 37  LYS 37  130 130 LYS LYS A . n 
A 1 38  VAL 38  131 131 VAL VAL A . n 
A 1 39  ASN 39  132 132 ASN ASN A . n 
A 1 40  LYS 40  133 133 LYS LYS A . n 
A 1 41  GLU 41  134 134 GLU GLU A . n 
A 1 42  GLU 42  135 135 GLU GLU A . n 
A 1 43  ALA 43  136 136 ALA ALA A . n 
A 1 44  PRO 44  137 137 PRO PRO A . n 
A 1 45  HIS 45  138 138 HIS HIS A . n 
A 1 46  ASP 46  139 139 ASP ASP A . n 
A 1 47  CYS 47  140 140 CYS CYS A . n 
A 1 48  ALA 48  141 141 ALA ALA A . n 
A 1 49  ALA 49  142 142 ALA ALA A . n 
A 1 50  ARG 50  143 143 ARG ARG A . n 
A 1 51  GLU 51  144 144 GLU GLU A . n 
A 1 52  VAL 52  145 145 VAL VAL A . n 
A 1 53  PHE 53  146 146 PHE PHE A . n 
A 1 54  GLU 54  147 147 GLU GLU A . n 
A 1 55  GLU 55  148 148 GLU GLU A . n 
A 1 56  THR 56  149 149 THR THR A . n 
A 1 57  GLY 57  150 150 GLY GLY A . n 
A 1 58  PHE 58  151 151 PHE PHE A . n 
A 1 59  ASP 59  152 152 ASP ASP A . n 
A 1 60  ILE 60  153 153 ILE ILE A . n 
A 1 61  LYS 61  154 154 LYS LYS A . n 
A 1 62  ASP 62  155 155 ASP ASP A . n 
A 1 63  TYR 63  156 156 TYR TYR A . n 
A 1 64  ILE 64  157 157 ILE ILE A . n 
A 1 65  CYS 65  158 158 CYS CYS A . n 
A 1 66  LYS 66  159 159 LYS LYS A . n 
A 1 67  ASP 67  160 160 ASP ASP A . n 
A 1 68  ASP 68  161 161 ASP ASP A . n 
A 1 69  TYR 69  162 162 TYR TYR A . n 
A 1 70  ILE 70  163 163 ILE ILE A . n 
A 1 71  GLU 71  164 164 GLU GLU A . n 
A 1 72  LEU 72  165 165 LEU LEU A . n 
A 1 73  ARG 73  166 166 ARG ARG A . n 
A 1 74  ILE 74  167 167 ILE ILE A . n 
A 1 75  ASN 75  168 168 ASN ASN A . n 
A 1 76  ASP 76  169 169 ASP ASP A . n 
A 1 77  GLN 77  170 170 GLN GLN A . n 
A 1 78  LEU 78  171 171 LEU LEU A . n 
A 1 79  ALA 79  172 172 ALA ALA A . n 
A 1 80  ARG 80  173 173 ARG ARG A . n 
A 1 81  LEU 81  174 174 LEU LEU A . n 
A 1 82  TYR 82  175 175 TYR TYR A . n 
A 1 83  ILE 83  176 176 ILE ILE A . n 
A 1 84  ILE 84  177 177 ILE ILE A . n 
A 1 85  PRO 85  178 178 PRO PRO A . n 
A 1 86  GLY 86  179 179 GLY GLY A . n 
A 1 87  ILE 87  180 180 ILE ILE A . n 
A 1 88  PRO 88  181 181 PRO PRO A . n 
A 1 89  LYS 89  182 182 LYS LYS A . n 
A 1 90  ASP 90  183 183 ASP ASP A . n 
A 1 91  THR 91  184 184 THR THR A . n 
A 1 92  LYS 92  185 185 LYS LYS A . n 
A 1 93  PHE 93  186 186 PHE PHE A . n 
A 1 94  ASN 94  187 187 ASN ASN A . n 
A 1 95  PRO 95  188 188 PRO PRO A . n 
A 1 96  LYS 96  189 189 LYS LYS A . n 
A 1 97  THR 97  190 190 THR THR A . n 
A 1 98  ARG 98  191 191 ARG ARG A . n 
A 1 99  ARG 99  192 192 ARG ARG A . n 
A 1 100 GLU 100 193 193 GLU GLU A . n 
A 1 101 ILE 101 194 194 ILE ILE A . n 
A 1 102 ARG 102 195 195 ARG ARG A . n 
A 1 103 ASN 103 196 196 ASN ASN A . n 
A 1 104 ILE 104 197 197 ILE ILE A . n 
A 1 105 GLU 105 198 198 GLU GLU A . n 
A 1 106 TRP 106 199 199 TRP TRP A . n 
A 1 107 PHE 107 200 200 PHE PHE A . n 
A 1 108 SER 108 201 201 SER SER A . n 
A 1 109 ILE 109 202 202 ILE ILE A . n 
A 1 110 GLU 110 203 203 GLU GLU A . n 
A 1 111 LYS 111 204 204 LYS LYS A . n 
A 1 112 LEU 112 205 205 LEU LEU A . n 
A 1 113 PRO 113 206 206 PRO PRO A . n 
A 1 114 CYS 114 207 207 CYS CYS A . n 
A 1 115 HIS 115 208 208 HIS HIS A . n 
A 1 116 ARG 116 209 209 ARG ARG A . n 
A 1 117 ASN 117 210 210 ASN ASN A . n 
A 1 118 ASP 118 211 211 ASP ASP A . n 
A 1 119 MET 119 212 212 MET MET A . n 
A 1 120 THR 120 213 213 THR THR A . n 
A 1 121 PRO 121 214 214 PRO PRO A . n 
A 1 122 LYS 122 215 215 LYS LYS A . n 
A 1 123 SER 123 216 216 SER SER A . n 
A 1 124 LYS 124 217 217 LYS LYS A . n 
A 1 125 LEU 125 218 218 LEU LEU A . n 
A 1 126 GLY 126 219 219 GLY GLY A . n 
A 1 127 LEU 127 220 220 LEU LEU A . n 
A 1 128 ALA 128 221 221 ALA ALA A . n 
A 1 129 PRO 129 222 222 PRO PRO A . n 
A 1 130 ASN 130 223 223 ASN ASN A . n 
A 1 131 LYS 131 224 224 LYS LYS A . n 
A 1 132 PHE 132 225 225 PHE PHE A . n 
A 1 133 PHE 133 226 226 PHE PHE A . n 
A 1 134 MET 134 227 227 MET MET A . n 
A 1 135 ALA 135 228 228 ALA ALA A . n 
A 1 136 ILE 136 229 229 ILE ILE A . n 
A 1 137 PRO 137 230 230 PRO PRO A . n 
A 1 138 PHE 138 231 231 PHE PHE A . n 
A 1 139 ILE 139 232 232 ILE ILE A . n 
A 1 140 ARG 140 233 233 ARG ARG A . n 
A 1 141 PRO 141 234 234 PRO PRO A . n 
A 1 142 LEU 142 235 235 LEU LEU A . n 
A 1 143 ARG 143 236 236 ARG ARG A . n 
A 1 144 ASP 144 237 237 ASP ASP A . n 
A 1 145 TRP 145 238 238 TRP TRP A . n 
A 1 146 LEU 146 239 239 LEU LEU A . n 
A 1 147 SER 147 240 240 SER SER A . n 
A 1 148 ARG 148 241 241 ARG ARG A . n 
A 1 149 ARG 149 242 242 ARG ARG A . n 
A 1 150 PHE 150 243 243 PHE PHE A . n 
A 1 151 GLY 151 244 244 GLY GLY A . n 
A 1 152 ASP 152 245 ?   ?   ?   A . n 
A 1 153 SER 153 246 ?   ?   ?   A . n 
A 1 154 SER 154 247 ?   ?   ?   A . n 
A 1 155 ASP 155 248 ?   ?   ?   A . n 
A 1 156 SER 156 249 ?   ?   ?   A . n 
A 1 157 ASP 157 250 ?   ?   ?   A . n 
A 1 158 ASN 158 251 ?   ?   ?   A . n 
A 1 159 GLY 159 252 ?   ?   ?   A . n 
A 1 160 PHE 160 253 ?   ?   ?   A . n 
A 1 161 SER 161 254 ?   ?   ?   A . n 
A 1 162 SER 162 255 ?   ?   ?   A . n 
A 1 163 THR 163 256 ?   ?   ?   A . n 
A 1 164 GLY 164 257 ?   ?   ?   A . n 
A 1 165 SER 165 258 ?   ?   ?   A . n 
A 1 166 THR 166 259 ?   ?   ?   A . n 
A 1 167 PRO 167 260 ?   ?   ?   A . n 
# 
loop_
_pdbx_nonpoly_scheme.asym_id 
_pdbx_nonpoly_scheme.entity_id 
_pdbx_nonpoly_scheme.mon_id 
_pdbx_nonpoly_scheme.ndb_seq_num 
_pdbx_nonpoly_scheme.pdb_seq_num 
_pdbx_nonpoly_scheme.auth_seq_num 
_pdbx_nonpoly_scheme.pdb_mon_id 
_pdbx_nonpoly_scheme.auth_mon_id 
_pdbx_nonpoly_scheme.pdb_strand_id 
_pdbx_nonpoly_scheme.pdb_ins_code 
B 2 EDO 1  301 2   EDO EDO A . 
C 2 EDO 1  302 3   EDO EDO A . 
D 3 DMS 1  303 1   DMS DMS A . 
E 4 ACT 1  304 1   ACT ACT A . 
F 4 ACT 1  305 2   ACT ACT A . 
G 5 LE4 1  306 1   LE4 LIG A . 
H 6 HOH 1  401 83  HOH HOH A . 
H 6 HOH 2  402 104 HOH HOH A . 
H 6 HOH 3  403 70  HOH HOH A . 
H 6 HOH 4  404 60  HOH HOH A . 
H 6 HOH 5  405 102 HOH HOH A . 
H 6 HOH 6  406 66  HOH HOH A . 
H 6 HOH 7  407 15  HOH HOH A . 
H 6 HOH 8  408 19  HOH HOH A . 
H 6 HOH 9  409 67  HOH HOH A . 
H 6 HOH 10 410 23  HOH HOH A . 
H 6 HOH 11 411 39  HOH HOH A . 
H 6 HOH 12 412 90  HOH HOH A . 
H 6 HOH 13 413 78  HOH HOH A . 
H 6 HOH 14 414 10  HOH HOH A . 
H 6 HOH 15 415 8   HOH HOH A . 
H 6 HOH 16 416 88  HOH HOH A . 
H 6 HOH 17 417 96  HOH HOH A . 
H 6 HOH 18 418 97  HOH HOH A . 
H 6 HOH 19 419 24  HOH HOH A . 
H 6 HOH 20 420 71  HOH HOH A . 
H 6 HOH 21 421 38  HOH HOH A . 
H 6 HOH 22 422 18  HOH HOH A . 
H 6 HOH 23 423 17  HOH HOH A . 
H 6 HOH 24 424 13  HOH HOH A . 
H 6 HOH 25 425 95  HOH HOH A . 
H 6 HOH 26 426 85  HOH HOH A . 
H 6 HOH 27 427 31  HOH HOH A . 
H 6 HOH 28 428 16  HOH HOH A . 
H 6 HOH 29 429 101 HOH HOH A . 
H 6 HOH 30 430 80  HOH HOH A . 
H 6 HOH 31 431 100 HOH HOH A . 
H 6 HOH 32 432 46  HOH HOH A . 
H 6 HOH 33 433 5   HOH HOH A . 
H 6 HOH 34 434 68  HOH HOH A . 
H 6 HOH 35 435 2   HOH HOH A . 
H 6 HOH 36 436 14  HOH HOH A . 
H 6 HOH 37 437 29  HOH HOH A . 
H 6 HOH 38 438 4   HOH HOH A . 
H 6 HOH 39 439 6   HOH HOH A . 
H 6 HOH 40 440 9   HOH HOH A . 
H 6 HOH 41 441 1   HOH HOH A . 
H 6 HOH 42 442 35  HOH HOH A . 
H 6 HOH 43 443 106 HOH HOH A . 
H 6 HOH 44 444 3   HOH HOH A . 
H 6 HOH 45 445 62  HOH HOH A . 
H 6 HOH 46 446 65  HOH HOH A . 
H 6 HOH 47 447 79  HOH HOH A . 
H 6 HOH 48 448 47  HOH HOH A . 
H 6 HOH 49 449 103 HOH HOH A . 
H 6 HOH 50 450 33  HOH HOH A . 
H 6 HOH 51 451 43  HOH HOH A . 
H 6 HOH 52 452 27  HOH HOH A . 
H 6 HOH 53 453 28  HOH HOH A . 
H 6 HOH 54 454 7   HOH HOH A . 
H 6 HOH 55 455 59  HOH HOH A . 
H 6 HOH 56 456 55  HOH HOH A . 
H 6 HOH 57 457 57  HOH HOH A . 
H 6 HOH 58 458 30  HOH HOH A . 
H 6 HOH 59 459 11  HOH HOH A . 
H 6 HOH 60 460 84  HOH HOH A . 
H 6 HOH 61 461 50  HOH HOH A . 
H 6 HOH 62 462 105 HOH HOH A . 
H 6 HOH 63 463 42  HOH HOH A . 
H 6 HOH 64 464 94  HOH HOH A . 
H 6 HOH 65 465 69  HOH HOH A . 
H 6 HOH 66 466 72  HOH HOH A . 
H 6 HOH 67 467 40  HOH HOH A . 
H 6 HOH 68 468 21  HOH HOH A . 
H 6 HOH 69 469 25  HOH HOH A . 
H 6 HOH 70 470 75  HOH HOH A . 
H 6 HOH 71 471 36  HOH HOH A . 
H 6 HOH 72 472 92  HOH HOH A . 
H 6 HOH 73 473 52  HOH HOH A . 
H 6 HOH 74 474 74  HOH HOH A . 
H 6 HOH 75 475 81  HOH HOH A . 
H 6 HOH 76 476 26  HOH HOH A . 
H 6 HOH 77 477 86  HOH HOH A . 
H 6 HOH 78 478 51  HOH HOH A . 
H 6 HOH 79 479 20  HOH HOH A . 
H 6 HOH 80 480 98  HOH HOH A . 
H 6 HOH 81 481 107 HOH HOH A . 
H 6 HOH 82 482 56  HOH HOH A . 
H 6 HOH 83 483 93  HOH HOH A . 
H 6 HOH 84 484 41  HOH HOH A . 
# 
loop_
_pdbx_unobs_or_zero_occ_atoms.id 
_pdbx_unobs_or_zero_occ_atoms.PDB_model_num 
_pdbx_unobs_or_zero_occ_atoms.polymer_flag 
_pdbx_unobs_or_zero_occ_atoms.occupancy_flag 
_pdbx_unobs_or_zero_occ_atoms.auth_asym_id 
_pdbx_unobs_or_zero_occ_atoms.auth_comp_id 
_pdbx_unobs_or_zero_occ_atoms.auth_seq_id 
_pdbx_unobs_or_zero_occ_atoms.PDB_ins_code 
_pdbx_unobs_or_zero_occ_atoms.auth_atom_id 
_pdbx_unobs_or_zero_occ_atoms.label_alt_id 
_pdbx_unobs_or_zero_occ_atoms.label_asym_id 
_pdbx_unobs_or_zero_occ_atoms.label_comp_id 
_pdbx_unobs_or_zero_occ_atoms.label_seq_id 
_pdbx_unobs_or_zero_occ_atoms.label_atom_id 
1  1 Y 1 A LYS 130 ? CE  ? A LYS 37  CE  
2  1 Y 1 A LYS 130 ? NZ  ? A LYS 37  NZ  
3  1 Y 1 A LYS 133 ? CG  ? A LYS 40  CG  
4  1 Y 1 A LYS 133 ? CD  ? A LYS 40  CD  
5  1 Y 1 A LYS 133 ? CE  ? A LYS 40  CE  
6  1 Y 1 A LYS 133 ? NZ  ? A LYS 40  NZ  
7  1 Y 1 A GLU 134 ? CG  ? A GLU 41  CG  
8  1 Y 1 A GLU 134 ? CD  ? A GLU 41  CD  
9  1 Y 1 A GLU 134 ? OE1 ? A GLU 41  OE1 
10 1 Y 1 A GLU 134 ? OE2 ? A GLU 41  OE2 
11 1 Y 1 A LYS 159 ? CD  ? A LYS 66  CD  
12 1 Y 1 A LYS 159 ? CE  ? A LYS 66  CE  
13 1 Y 1 A LYS 159 ? NZ  ? A LYS 66  NZ  
14 1 Y 1 A LYS 185 ? CE  ? A LYS 92  CE  
15 1 Y 1 A LYS 185 ? NZ  ? A LYS 92  NZ  
16 1 Y 1 A LYS 215 ? CD  ? A LYS 122 CD  
17 1 Y 1 A LYS 215 ? CE  ? A LYS 122 CE  
18 1 Y 1 A LYS 215 ? NZ  ? A LYS 122 NZ  
19 1 Y 1 A LYS 217 ? CE  ? A LYS 124 CE  
20 1 Y 1 A LYS 217 ? NZ  ? A LYS 124 NZ  
21 1 Y 1 A ARG 241 ? CD  ? A ARG 148 CD  
22 1 Y 1 A ARG 241 ? NE  ? A ARG 148 NE  
23 1 Y 1 A ARG 241 ? CZ  ? A ARG 148 CZ  
24 1 Y 1 A ARG 241 ? NH1 ? A ARG 148 NH1 
25 1 Y 1 A ARG 241 ? NH2 ? A ARG 148 NH2 
# 
loop_
_software.pdbx_ordinal 
_software.name 
_software.version 
_software.date 
_software.type 
_software.contact_author 
_software.contact_author_email 
_software.classification 
_software.location 
_software.language 
_software.citation_id 
1 REFMAC      5.8.0189 ?               program 'Garib N. Murshudov' garib@ysbl.york.ac.uk    refinement        
http://www.ccp4.ac.uk/dist/html/refmac5.html        Fortran_77 ? 
2 Aimless     0.5.32   29/03/17        program 'Phil Evans'         ?                        'data scaling'    
http://www.mrc-lmb.cam.ac.uk/harry/pre/aimless.html ?          ? 
3 PDB_EXTRACT 3.23     'SEP. 23, 2016' package PDB                  deposit@deposit.rcsb.org 'data extraction' 
http://sw-tools.pdb.org/apps/PDB_EXTRACT/           C++        ? 
4 XDS         .        ?               program ?                    ?                        'data reduction'  ? ?          ? 
5 REFMAC      .        ?               program ?                    ?                        phasing           ? ?          ? 
# 
_cell.entry_id           5QOV 
_cell.length_a           48.280 
_cell.length_b           60.350 
_cell.length_c           65.000 
_cell.angle_alpha        90.000 
_cell.angle_beta         90.000 
_cell.angle_gamma        90.000 
_cell.Z_PDB              4 
_cell.pdbx_unique_axis   ? 
# 
_symmetry.entry_id                         5QOV 
_symmetry.Int_Tables_number                19 
_symmetry.space_group_name_H-M             'P 21 21 21' 
_symmetry.pdbx_full_space_group_name_H-M   ? 
_symmetry.cell_setting                     ? 
# 
_exptl.crystals_number   1 
_exptl.entry_id          5QOV 
_exptl.method            'X-RAY DIFFRACTION' 
# 
_exptl_crystal.id                    1 
_exptl_crystal.pdbx_mosaicity        0.000 
_exptl_crystal.pdbx_mosaicity_esd    ? 
_exptl_crystal.density_Matthews      2.48 
_exptl_crystal.density_diffrn        ? 
_exptl_crystal.density_meas          ? 
_exptl_crystal.density_meas_temp     ? 
_exptl_crystal.density_percent_sol   50.45 
_exptl_crystal.size_max              ? 
_exptl_crystal.size_mid              ? 
_exptl_crystal.size_min              ? 
_exptl_crystal.size_rad              ? 
_exptl_crystal.description           ? 
# 
_exptl_crystal_grow.crystal_id      1 
_exptl_crystal_grow.method          'VAPOR DIFFUSION, SITTING DROP' 
_exptl_crystal_grow.pH              4.5 
_exptl_crystal_grow.temp            277 
_exptl_crystal_grow.pdbx_details    '0.1 M acetate, pH 4.5, 5-25% PEG3350' 
_exptl_crystal_grow.temp_details    ? 
_exptl_crystal_grow.pdbx_pH_range   ? 
# 
_diffrn.id                     1 
_diffrn.ambient_temp           ? 
_diffrn.crystal_id             1 
_diffrn.ambient_temp_details   ? 
# 
_diffrn_detector.detector               PIXEL 
_diffrn_detector.type                   'DECTRIS PILATUS 2M' 
_diffrn_detector.pdbx_collection_date   2017-07-26 
_diffrn_detector.diffrn_id              1 
_diffrn_detector.details                ? 
# 
_diffrn_radiation.diffrn_id                        1 
_diffrn_radiation.wavelength_id                    1 
_diffrn_radiation.pdbx_diffrn_protocol             'SINGLE WAVELENGTH' 
_diffrn_radiation.pdbx_monochromatic_or_laue_m_l   ? 
_diffrn_radiation.monochromator                    ? 
_diffrn_radiation.pdbx_scattering_type             x-ray 
# 
_diffrn_radiation_wavelength.id           1 
_diffrn_radiation_wavelength.wavelength   0.91587 
_diffrn_radiation_wavelength.wt           1.0 
# 
_diffrn_source.diffrn_id                   1 
_diffrn_source.source                      SYNCHROTRON 
_diffrn_source.type                        'DIAMOND BEAMLINE I04-1' 
_diffrn_source.pdbx_wavelength_list        0.91587 
_diffrn_source.pdbx_synchrotron_site       Diamond 
_diffrn_source.pdbx_synchrotron_beamline   I04-1 
_diffrn_source.pdbx_wavelength             ? 
# 
_reflns.entry_id                     5QOV 
_reflns.pdbx_diffrn_id               1 
_reflns.pdbx_ordinal                 1 
_reflns.observed_criterion_sigma_I   ? 
_reflns.observed_criterion_sigma_F   ? 
_reflns.d_resolution_low             37.700 
_reflns.d_resolution_high            1.650 
_reflns.number_obs                   23208 
_reflns.number_all                   ? 
_reflns.percent_possible_obs         98.900 
_reflns.pdbx_Rmerge_I_obs            0.046 
_reflns.pdbx_Rsym_value              ? 
_reflns.pdbx_netI_over_sigmaI        18.200 
_reflns.B_iso_Wilson_estimate        ? 
_reflns.pdbx_redundancy              6.400 
_reflns.pdbx_Rrim_I_all              0.050 
_reflns.pdbx_Rpim_I_all              0.020 
_reflns.pdbx_CC_half                 0.999 
_reflns.pdbx_netI_over_av_sigmaI     ? 
_reflns.pdbx_number_measured_all     147555 
_reflns.pdbx_scaling_rejects         0 
_reflns.pdbx_chi_squared             ? 
_reflns.Rmerge_F_all                 ? 
_reflns.Rmerge_F_obs                 ? 
_reflns.observed_criterion_F_max     ? 
_reflns.observed_criterion_F_min     ? 
_reflns.observed_criterion_I_max     ? 
_reflns.observed_criterion_I_min     ? 
_reflns.pdbx_d_res_high_opt          ? 
_reflns.pdbx_d_res_low_opt           ? 
_reflns.details                      ? 
# 
loop_
_reflns_shell.pdbx_diffrn_id 
_reflns_shell.pdbx_ordinal 
_reflns_shell.d_res_high 
_reflns_shell.d_res_low 
_reflns_shell.number_measured_obs 
_reflns_shell.number_measured_all 
_reflns_shell.number_unique_obs 
_reflns_shell.pdbx_rejects 
_reflns_shell.Rmerge_I_obs 
_reflns_shell.meanI_over_sigI_obs 
_reflns_shell.pdbx_Rsym_value 
_reflns_shell.pdbx_chi_squared 
_reflns_shell.pdbx_redundancy 
_reflns_shell.percent_possible_obs 
_reflns_shell.pdbx_netI_over_sigmaI_obs 
_reflns_shell.number_possible 
_reflns_shell.number_unique_all 
_reflns_shell.Rmerge_F_all 
_reflns_shell.Rmerge_F_obs 
_reflns_shell.Rmerge_I_all 
_reflns_shell.meanI_over_sigI_all 
_reflns_shell.percent_possible_all 
_reflns_shell.pdbx_Rrim_I_all 
_reflns_shell.pdbx_Rpim_I_all 
_reflns_shell.pdbx_CC_half 
1 1 1.650 1.690  ? 9019 ? ? 1.117 ? ? ? 5.500 ? 1.500  ? 1654 ? ? ? ? 97.900 1.237 0.521 0.645 
1 2 7.380 37.700 ? 1676 ? ? 0.021 ? ? ? 5.300 ? 56.800 ? 314  ? ? ? ? 98.100 0.024 0.010 0.999 
# 
_refine.entry_id                                 5QOV 
_refine.pdbx_refine_id                           'X-RAY DIFFRACTION' 
_refine.ls_d_res_high                            1.6500 
_refine.ls_d_res_low                             44.2700 
_refine.pdbx_ls_sigma_F                          0.000 
_refine.pdbx_data_cutoff_high_absF               ? 
_refine.pdbx_data_cutoff_low_absF                ? 
_refine.ls_percent_reflns_obs                    98.6000 
_refine.ls_number_reflns_obs                     22035 
_refine.ls_number_reflns_all                     ? 
_refine.pdbx_ls_cross_valid_method               THROUGHOUT 
_refine.ls_matrix_type                           ? 
_refine.pdbx_R_Free_selection_details            RANDOM 
_refine.details                                  
'HYDROGENS HAVE BEEN ADDED IN THE RIDING POSITIONS U VALUES : REFINED INDIVIDUALLY' 
_refine.ls_R_factor_all                          ? 
_refine.ls_R_factor_obs                          0.1969 
_refine.ls_R_factor_R_work                       0.1948 
_refine.ls_wR_factor_R_work                      ? 
_refine.ls_R_factor_R_free                       0.2396 
_refine.ls_wR_factor_R_free                      ? 
_refine.ls_percent_reflns_R_free                 4.9000 
_refine.ls_number_reflns_R_free                  1133 
_refine.ls_number_reflns_R_work                  ? 
_refine.ls_R_factor_R_free_error                 ? 
_refine.B_iso_mean                               33.4560 
_refine.solvent_model_param_bsol                 ? 
_refine.solvent_model_param_ksol                 ? 
_refine.pdbx_isotropic_thermal_model             ? 
_refine.aniso_B[1][1]                            1.7900 
_refine.aniso_B[2][2]                            -1.9700 
_refine.aniso_B[3][3]                            0.1800 
_refine.aniso_B[1][2]                            -0.0000 
_refine.aniso_B[1][3]                            0.0000 
_refine.aniso_B[2][3]                            0.0000 
_refine.correlation_coeff_Fo_to_Fc               0.9630 
_refine.correlation_coeff_Fo_to_Fc_free          0.9330 
_refine.overall_SU_R_Cruickshank_DPI             ? 
_refine.pdbx_overall_SU_R_free_Cruickshank_DPI   ? 
_refine.pdbx_overall_SU_R_Blow_DPI               ? 
_refine.pdbx_overall_SU_R_free_Blow_DPI          ? 
_refine.overall_SU_R_free                        ? 
_refine.pdbx_overall_ESU_R                       0.1060 
_refine.pdbx_overall_ESU_R_Free                  0.1090 
_refine.overall_SU_ML                            0.0830 
_refine.overall_SU_B                             2.5460 
_refine.solvent_model_details                    MASK 
_refine.pdbx_solvent_vdw_probe_radii             1.2000 
_refine.pdbx_solvent_ion_probe_radii             0.8000 
_refine.pdbx_solvent_shrinkage_radii             0.8000 
_refine.ls_number_parameters                     ? 
_refine.ls_number_restraints                     ? 
_refine.pdbx_starting_model                      'PDB entry 5MP0' 
_refine.pdbx_method_to_determine_struct          'FOURIER SYNTHESIS' 
_refine.pdbx_stereochemistry_target_values       'MAXIMUM LIKELIHOOD' 
_refine.pdbx_stereochem_target_val_spec_case     ? 
_refine.overall_FOM_work_R_set                   ? 
_refine.B_iso_max                                84.560 
_refine.B_iso_min                                17.680 
_refine.pdbx_overall_phase_error                 ? 
_refine.occupancy_max                            ? 
_refine.occupancy_min                            ? 
_refine.pdbx_diffrn_id                           1 
_refine.pdbx_TLS_residual_ADP_flag               ? 
_refine.pdbx_ls_sigma_I                          ? 
_refine.pdbx_data_cutoff_high_rms_absF           ? 
_refine.ls_R_factor_R_free_error_details         ? 
# 
_refine_hist.cycle_id                         final 
_refine_hist.pdbx_refine_id                   'X-RAY DIFFRACTION' 
_refine_hist.d_res_high                       1.6500 
_refine_hist.d_res_low                        44.2700 
_refine_hist.pdbx_number_atoms_ligand         36 
_refine_hist.number_atoms_solvent             84 
_refine_hist.number_atoms_total               1315 
_refine_hist.pdbx_number_residues_total       149 
_refine_hist.pdbx_B_iso_mean_ligand           50.92 
_refine_hist.pdbx_B_iso_mean_solvent          41.48 
_refine_hist.pdbx_number_atoms_protein        1195 
_refine_hist.pdbx_number_atoms_nucleic_acid   0 
# 
loop_
_refine_ls_restr.pdbx_refine_id 
_refine_ls_restr.type 
_refine_ls_restr.number 
_refine_ls_restr.dev_ideal 
_refine_ls_restr.dev_ideal_target 
_refine_ls_restr.weight 
_refine_ls_restr.pdbx_restraint_function 
'X-RAY DIFFRACTION' r_bond_refined_d       1776 0.021  0.019  ? ? 
'X-RAY DIFFRACTION' r_bond_other_d         1475 0.003  0.020  ? ? 
'X-RAY DIFFRACTION' r_angle_refined_deg    2119 2.135  1.965  ? ? 
'X-RAY DIFFRACTION' r_angle_other_deg      3419 1.157  2.962  ? ? 
'X-RAY DIFFRACTION' r_dihedral_angle_1_deg 196  7.002  5.000  ? ? 
'X-RAY DIFFRACTION' r_dihedral_angle_2_deg 73   29.080 21.781 ? ? 
'X-RAY DIFFRACTION' r_dihedral_angle_3_deg 268  16.033 15.000 ? ? 
'X-RAY DIFFRACTION' r_dihedral_angle_4_deg 19   20.782 15.000 ? ? 
'X-RAY DIFFRACTION' r_chiral_restr         208  0.133  0.200  ? ? 
'X-RAY DIFFRACTION' r_gen_planes_refined   1802 0.011  0.021  ? ? 
'X-RAY DIFFRACTION' r_gen_planes_other     369  0.003  0.020  ? ? 
'X-RAY DIFFRACTION' r_mcbond_it            816  3.220  3.144  ? ? 
'X-RAY DIFFRACTION' r_mcbond_other         803  3.204  3.114  ? ? 
'X-RAY DIFFRACTION' r_mcangle_it           940  4.635  4.611  ? ? 
# 
_refine_ls_shell.d_res_high                       1.6500 
_refine_ls_shell.d_res_low                        1.6930 
_refine_ls_shell.pdbx_total_number_of_bins_used   20 
_refine_ls_shell.percent_reflns_obs               97.4000 
_refine_ls_shell.number_reflns_R_work             1567 
_refine_ls_shell.R_factor_all                     ? 
_refine_ls_shell.R_factor_R_work                  0.3380 
_refine_ls_shell.R_factor_R_free                  0.3890 
_refine_ls_shell.percent_reflns_R_free            ? 
_refine_ls_shell.number_reflns_R_free             84 
_refine_ls_shell.R_factor_R_free_error            ? 
_refine_ls_shell.number_reflns_all                1651 
_refine_ls_shell.number_reflns_obs                ? 
_refine_ls_shell.pdbx_refine_id                   'X-RAY DIFFRACTION' 
# 
_struct.entry_id                  5QOV 
_struct.title                     
'PanDDA analysis group deposition -- Crystal Structure of DCP2 (NUDT20) in complex with Z1699011516' 
_struct.pdbx_model_details        ? 
_struct.pdbx_CASP_flag            ? 
_struct.pdbx_model_type_details   ? 
# 
_struct_keywords.entry_id        5QOV 
_struct_keywords.text            'SGC - Diamond I04-1 fragment screening, PanDDA, XChemExplorer, HYDROLASE' 
_struct_keywords.pdbx_keywords   HYDROLASE 
# 
loop_
_struct_asym.id 
_struct_asym.pdbx_blank_PDB_chainid_flag 
_struct_asym.pdbx_modified 
_struct_asym.entity_id 
_struct_asym.details 
A N N 1 ? 
B N N 2 ? 
C N N 2 ? 
D N N 3 ? 
E N N 4 ? 
F N N 4 ? 
G N N 5 ? 
H N N 6 ? 
# 
_struct_ref.id                         1 
_struct_ref.db_name                    UNP 
_struct_ref.db_code                    DCP2_HUMAN 
_struct_ref.pdbx_db_accession          Q8IU60 
_struct_ref.pdbx_db_isoform            ? 
_struct_ref.entity_id                  1 
_struct_ref.pdbx_seq_one_letter_code   
;MGVPTYGAIILDETLENVLLVQGYLAKSGWGFPKGKVNKEEAPHDCAAREVFEETGFDIKDYICKDDYIELRINDQLARL
YIIPGIPKDTKFNPKTRREIRNIEWFSIEKLPCHRNDMTPKSKLGLAPNKFFMAIPFIRPLRDWLSRRFGDSSDSDNGFS
STGSTP
;
_struct_ref.pdbx_align_begin           95 
# 
_struct_ref_seq.align_id                      1 
_struct_ref_seq.ref_id                        1 
_struct_ref_seq.pdbx_PDB_id_code              5QOV 
_struct_ref_seq.pdbx_strand_id                A 
_struct_ref_seq.seq_align_beg                 2 
_struct_ref_seq.pdbx_seq_align_beg_ins_code   ? 
_struct_ref_seq.seq_align_end                 167 
_struct_ref_seq.pdbx_seq_align_end_ins_code   ? 
_struct_ref_seq.pdbx_db_accession             Q8IU60 
_struct_ref_seq.db_align_beg                  95 
_struct_ref_seq.pdbx_db_align_beg_ins_code    ? 
_struct_ref_seq.db_align_end                  260 
_struct_ref_seq.pdbx_db_align_end_ins_code    ? 
_struct_ref_seq.pdbx_auth_seq_align_beg       95 
_struct_ref_seq.pdbx_auth_seq_align_end       260 
# 
_struct_ref_seq_dif.align_id                     1 
_struct_ref_seq_dif.pdbx_pdb_id_code             5QOV 
_struct_ref_seq_dif.mon_id                       SER 
_struct_ref_seq_dif.pdbx_pdb_strand_id           A 
_struct_ref_seq_dif.seq_num                      1 
_struct_ref_seq_dif.pdbx_pdb_ins_code            ? 
_struct_ref_seq_dif.pdbx_seq_db_name             UNP 
_struct_ref_seq_dif.pdbx_seq_db_accession_code   Q8IU60 
_struct_ref_seq_dif.db_mon_id                    ? 
_struct_ref_seq_dif.pdbx_seq_db_seq_num          ? 
_struct_ref_seq_dif.details                      'expression tag' 
_struct_ref_seq_dif.pdbx_auth_seq_num            94 
_struct_ref_seq_dif.pdbx_ordinal                 1 
# 
_pdbx_struct_assembly.id                   1 
_pdbx_struct_assembly.details              author_and_software_defined_assembly 
_pdbx_struct_assembly.method_details       PISA 
_pdbx_struct_assembly.oligomeric_details   monomeric 
_pdbx_struct_assembly.oligomeric_count     1 
# 
loop_
_pdbx_struct_assembly_prop.biol_id 
_pdbx_struct_assembly_prop.type 
_pdbx_struct_assembly_prop.value 
_pdbx_struct_assembly_prop.details 
1 'ABSA (A^2)' 880  ? 
1 MORE         5    ? 
1 'SSA (A^2)'  8510 ? 
# 
_pdbx_struct_assembly_gen.assembly_id       1 
_pdbx_struct_assembly_gen.oper_expression   1 
_pdbx_struct_assembly_gen.asym_id_list      A,B,C,D,E,F,G,H 
# 
_pdbx_struct_oper_list.id                   1 
_pdbx_struct_oper_list.type                 'identity operation' 
_pdbx_struct_oper_list.name                 1_555 
_pdbx_struct_oper_list.symmetry_operation   x,y,z 
_pdbx_struct_oper_list.matrix[1][1]         1.0000000000 
_pdbx_struct_oper_list.matrix[1][2]         0.0000000000 
_pdbx_struct_oper_list.matrix[1][3]         0.0000000000 
_pdbx_struct_oper_list.vector[1]            0.0000000000 
_pdbx_struct_oper_list.matrix[2][1]         0.0000000000 
_pdbx_struct_oper_list.matrix[2][2]         1.0000000000 
_pdbx_struct_oper_list.matrix[2][3]         0.0000000000 
_pdbx_struct_oper_list.vector[2]            0.0000000000 
_pdbx_struct_oper_list.matrix[3][1]         0.0000000000 
_pdbx_struct_oper_list.matrix[3][2]         0.0000000000 
_pdbx_struct_oper_list.matrix[3][3]         1.0000000000 
_pdbx_struct_oper_list.vector[3]            0.0000000000 
# 
loop_
_struct_conf.conf_type_id 
_struct_conf.id 
_struct_conf.pdbx_PDB_helix_id 
_struct_conf.beg_label_comp_id 
_struct_conf.beg_label_asym_id 
_struct_conf.beg_label_seq_id 
_struct_conf.pdbx_beg_PDB_ins_code 
_struct_conf.end_label_comp_id 
_struct_conf.end_label_asym_id 
_struct_conf.end_label_seq_id 
_struct_conf.pdbx_end_PDB_ins_code 
_struct_conf.beg_auth_comp_id 
_struct_conf.beg_auth_asym_id 
_struct_conf.beg_auth_seq_id 
_struct_conf.end_auth_comp_id 
_struct_conf.end_auth_asym_id 
_struct_conf.end_auth_seq_id 
_struct_conf.pdbx_PDB_helix_class 
_struct_conf.details 
_struct_conf.pdbx_PDB_helix_length 
HELX_P HELX_P1 AA1 TYR A 25  ? SER A 29  ? TYR A 118 SER A 122 5 ? 5  
HELX_P HELX_P2 AA2 ALA A 43  ? GLY A 57  ? ALA A 136 GLY A 150 1 ? 15 
HELX_P HELX_P3 AA3 GLU A 110 ? LEU A 112 ? GLU A 203 LEU A 205 5 ? 3  
HELX_P HELX_P4 AA4 MET A 119 ? SER A 123 ? MET A 212 SER A 216 5 ? 5  
HELX_P HELX_P5 AA5 ALA A 135 ? GLY A 151 ? ALA A 228 GLY A 244 1 ? 17 
# 
_struct_conf_type.id          HELX_P 
_struct_conf_type.criteria    ? 
_struct_conf_type.reference   ? 
# 
loop_
_struct_sheet.id 
_struct_sheet.type 
_struct_sheet.number_strands 
_struct_sheet.details 
AA1 ? 4 ? 
AA2 ? 3 ? 
# 
loop_
_struct_sheet_order.sheet_id 
_struct_sheet_order.range_id_1 
_struct_sheet_order.range_id_2 
_struct_sheet_order.offset 
_struct_sheet_order.sense 
AA1 1 2 ? anti-parallel 
AA1 2 3 ? parallel      
AA1 3 4 ? anti-parallel 
AA2 1 2 ? anti-parallel 
AA2 2 3 ? anti-parallel 
# 
loop_
_struct_sheet_range.sheet_id 
_struct_sheet_range.id 
_struct_sheet_range.beg_label_comp_id 
_struct_sheet_range.beg_label_asym_id 
_struct_sheet_range.beg_label_seq_id 
_struct_sheet_range.pdbx_beg_PDB_ins_code 
_struct_sheet_range.end_label_comp_id 
_struct_sheet_range.end_label_asym_id 
_struct_sheet_range.end_label_seq_id 
_struct_sheet_range.pdbx_end_PDB_ins_code 
_struct_sheet_range.beg_auth_comp_id 
_struct_sheet_range.beg_auth_asym_id 
_struct_sheet_range.beg_auth_seq_id 
_struct_sheet_range.end_auth_comp_id 
_struct_sheet_range.end_auth_asym_id 
_struct_sheet_range.end_auth_seq_id 
AA1 1 LYS A 35  ? LYS A 37  ? LYS A 128 LYS A 130 
AA1 2 THR A 6   ? ILE A 11  ? THR A 99  ILE A 104 
AA1 3 GLN A 77  ? ILE A 84  ? GLN A 170 ILE A 177 
AA1 4 TYR A 69  ? ILE A 74  ? TYR A 162 ILE A 167 
AA2 1 TRP A 31  ? GLY A 32  ? TRP A 124 GLY A 125 
AA2 2 ASN A 18  ? GLN A 23  ? ASN A 111 GLN A 116 
AA2 3 ASN A 103 ? SER A 108 ? ASN A 196 SER A 201 
# 
loop_
_pdbx_struct_sheet_hbond.sheet_id 
_pdbx_struct_sheet_hbond.range_id_1 
_pdbx_struct_sheet_hbond.range_id_2 
_pdbx_struct_sheet_hbond.range_1_label_atom_id 
_pdbx_struct_sheet_hbond.range_1_label_comp_id 
_pdbx_struct_sheet_hbond.range_1_label_asym_id 
_pdbx_struct_sheet_hbond.range_1_label_seq_id 
_pdbx_struct_sheet_hbond.range_1_PDB_ins_code 
_pdbx_struct_sheet_hbond.range_1_auth_atom_id 
_pdbx_struct_sheet_hbond.range_1_auth_comp_id 
_pdbx_struct_sheet_hbond.range_1_auth_asym_id 
_pdbx_struct_sheet_hbond.range_1_auth_seq_id 
_pdbx_struct_sheet_hbond.range_2_label_atom_id 
_pdbx_struct_sheet_hbond.range_2_label_comp_id 
_pdbx_struct_sheet_hbond.range_2_label_asym_id 
_pdbx_struct_sheet_hbond.range_2_label_seq_id 
_pdbx_struct_sheet_hbond.range_2_PDB_ins_code 
_pdbx_struct_sheet_hbond.range_2_auth_atom_id 
_pdbx_struct_sheet_hbond.range_2_auth_comp_id 
_pdbx_struct_sheet_hbond.range_2_auth_asym_id 
_pdbx_struct_sheet_hbond.range_2_auth_seq_id 
AA1 1 2 O GLY A 36 ? O GLY A 129 N TYR A 7   ? N TYR A 100 
AA1 2 3 N ILE A 10 ? N ILE A 103 O ILE A 84  ? O ILE A 177 
AA1 3 4 O LEU A 81 ? O LEU A 174 N ILE A 70  ? N ILE A 163 
AA2 1 2 O GLY A 32 ? O GLY A 125 N VAL A 22  ? N VAL A 115 
AA2 2 3 N GLN A 23 ? N GLN A 116 O ASN A 103 ? O ASN A 196 
# 
loop_
_struct_site.id 
_struct_site.pdbx_evidence_code 
_struct_site.pdbx_auth_asym_id 
_struct_site.pdbx_auth_comp_id 
_struct_site.pdbx_auth_seq_id 
_struct_site.pdbx_auth_ins_code 
_struct_site.pdbx_num_residues 
_struct_site.details 
AC1 Software A EDO 301 ? 6  'binding site for residue EDO A 301' 
AC2 Software A EDO 302 ? 5  'binding site for residue EDO A 302' 
AC3 Software A DMS 303 ? 2  'binding site for residue DMS A 303' 
AC4 Software A ACT 304 ? 4  'binding site for residue ACT A 304' 
AC5 Software A ACT 305 ? 5  'binding site for residue ACT A 305' 
AC6 Software A LE4 306 ? 10 'binding site for residue LE4 A 306' 
# 
loop_
_struct_site_gen.id 
_struct_site_gen.site_id 
_struct_site_gen.pdbx_num_res 
_struct_site_gen.label_comp_id 
_struct_site_gen.label_asym_id 
_struct_site_gen.label_seq_id 
_struct_site_gen.pdbx_auth_ins_code 
_struct_site_gen.auth_comp_id 
_struct_site_gen.auth_asym_id 
_struct_site_gen.auth_seq_id 
_struct_site_gen.label_atom_id 
_struct_site_gen.label_alt_id 
_struct_site_gen.symmetry 
_struct_site_gen.details 
1  AC1 6  ALA A 49  ? ALA A 142 . ? 1_555 ? 
2  AC1 6  PHE A 53  ? PHE A 146 . ? 1_555 ? 
3  AC1 6  ASP A 59  ? ASP A 152 . ? 1_555 ? 
4  AC1 6  LYS A 61  ? LYS A 154 . ? 1_555 ? 
5  AC1 6  HOH H .   ? HOH A 418 . ? 1_555 ? 
6  AC1 6  HOH H .   ? HOH A 432 . ? 1_555 ? 
7  AC2 5  PRO A 129 ? PRO A 222 . ? 1_555 ? 
8  AC2 5  ASN A 130 ? ASN A 223 . ? 1_555 ? 
9  AC2 5  LYS A 131 ? LYS A 224 . ? 1_555 ? 
10 AC2 5  ACT F .   ? ACT A 305 . ? 1_555 ? 
11 AC2 5  HOH H .   ? HOH A 408 . ? 1_555 ? 
12 AC3 2  ASN A 18  ? ASN A 111 . ? 1_555 ? 
13 AC3 2  TRP A 106 ? TRP A 199 . ? 1_555 ? 
14 AC4 4  SER A 29  ? SER A 122 . ? 1_555 ? 
15 AC4 4  TYR A 63  ? TYR A 156 . ? 3_357 ? 
16 AC4 4  PRO A 88  ? PRO A 181 . ? 3_357 ? 
17 AC4 4  HOH H .   ? HOH A 434 . ? 3_357 ? 
18 AC5 5  ARG A 116 ? ARG A 209 . ? 1_555 ? 
19 AC5 5  PRO A 129 ? PRO A 222 . ? 1_555 ? 
20 AC5 5  ASN A 130 ? ASN A 223 . ? 1_555 ? 
21 AC5 5  PHE A 133 ? PHE A 226 . ? 1_555 ? 
22 AC5 5  EDO C .   ? EDO A 302 . ? 1_555 ? 
23 AC6 10 VAL A 22  ? VAL A 115 . ? 1_555 ? 
24 AC6 10 GLY A 24  ? GLY A 117 . ? 1_555 ? 
25 AC6 10 LYS A 28  ? LYS A 121 . ? 1_555 ? 
26 AC6 10 GLY A 32  ? GLY A 125 . ? 1_555 ? 
27 AC6 10 PHE A 33  ? PHE A 126 . ? 1_555 ? 
28 AC6 10 LYS A 35  ? LYS A 128 . ? 1_555 ? 
29 AC6 10 GLU A 55  ? GLU A 148 . ? 1_555 ? 
30 AC6 10 ILE A 101 ? ILE A 194 . ? 1_555 ? 
31 AC6 10 MET A 134 ? MET A 227 . ? 1_555 ? 
32 AC6 10 PHE A 138 ? PHE A 231 . ? 1_555 ? 
# 
_pdbx_validate_rmsd_bond.id                        1 
_pdbx_validate_rmsd_bond.PDB_model_num             1 
_pdbx_validate_rmsd_bond.auth_atom_id_1            CB 
_pdbx_validate_rmsd_bond.auth_asym_id_1            A 
_pdbx_validate_rmsd_bond.auth_comp_id_1            TYR 
_pdbx_validate_rmsd_bond.auth_seq_id_1             156 
_pdbx_validate_rmsd_bond.PDB_ins_code_1            ? 
_pdbx_validate_rmsd_bond.label_alt_id_1            ? 
_pdbx_validate_rmsd_bond.auth_atom_id_2            CG 
_pdbx_validate_rmsd_bond.auth_asym_id_2            A 
_pdbx_validate_rmsd_bond.auth_comp_id_2            TYR 
_pdbx_validate_rmsd_bond.auth_seq_id_2             156 
_pdbx_validate_rmsd_bond.PDB_ins_code_2            ? 
_pdbx_validate_rmsd_bond.label_alt_id_2            ? 
_pdbx_validate_rmsd_bond.bond_value                1.421 
_pdbx_validate_rmsd_bond.bond_target_value         1.512 
_pdbx_validate_rmsd_bond.bond_deviation            -0.091 
_pdbx_validate_rmsd_bond.bond_standard_deviation   0.015 
_pdbx_validate_rmsd_bond.linker_flag               N 
# 
loop_
_pdbx_validate_rmsd_angle.id 
_pdbx_validate_rmsd_angle.PDB_model_num 
_pdbx_validate_rmsd_angle.auth_atom_id_1 
_pdbx_validate_rmsd_angle.auth_asym_id_1 
_pdbx_validate_rmsd_angle.auth_comp_id_1 
_pdbx_validate_rmsd_angle.auth_seq_id_1 
_pdbx_validate_rmsd_angle.PDB_ins_code_1 
_pdbx_validate_rmsd_angle.label_alt_id_1 
_pdbx_validate_rmsd_angle.auth_atom_id_2 
_pdbx_validate_rmsd_angle.auth_asym_id_2 
_pdbx_validate_rmsd_angle.auth_comp_id_2 
_pdbx_validate_rmsd_angle.auth_seq_id_2 
_pdbx_validate_rmsd_angle.PDB_ins_code_2 
_pdbx_validate_rmsd_angle.label_alt_id_2 
_pdbx_validate_rmsd_angle.auth_atom_id_3 
_pdbx_validate_rmsd_angle.auth_asym_id_3 
_pdbx_validate_rmsd_angle.auth_comp_id_3 
_pdbx_validate_rmsd_angle.auth_seq_id_3 
_pdbx_validate_rmsd_angle.PDB_ins_code_3 
_pdbx_validate_rmsd_angle.label_alt_id_3 
_pdbx_validate_rmsd_angle.angle_value 
_pdbx_validate_rmsd_angle.angle_target_value 
_pdbx_validate_rmsd_angle.angle_deviation 
_pdbx_validate_rmsd_angle.angle_standard_deviation 
_pdbx_validate_rmsd_angle.linker_flag 
1 1 CB A ASP 152 ? ? CG A ASP 152 ? ? OD1 A ASP 152 ? ? 125.54 118.30 7.24  0.90 N 
2 1 CB A ASP 152 ? ? CG A ASP 152 ? ? OD2 A ASP 152 ? ? 112.73 118.30 -5.57 0.90 N 
3 1 CB A ASP 169 ? ? CG A ASP 169 ? ? OD1 A ASP 169 ? ? 125.29 118.30 6.99  0.90 N 
4 1 CB A ASP 169 ? ? CG A ASP 169 ? ? OD2 A ASP 169 ? ? 109.50 118.30 -8.80 0.90 N 
5 1 NE A ARG 209 ? A CZ A ARG 209 ? A NH1 A ARG 209 ? A 123.42 120.30 3.12  0.50 N 
6 1 NE A ARG 209 ? B CZ A ARG 209 ? B NH1 A ARG 209 ? B 117.05 120.30 -3.25 0.50 N 
7 1 CB A ASP 237 ? ? CG A ASP 237 ? ? OD1 A ASP 237 ? ? 123.92 118.30 5.62  0.90 N 
# 
loop_
_pdbx_validate_torsion.id 
_pdbx_validate_torsion.PDB_model_num 
_pdbx_validate_torsion.auth_comp_id 
_pdbx_validate_torsion.auth_asym_id 
_pdbx_validate_torsion.auth_seq_id 
_pdbx_validate_torsion.PDB_ins_code 
_pdbx_validate_torsion.label_alt_id 
_pdbx_validate_torsion.phi 
_pdbx_validate_torsion.psi 
1 1 LEU A 119 ? ? 60.79  -116.82 
2 1 ASP A 211 ? ? -76.75 -168.26 
# 
_phasing.method   MR 
# 
loop_
_pdbx_unobs_or_zero_occ_residues.id 
_pdbx_unobs_or_zero_occ_residues.PDB_model_num 
_pdbx_unobs_or_zero_occ_residues.polymer_flag 
_pdbx_unobs_or_zero_occ_residues.occupancy_flag 
_pdbx_unobs_or_zero_occ_residues.auth_asym_id 
_pdbx_unobs_or_zero_occ_residues.auth_comp_id 
_pdbx_unobs_or_zero_occ_residues.auth_seq_id 
_pdbx_unobs_or_zero_occ_residues.PDB_ins_code 
_pdbx_unobs_or_zero_occ_residues.label_asym_id 
_pdbx_unobs_or_zero_occ_residues.label_comp_id 
_pdbx_unobs_or_zero_occ_residues.label_seq_id 
1  1 Y 1 A SER 94  ? A SER 1   
2  1 Y 1 A MET 95  ? A MET 2   
3  1 Y 1 A ASP 245 ? A ASP 152 
4  1 Y 1 A SER 246 ? A SER 153 
5  1 Y 1 A SER 247 ? A SER 154 
6  1 Y 1 A ASP 248 ? A ASP 155 
7  1 Y 1 A SER 249 ? A SER 156 
8  1 Y 1 A ASP 250 ? A ASP 157 
9  1 Y 1 A ASN 251 ? A ASN 158 
10 1 Y 1 A GLY 252 ? A GLY 159 
11 1 Y 1 A PHE 253 ? A PHE 160 
12 1 Y 1 A SER 254 ? A SER 161 
13 1 Y 1 A SER 255 ? A SER 162 
14 1 Y 1 A THR 256 ? A THR 163 
15 1 Y 1 A GLY 257 ? A GLY 164 
16 1 Y 1 A SER 258 ? A SER 165 
17 1 Y 1 A THR 259 ? A THR 166 
18 1 Y 1 A PRO 260 ? A PRO 167 
# 
loop_
_chem_comp_atom.comp_id 
_chem_comp_atom.atom_id 
_chem_comp_atom.type_symbol 
_chem_comp_atom.pdbx_aromatic_flag 
_chem_comp_atom.pdbx_stereo_config 
_chem_comp_atom.pdbx_ordinal 
ACT C    C N N 1   
ACT O    O N N 2   
ACT OXT  O N N 3   
ACT CH3  C N N 4   
ACT H1   H N N 5   
ACT H2   H N N 6   
ACT H3   H N N 7   
ALA N    N N N 8   
ALA CA   C N S 9   
ALA C    C N N 10  
ALA O    O N N 11  
ALA CB   C N N 12  
ALA OXT  O N N 13  
ALA H    H N N 14  
ALA H2   H N N 15  
ALA HA   H N N 16  
ALA HB1  H N N 17  
ALA HB2  H N N 18  
ALA HB3  H N N 19  
ALA HXT  H N N 20  
ARG N    N N N 21  
ARG CA   C N S 22  
ARG C    C N N 23  
ARG O    O N N 24  
ARG CB   C N N 25  
ARG CG   C N N 26  
ARG CD   C N N 27  
ARG NE   N N N 28  
ARG CZ   C N N 29  
ARG NH1  N N N 30  
ARG NH2  N N N 31  
ARG OXT  O N N 32  
ARG H    H N N 33  
ARG H2   H N N 34  
ARG HA   H N N 35  
ARG HB2  H N N 36  
ARG HB3  H N N 37  
ARG HG2  H N N 38  
ARG HG3  H N N 39  
ARG HD2  H N N 40  
ARG HD3  H N N 41  
ARG HE   H N N 42  
ARG HH11 H N N 43  
ARG HH12 H N N 44  
ARG HH21 H N N 45  
ARG HH22 H N N 46  
ARG HXT  H N N 47  
ASN N    N N N 48  
ASN CA   C N S 49  
ASN C    C N N 50  
ASN O    O N N 51  
ASN CB   C N N 52  
ASN CG   C N N 53  
ASN OD1  O N N 54  
ASN ND2  N N N 55  
ASN OXT  O N N 56  
ASN H    H N N 57  
ASN H2   H N N 58  
ASN HA   H N N 59  
ASN HB2  H N N 60  
ASN HB3  H N N 61  
ASN HD21 H N N 62  
ASN HD22 H N N 63  
ASN HXT  H N N 64  
ASP N    N N N 65  
ASP CA   C N S 66  
ASP C    C N N 67  
ASP O    O N N 68  
ASP CB   C N N 69  
ASP CG   C N N 70  
ASP OD1  O N N 71  
ASP OD2  O N N 72  
ASP OXT  O N N 73  
ASP H    H N N 74  
ASP H2   H N N 75  
ASP HA   H N N 76  
ASP HB2  H N N 77  
ASP HB3  H N N 78  
ASP HD2  H N N 79  
ASP HXT  H N N 80  
CYS N    N N N 81  
CYS CA   C N R 82  
CYS C    C N N 83  
CYS O    O N N 84  
CYS CB   C N N 85  
CYS SG   S N N 86  
CYS OXT  O N N 87  
CYS H    H N N 88  
CYS H2   H N N 89  
CYS HA   H N N 90  
CYS HB2  H N N 91  
CYS HB3  H N N 92  
CYS HG   H N N 93  
CYS HXT  H N N 94  
DMS S    S N N 95  
DMS O    O N N 96  
DMS C1   C N N 97  
DMS C2   C N N 98  
DMS H11  H N N 99  
DMS H12  H N N 100 
DMS H13  H N N 101 
DMS H21  H N N 102 
DMS H22  H N N 103 
DMS H23  H N N 104 
EDO C1   C N N 105 
EDO O1   O N N 106 
EDO C2   C N N 107 
EDO O2   O N N 108 
EDO H11  H N N 109 
EDO H12  H N N 110 
EDO HO1  H N N 111 
EDO H21  H N N 112 
EDO H22  H N N 113 
EDO HO2  H N N 114 
GLN N    N N N 115 
GLN CA   C N S 116 
GLN C    C N N 117 
GLN O    O N N 118 
GLN CB   C N N 119 
GLN CG   C N N 120 
GLN CD   C N N 121 
GLN OE1  O N N 122 
GLN NE2  N N N 123 
GLN OXT  O N N 124 
GLN H    H N N 125 
GLN H2   H N N 126 
GLN HA   H N N 127 
GLN HB2  H N N 128 
GLN HB3  H N N 129 
GLN HG2  H N N 130 
GLN HG3  H N N 131 
GLN HE21 H N N 132 
GLN HE22 H N N 133 
GLN HXT  H N N 134 
GLU N    N N N 135 
GLU CA   C N S 136 
GLU C    C N N 137 
GLU O    O N N 138 
GLU CB   C N N 139 
GLU CG   C N N 140 
GLU CD   C N N 141 
GLU OE1  O N N 142 
GLU OE2  O N N 143 
GLU OXT  O N N 144 
GLU H    H N N 145 
GLU H2   H N N 146 
GLU HA   H N N 147 
GLU HB2  H N N 148 
GLU HB3  H N N 149 
GLU HG2  H N N 150 
GLU HG3  H N N 151 
GLU HE2  H N N 152 
GLU HXT  H N N 153 
GLY N    N N N 154 
GLY CA   C N N 155 
GLY C    C N N 156 
GLY O    O N N 157 
GLY OXT  O N N 158 
GLY H    H N N 159 
GLY H2   H N N 160 
GLY HA2  H N N 161 
GLY HA3  H N N 162 
GLY HXT  H N N 163 
HIS N    N N N 164 
HIS CA   C N S 165 
HIS C    C N N 166 
HIS O    O N N 167 
HIS CB   C N N 168 
HIS CG   C Y N 169 
HIS ND1  N Y N 170 
HIS CD2  C Y N 171 
HIS CE1  C Y N 172 
HIS NE2  N Y N 173 
HIS OXT  O N N 174 
HIS H    H N N 175 
HIS H2   H N N 176 
HIS HA   H N N 177 
HIS HB2  H N N 178 
HIS HB3  H N N 179 
HIS HD1  H N N 180 
HIS HD2  H N N 181 
HIS HE1  H N N 182 
HIS HE2  H N N 183 
HIS HXT  H N N 184 
HOH O    O N N 185 
HOH H1   H N N 186 
HOH H2   H N N 187 
ILE N    N N N 188 
ILE CA   C N S 189 
ILE C    C N N 190 
ILE O    O N N 191 
ILE CB   C N S 192 
ILE CG1  C N N 193 
ILE CG2  C N N 194 
ILE CD1  C N N 195 
ILE OXT  O N N 196 
ILE H    H N N 197 
ILE H2   H N N 198 
ILE HA   H N N 199 
ILE HB   H N N 200 
ILE HG12 H N N 201 
ILE HG13 H N N 202 
ILE HG21 H N N 203 
ILE HG22 H N N 204 
ILE HG23 H N N 205 
ILE HD11 H N N 206 
ILE HD12 H N N 207 
ILE HD13 H N N 208 
ILE HXT  H N N 209 
LE4 N1   N Y N 210 
LE4 N3   N Y N 211 
LE4 C4   C Y N 212 
LE4 C5   C Y N 213 
LE4 C6   C N N 214 
LE4 C7   C N N 215 
LE4 C8   C N N 216 
LE4 C10  C N N 217 
LE4 C1   C N N 218 
LE4 C11  C N N 219 
LE4 C12  C N N 220 
LE4 C2   C Y N 221 
LE4 C3   C Y N 222 
LE4 C9   C N N 223 
LE4 N2   N N N 224 
LE4 O1   O N N 225 
LE4 H1   H N N 226 
LE4 H2   H N N 227 
LE4 H3   H N N 228 
LE4 H4   H N N 229 
LE4 H5   H N N 230 
LE4 H6   H N N 231 
LE4 H7   H N N 232 
LE4 H8   H N N 233 
LE4 H9   H N N 234 
LE4 H10  H N N 235 
LE4 H11  H N N 236 
LE4 H12  H N N 237 
LE4 H13  H N N 238 
LE4 H14  H N N 239 
LE4 H15  H N N 240 
LE4 H16  H N N 241 
LE4 H17  H N N 242 
LE4 H18  H N N 243 
LE4 H19  H N N 244 
LEU N    N N N 245 
LEU CA   C N S 246 
LEU C    C N N 247 
LEU O    O N N 248 
LEU CB   C N N 249 
LEU CG   C N N 250 
LEU CD1  C N N 251 
LEU CD2  C N N 252 
LEU OXT  O N N 253 
LEU H    H N N 254 
LEU H2   H N N 255 
LEU HA   H N N 256 
LEU HB2  H N N 257 
LEU HB3  H N N 258 
LEU HG   H N N 259 
LEU HD11 H N N 260 
LEU HD12 H N N 261 
LEU HD13 H N N 262 
LEU HD21 H N N 263 
LEU HD22 H N N 264 
LEU HD23 H N N 265 
LEU HXT  H N N 266 
LYS N    N N N 267 
LYS CA   C N S 268 
LYS C    C N N 269 
LYS O    O N N 270 
LYS CB   C N N 271 
LYS CG   C N N 272 
LYS CD   C N N 273 
LYS CE   C N N 274 
LYS NZ   N N N 275 
LYS OXT  O N N 276 
LYS H    H N N 277 
LYS H2   H N N 278 
LYS HA   H N N 279 
LYS HB2  H N N 280 
LYS HB3  H N N 281 
LYS HG2  H N N 282 
LYS HG3  H N N 283 
LYS HD2  H N N 284 
LYS HD3  H N N 285 
LYS HE2  H N N 286 
LYS HE3  H N N 287 
LYS HZ1  H N N 288 
LYS HZ2  H N N 289 
LYS HZ3  H N N 290 
LYS HXT  H N N 291 
MET N    N N N 292 
MET CA   C N S 293 
MET C    C N N 294 
MET O    O N N 295 
MET CB   C N N 296 
MET CG   C N N 297 
MET SD   S N N 298 
MET CE   C N N 299 
MET OXT  O N N 300 
MET H    H N N 301 
MET H2   H N N 302 
MET HA   H N N 303 
MET HB2  H N N 304 
MET HB3  H N N 305 
MET HG2  H N N 306 
MET HG3  H N N 307 
MET HE1  H N N 308 
MET HE2  H N N 309 
MET HE3  H N N 310 
MET HXT  H N N 311 
PHE N    N N N 312 
PHE CA   C N S 313 
PHE C    C N N 314 
PHE O    O N N 315 
PHE CB   C N N 316 
PHE CG   C Y N 317 
PHE CD1  C Y N 318 
PHE CD2  C Y N 319 
PHE CE1  C Y N 320 
PHE CE2  C Y N 321 
PHE CZ   C Y N 322 
PHE OXT  O N N 323 
PHE H    H N N 324 
PHE H2   H N N 325 
PHE HA   H N N 326 
PHE HB2  H N N 327 
PHE HB3  H N N 328 
PHE HD1  H N N 329 
PHE HD2  H N N 330 
PHE HE1  H N N 331 
PHE HE2  H N N 332 
PHE HZ   H N N 333 
PHE HXT  H N N 334 
PRO N    N N N 335 
PRO CA   C N S 336 
PRO C    C N N 337 
PRO O    O N N 338 
PRO CB   C N N 339 
PRO CG   C N N 340 
PRO CD   C N N 341 
PRO OXT  O N N 342 
PRO H    H N N 343 
PRO HA   H N N 344 
PRO HB2  H N N 345 
PRO HB3  H N N 346 
PRO HG2  H N N 347 
PRO HG3  H N N 348 
PRO HD2  H N N 349 
PRO HD3  H N N 350 
PRO HXT  H N N 351 
SER N    N N N 352 
SER CA   C N S 353 
SER C    C N N 354 
SER O    O N N 355 
SER CB   C N N 356 
SER OG   O N N 357 
SER OXT  O N N 358 
SER H    H N N 359 
SER H2   H N N 360 
SER HA   H N N 361 
SER HB2  H N N 362 
SER HB3  H N N 363 
SER HG   H N N 364 
SER HXT  H N N 365 
THR N    N N N 366 
THR CA   C N S 367 
THR C    C N N 368 
THR O    O N N 369 
THR CB   C N R 370 
THR OG1  O N N 371 
THR CG2  C N N 372 
THR OXT  O N N 373 
THR H    H N N 374 
THR H2   H N N 375 
THR HA   H N N 376 
THR HB   H N N 377 
THR HG1  H N N 378 
THR HG21 H N N 379 
THR HG22 H N N 380 
THR HG23 H N N 381 
THR HXT  H N N 382 
TRP N    N N N 383 
TRP CA   C N S 384 
TRP C    C N N 385 
TRP O    O N N 386 
TRP CB   C N N 387 
TRP CG   C Y N 388 
TRP CD1  C Y N 389 
TRP CD2  C Y N 390 
TRP NE1  N Y N 391 
TRP CE2  C Y N 392 
TRP CE3  C Y N 393 
TRP CZ2  C Y N 394 
TRP CZ3  C Y N 395 
TRP CH2  C Y N 396 
TRP OXT  O N N 397 
TRP H    H N N 398 
TRP H2   H N N 399 
TRP HA   H N N 400 
TRP HB2  H N N 401 
TRP HB3  H N N 402 
TRP HD1  H N N 403 
TRP HE1  H N N 404 
TRP HE3  H N N 405 
TRP HZ2  H N N 406 
TRP HZ3  H N N 407 
TRP HH2  H N N 408 
TRP HXT  H N N 409 
TYR N    N N N 410 
TYR CA   C N S 411 
TYR C    C N N 412 
TYR O    O N N 413 
TYR CB   C N N 414 
TYR CG   C Y N 415 
TYR CD1  C Y N 416 
TYR CD2  C Y N 417 
TYR CE1  C Y N 418 
TYR CE2  C Y N 419 
TYR CZ   C Y N 420 
TYR OH   O N N 421 
TYR OXT  O N N 422 
TYR H    H N N 423 
TYR H2   H N N 424 
TYR HA   H N N 425 
TYR HB2  H N N 426 
TYR HB3  H N N 427 
TYR HD1  H N N 428 
TYR HD2  H N N 429 
TYR HE1  H N N 430 
TYR HE2  H N N 431 
TYR HH   H N N 432 
TYR HXT  H N N 433 
VAL N    N N N 434 
VAL CA   C N S 435 
VAL C    C N N 436 
VAL O    O N N 437 
VAL CB   C N N 438 
VAL CG1  C N N 439 
VAL CG2  C N N 440 
VAL OXT  O N N 441 
VAL H    H N N 442 
VAL H2   H N N 443 
VAL HA   H N N 444 
VAL HB   H N N 445 
VAL HG11 H N N 446 
VAL HG12 H N N 447 
VAL HG13 H N N 448 
VAL HG21 H N N 449 
VAL HG22 H N N 450 
VAL HG23 H N N 451 
VAL HXT  H N N 452 
# 
loop_
_chem_comp_bond.comp_id 
_chem_comp_bond.atom_id_1 
_chem_comp_bond.atom_id_2 
_chem_comp_bond.value_order 
_chem_comp_bond.pdbx_aromatic_flag 
_chem_comp_bond.pdbx_stereo_config 
_chem_comp_bond.pdbx_ordinal 
ACT C   O    doub N N 1   
ACT C   OXT  sing N N 2   
ACT C   CH3  sing N N 3   
ACT CH3 H1   sing N N 4   
ACT CH3 H2   sing N N 5   
ACT CH3 H3   sing N N 6   
ALA N   CA   sing N N 7   
ALA N   H    sing N N 8   
ALA N   H2   sing N N 9   
ALA CA  C    sing N N 10  
ALA CA  CB   sing N N 11  
ALA CA  HA   sing N N 12  
ALA C   O    doub N N 13  
ALA C   OXT  sing N N 14  
ALA CB  HB1  sing N N 15  
ALA CB  HB2  sing N N 16  
ALA CB  HB3  sing N N 17  
ALA OXT HXT  sing N N 18  
ARG N   CA   sing N N 19  
ARG N   H    sing N N 20  
ARG N   H2   sing N N 21  
ARG CA  C    sing N N 22  
ARG CA  CB   sing N N 23  
ARG CA  HA   sing N N 24  
ARG C   O    doub N N 25  
ARG C   OXT  sing N N 26  
ARG CB  CG   sing N N 27  
ARG CB  HB2  sing N N 28  
ARG CB  HB3  sing N N 29  
ARG CG  CD   sing N N 30  
ARG CG  HG2  sing N N 31  
ARG CG  HG3  sing N N 32  
ARG CD  NE   sing N N 33  
ARG CD  HD2  sing N N 34  
ARG CD  HD3  sing N N 35  
ARG NE  CZ   sing N N 36  
ARG NE  HE   sing N N 37  
ARG CZ  NH1  sing N N 38  
ARG CZ  NH2  doub N N 39  
ARG NH1 HH11 sing N N 40  
ARG NH1 HH12 sing N N 41  
ARG NH2 HH21 sing N N 42  
ARG NH2 HH22 sing N N 43  
ARG OXT HXT  sing N N 44  
ASN N   CA   sing N N 45  
ASN N   H    sing N N 46  
ASN N   H2   sing N N 47  
ASN CA  C    sing N N 48  
ASN CA  CB   sing N N 49  
ASN CA  HA   sing N N 50  
ASN C   O    doub N N 51  
ASN C   OXT  sing N N 52  
ASN CB  CG   sing N N 53  
ASN CB  HB2  sing N N 54  
ASN CB  HB3  sing N N 55  
ASN CG  OD1  doub N N 56  
ASN CG  ND2  sing N N 57  
ASN ND2 HD21 sing N N 58  
ASN ND2 HD22 sing N N 59  
ASN OXT HXT  sing N N 60  
ASP N   CA   sing N N 61  
ASP N   H    sing N N 62  
ASP N   H2   sing N N 63  
ASP CA  C    sing N N 64  
ASP CA  CB   sing N N 65  
ASP CA  HA   sing N N 66  
ASP C   O    doub N N 67  
ASP C   OXT  sing N N 68  
ASP CB  CG   sing N N 69  
ASP CB  HB2  sing N N 70  
ASP CB  HB3  sing N N 71  
ASP CG  OD1  doub N N 72  
ASP CG  OD2  sing N N 73  
ASP OD2 HD2  sing N N 74  
ASP OXT HXT  sing N N 75  
CYS N   CA   sing N N 76  
CYS N   H    sing N N 77  
CYS N   H2   sing N N 78  
CYS CA  C    sing N N 79  
CYS CA  CB   sing N N 80  
CYS CA  HA   sing N N 81  
CYS C   O    doub N N 82  
CYS C   OXT  sing N N 83  
CYS CB  SG   sing N N 84  
CYS CB  HB2  sing N N 85  
CYS CB  HB3  sing N N 86  
CYS SG  HG   sing N N 87  
CYS OXT HXT  sing N N 88  
DMS S   O    doub N N 89  
DMS S   C1   sing N N 90  
DMS S   C2   sing N N 91  
DMS C1  H11  sing N N 92  
DMS C1  H12  sing N N 93  
DMS C1  H13  sing N N 94  
DMS C2  H21  sing N N 95  
DMS C2  H22  sing N N 96  
DMS C2  H23  sing N N 97  
EDO C1  O1   sing N N 98  
EDO C1  C2   sing N N 99  
EDO C1  H11  sing N N 100 
EDO C1  H12  sing N N 101 
EDO O1  HO1  sing N N 102 
EDO C2  O2   sing N N 103 
EDO C2  H21  sing N N 104 
EDO C2  H22  sing N N 105 
EDO O2  HO2  sing N N 106 
GLN N   CA   sing N N 107 
GLN N   H    sing N N 108 
GLN N   H2   sing N N 109 
GLN CA  C    sing N N 110 
GLN CA  CB   sing N N 111 
GLN CA  HA   sing N N 112 
GLN C   O    doub N N 113 
GLN C   OXT  sing N N 114 
GLN CB  CG   sing N N 115 
GLN CB  HB2  sing N N 116 
GLN CB  HB3  sing N N 117 
GLN CG  CD   sing N N 118 
GLN CG  HG2  sing N N 119 
GLN CG  HG3  sing N N 120 
GLN CD  OE1  doub N N 121 
GLN CD  NE2  sing N N 122 
GLN NE2 HE21 sing N N 123 
GLN NE2 HE22 sing N N 124 
GLN OXT HXT  sing N N 125 
GLU N   CA   sing N N 126 
GLU N   H    sing N N 127 
GLU N   H2   sing N N 128 
GLU CA  C    sing N N 129 
GLU CA  CB   sing N N 130 
GLU CA  HA   sing N N 131 
GLU C   O    doub N N 132 
GLU C   OXT  sing N N 133 
GLU CB  CG   sing N N 134 
GLU CB  HB2  sing N N 135 
GLU CB  HB3  sing N N 136 
GLU CG  CD   sing N N 137 
GLU CG  HG2  sing N N 138 
GLU CG  HG3  sing N N 139 
GLU CD  OE1  doub N N 140 
GLU CD  OE2  sing N N 141 
GLU OE2 HE2  sing N N 142 
GLU OXT HXT  sing N N 143 
GLY N   CA   sing N N 144 
GLY N   H    sing N N 145 
GLY N   H2   sing N N 146 
GLY CA  C    sing N N 147 
GLY CA  HA2  sing N N 148 
GLY CA  HA3  sing N N 149 
GLY C   O    doub N N 150 
GLY C   OXT  sing N N 151 
GLY OXT HXT  sing N N 152 
HIS N   CA   sing N N 153 
HIS N   H    sing N N 154 
HIS N   H2   sing N N 155 
HIS CA  C    sing N N 156 
HIS CA  CB   sing N N 157 
HIS CA  HA   sing N N 158 
HIS C   O    doub N N 159 
HIS C   OXT  sing N N 160 
HIS CB  CG   sing N N 161 
HIS CB  HB2  sing N N 162 
HIS CB  HB3  sing N N 163 
HIS CG  ND1  sing Y N 164 
HIS CG  CD2  doub Y N 165 
HIS ND1 CE1  doub Y N 166 
HIS ND1 HD1  sing N N 167 
HIS CD2 NE2  sing Y N 168 
HIS CD2 HD2  sing N N 169 
HIS CE1 NE2  sing Y N 170 
HIS CE1 HE1  sing N N 171 
HIS NE2 HE2  sing N N 172 
HIS OXT HXT  sing N N 173 
HOH O   H1   sing N N 174 
HOH O   H2   sing N N 175 
ILE N   CA   sing N N 176 
ILE N   H    sing N N 177 
ILE N   H2   sing N N 178 
ILE CA  C    sing N N 179 
ILE CA  CB   sing N N 180 
ILE CA  HA   sing N N 181 
ILE C   O    doub N N 182 
ILE C   OXT  sing N N 183 
ILE CB  CG1  sing N N 184 
ILE CB  CG2  sing N N 185 
ILE CB  HB   sing N N 186 
ILE CG1 CD1  sing N N 187 
ILE CG1 HG12 sing N N 188 
ILE CG1 HG13 sing N N 189 
ILE CG2 HG21 sing N N 190 
ILE CG2 HG22 sing N N 191 
ILE CG2 HG23 sing N N 192 
ILE CD1 HD11 sing N N 193 
ILE CD1 HD12 sing N N 194 
ILE CD1 HD13 sing N N 195 
ILE OXT HXT  sing N N 196 
LE4 C1  O1   sing N N 197 
LE4 C1  C2   sing N N 198 
LE4 C3  C2   doub Y N 199 
LE4 C3  C4   sing Y N 200 
LE4 C2  N3   sing Y N 201 
LE4 C4  N1   doub Y N 202 
LE4 N3  C5   doub Y N 203 
LE4 N1  C5   sing Y N 204 
LE4 C5  N2   sing N N 205 
LE4 N2  C6   sing N N 206 
LE4 C12 C6   sing N N 207 
LE4 C12 C11  sing N N 208 
LE4 C6  C7   sing N N 209 
LE4 C11 C10  sing N N 210 
LE4 C7  C8   sing N N 211 
LE4 C10 C9   sing N N 212 
LE4 C8  C9   sing N N 213 
LE4 C4  H1   sing N N 214 
LE4 C6  H2   sing N N 215 
LE4 C7  H3   sing N N 216 
LE4 C7  H4   sing N N 217 
LE4 C8  H5   sing N N 218 
LE4 C8  H6   sing N N 219 
LE4 C10 H7   sing N N 220 
LE4 C10 H8   sing N N 221 
LE4 C1  H9   sing N N 222 
LE4 C1  H10  sing N N 223 
LE4 C11 H11  sing N N 224 
LE4 C11 H12  sing N N 225 
LE4 C12 H13  sing N N 226 
LE4 C12 H14  sing N N 227 
LE4 C3  H15  sing N N 228 
LE4 C9  H16  sing N N 229 
LE4 C9  H17  sing N N 230 
LE4 N2  H18  sing N N 231 
LE4 O1  H19  sing N N 232 
LEU N   CA   sing N N 233 
LEU N   H    sing N N 234 
LEU N   H2   sing N N 235 
LEU CA  C    sing N N 236 
LEU CA  CB   sing N N 237 
LEU CA  HA   sing N N 238 
LEU C   O    doub N N 239 
LEU C   OXT  sing N N 240 
LEU CB  CG   sing N N 241 
LEU CB  HB2  sing N N 242 
LEU CB  HB3  sing N N 243 
LEU CG  CD1  sing N N 244 
LEU CG  CD2  sing N N 245 
LEU CG  HG   sing N N 246 
LEU CD1 HD11 sing N N 247 
LEU CD1 HD12 sing N N 248 
LEU CD1 HD13 sing N N 249 
LEU CD2 HD21 sing N N 250 
LEU CD2 HD22 sing N N 251 
LEU CD2 HD23 sing N N 252 
LEU OXT HXT  sing N N 253 
LYS N   CA   sing N N 254 
LYS N   H    sing N N 255 
LYS N   H2   sing N N 256 
LYS CA  C    sing N N 257 
LYS CA  CB   sing N N 258 
LYS CA  HA   sing N N 259 
LYS C   O    doub N N 260 
LYS C   OXT  sing N N 261 
LYS CB  CG   sing N N 262 
LYS CB  HB2  sing N N 263 
LYS CB  HB3  sing N N 264 
LYS CG  CD   sing N N 265 
LYS CG  HG2  sing N N 266 
LYS CG  HG3  sing N N 267 
LYS CD  CE   sing N N 268 
LYS CD  HD2  sing N N 269 
LYS CD  HD3  sing N N 270 
LYS CE  NZ   sing N N 271 
LYS CE  HE2  sing N N 272 
LYS CE  HE3  sing N N 273 
LYS NZ  HZ1  sing N N 274 
LYS NZ  HZ2  sing N N 275 
LYS NZ  HZ3  sing N N 276 
LYS OXT HXT  sing N N 277 
MET N   CA   sing N N 278 
MET N   H    sing N N 279 
MET N   H2   sing N N 280 
MET CA  C    sing N N 281 
MET CA  CB   sing N N 282 
MET CA  HA   sing N N 283 
MET C   O    doub N N 284 
MET C   OXT  sing N N 285 
MET CB  CG   sing N N 286 
MET CB  HB2  sing N N 287 
MET CB  HB3  sing N N 288 
MET CG  SD   sing N N 289 
MET CG  HG2  sing N N 290 
MET CG  HG3  sing N N 291 
MET SD  CE   sing N N 292 
MET CE  HE1  sing N N 293 
MET CE  HE2  sing N N 294 
MET CE  HE3  sing N N 295 
MET OXT HXT  sing N N 296 
PHE N   CA   sing N N 297 
PHE N   H    sing N N 298 
PHE N   H2   sing N N 299 
PHE CA  C    sing N N 300 
PHE CA  CB   sing N N 301 
PHE CA  HA   sing N N 302 
PHE C   O    doub N N 303 
PHE C   OXT  sing N N 304 
PHE CB  CG   sing N N 305 
PHE CB  HB2  sing N N 306 
PHE CB  HB3  sing N N 307 
PHE CG  CD1  doub Y N 308 
PHE CG  CD2  sing Y N 309 
PHE CD1 CE1  sing Y N 310 
PHE CD1 HD1  sing N N 311 
PHE CD2 CE2  doub Y N 312 
PHE CD2 HD2  sing N N 313 
PHE CE1 CZ   doub Y N 314 
PHE CE1 HE1  sing N N 315 
PHE CE2 CZ   sing Y N 316 
PHE CE2 HE2  sing N N 317 
PHE CZ  HZ   sing N N 318 
PHE OXT HXT  sing N N 319 
PRO N   CA   sing N N 320 
PRO N   CD   sing N N 321 
PRO N   H    sing N N 322 
PRO CA  C    sing N N 323 
PRO CA  CB   sing N N 324 
PRO CA  HA   sing N N 325 
PRO C   O    doub N N 326 
PRO C   OXT  sing N N 327 
PRO CB  CG   sing N N 328 
PRO CB  HB2  sing N N 329 
PRO CB  HB3  sing N N 330 
PRO CG  CD   sing N N 331 
PRO CG  HG2  sing N N 332 
PRO CG  HG3  sing N N 333 
PRO CD  HD2  sing N N 334 
PRO CD  HD3  sing N N 335 
PRO OXT HXT  sing N N 336 
SER N   CA   sing N N 337 
SER N   H    sing N N 338 
SER N   H2   sing N N 339 
SER CA  C    sing N N 340 
SER CA  CB   sing N N 341 
SER CA  HA   sing N N 342 
SER C   O    doub N N 343 
SER C   OXT  sing N N 344 
SER CB  OG   sing N N 345 
SER CB  HB2  sing N N 346 
SER CB  HB3  sing N N 347 
SER OG  HG   sing N N 348 
SER OXT HXT  sing N N 349 
THR N   CA   sing N N 350 
THR N   H    sing N N 351 
THR N   H2   sing N N 352 
THR CA  C    sing N N 353 
THR CA  CB   sing N N 354 
THR CA  HA   sing N N 355 
THR C   O    doub N N 356 
THR C   OXT  sing N N 357 
THR CB  OG1  sing N N 358 
THR CB  CG2  sing N N 359 
THR CB  HB   sing N N 360 
THR OG1 HG1  sing N N 361 
THR CG2 HG21 sing N N 362 
THR CG2 HG22 sing N N 363 
THR CG2 HG23 sing N N 364 
THR OXT HXT  sing N N 365 
TRP N   CA   sing N N 366 
TRP N   H    sing N N 367 
TRP N   H2   sing N N 368 
TRP CA  C    sing N N 369 
TRP CA  CB   sing N N 370 
TRP CA  HA   sing N N 371 
TRP C   O    doub N N 372 
TRP C   OXT  sing N N 373 
TRP CB  CG   sing N N 374 
TRP CB  HB2  sing N N 375 
TRP CB  HB3  sing N N 376 
TRP CG  CD1  doub Y N 377 
TRP CG  CD2  sing Y N 378 
TRP CD1 NE1  sing Y N 379 
TRP CD1 HD1  sing N N 380 
TRP CD2 CE2  doub Y N 381 
TRP CD2 CE3  sing Y N 382 
TRP NE1 CE2  sing Y N 383 
TRP NE1 HE1  sing N N 384 
TRP CE2 CZ2  sing Y N 385 
TRP CE3 CZ3  doub Y N 386 
TRP CE3 HE3  sing N N 387 
TRP CZ2 CH2  doub Y N 388 
TRP CZ2 HZ2  sing N N 389 
TRP CZ3 CH2  sing Y N 390 
TRP CZ3 HZ3  sing N N 391 
TRP CH2 HH2  sing N N 392 
TRP OXT HXT  sing N N 393 
TYR N   CA   sing N N 394 
TYR N   H    sing N N 395 
TYR N   H2   sing N N 396 
TYR CA  C    sing N N 397 
TYR CA  CB   sing N N 398 
TYR CA  HA   sing N N 399 
TYR C   O    doub N N 400 
TYR C   OXT  sing N N 401 
TYR CB  CG   sing N N 402 
TYR CB  HB2  sing N N 403 
TYR CB  HB3  sing N N 404 
TYR CG  CD1  doub Y N 405 
TYR CG  CD2  sing Y N 406 
TYR CD1 CE1  sing Y N 407 
TYR CD1 HD1  sing N N 408 
TYR CD2 CE2  doub Y N 409 
TYR CD2 HD2  sing N N 410 
TYR CE1 CZ   doub Y N 411 
TYR CE1 HE1  sing N N 412 
TYR CE2 CZ   sing Y N 413 
TYR CE2 HE2  sing N N 414 
TYR CZ  OH   sing N N 415 
TYR OH  HH   sing N N 416 
TYR OXT HXT  sing N N 417 
VAL N   CA   sing N N 418 
VAL N   H    sing N N 419 
VAL N   H2   sing N N 420 
VAL CA  C    sing N N 421 
VAL CA  CB   sing N N 422 
VAL CA  HA   sing N N 423 
VAL C   O    doub N N 424 
VAL C   OXT  sing N N 425 
VAL CB  CG1  sing N N 426 
VAL CB  CG2  sing N N 427 
VAL CB  HB   sing N N 428 
VAL CG1 HG11 sing N N 429 
VAL CG1 HG12 sing N N 430 
VAL CG1 HG13 sing N N 431 
VAL CG2 HG21 sing N N 432 
VAL CG2 HG22 sing N N 433 
VAL CG2 HG23 sing N N 434 
VAL OXT HXT  sing N N 435 
# 
_pdbx_deposit_group.group_id            G_1002061 
_pdbx_deposit_group.group_description   
;XDomainX of XOrganismX DCP2 (NUDT20) screened against the XXX Fragment Library by X-ray Crystallography at the XChem facility of Diamond Light Source beamline I04-1
;
_pdbx_deposit_group.group_title         'PanDDA analysis group deposition' 
_pdbx_deposit_group.group_type          'changed state' 
# 
_pdbx_related_exp_data_set.ordinal              1 
_pdbx_related_exp_data_set.data_reference       10.5281/zenodo.1437589 
_pdbx_related_exp_data_set.metadata_reference   10.5281/zenodo.1437589 
_pdbx_related_exp_data_set.data_set_type        'other data' 
_pdbx_related_exp_data_set.details              'Complete PanDDA analysis' 
# 
_atom_sites.entry_id                    5QOV 
_atom_sites.fract_transf_matrix[1][1]   -0.00751917 
_atom_sites.fract_transf_matrix[1][2]   0.01466114 
_atom_sites.fract_transf_matrix[1][3]   0.01255156 
_atom_sites.fract_transf_matrix[2][1]   0.01541716 
_atom_sites.fract_transf_matrix[2][2]   0.00398155 
_atom_sites.fract_transf_matrix[2][3]   0.00458510 
_atom_sites.fract_transf_matrix[3][1]   0.00077317 
_atom_sites.fract_transf_matrix[3][2]   0.01021973 
_atom_sites.fract_transf_matrix[3][3]   -0.01147422 
_atom_sites.fract_transf_vector[1]      -0.884634 
_atom_sites.fract_transf_vector[2]      0.225284 
_atom_sites.fract_transf_vector[3]      1.165080 
# 
loop_
_atom_type.symbol 
C 
N 
O 
S 
# 
loop_
_atom_site.group_PDB 
_atom_site.id 
_atom_site.type_symbol 
_atom_site.label_atom_id 
_atom_site.label_alt_id 
_atom_site.label_comp_id 
_atom_site.label_asym_id 
_atom_site.label_entity_id 
_atom_site.label_seq_id 
_atom_site.pdbx_PDB_ins_code 
_atom_site.Cartn_x 
_atom_site.Cartn_y 
_atom_site.Cartn_z 
_atom_site.occupancy 
_atom_site.B_iso_or_equiv 
_atom_site.pdbx_formal_charge 
_atom_site.auth_seq_id 
_atom_site.auth_comp_id 
_atom_site.auth_asym_id 
_atom_site.auth_atom_id 
_atom_site.pdbx_PDB_model_num 
ATOM   1    N N   . GLY A 1 3   ? -5.775  14.597  11.034  1.00 63.32 ? 96  GLY A N   1 
ATOM   2    C CA  . GLY A 1 3   ? -4.933  14.475  9.796   1.00 61.24 ? 96  GLY A CA  1 
ATOM   3    C C   . GLY A 1 3   ? -5.795  14.434  8.539   1.00 55.28 ? 96  GLY A C   1 
ATOM   4    O O   . GLY A 1 3   ? -6.947  13.968  8.567   1.00 52.93 ? 96  GLY A O   1 
ATOM   5    N N   . VAL A 1 4   ? -5.263  14.950  7.436   1.00 53.66 ? 97  VAL A N   1 
ATOM   6    C CA  . VAL A 1 4   ? -6.002  14.904  6.150   1.00 47.71 ? 97  VAL A CA  1 
ATOM   7    C C   . VAL A 1 4   ? -6.114  13.396  5.713   1.00 36.57 ? 97  VAL A C   1 
ATOM   8    O O   . VAL A 1 4   ? -5.122  12.749  5.792   1.00 38.66 ? 97  VAL A O   1 
ATOM   9    C CB  . VAL A 1 4   ? -5.216  15.657  5.065   1.00 55.02 ? 97  VAL A CB  1 
ATOM   10   C CG1 . VAL A 1 4   ? -5.991  15.620  3.752   1.00 51.17 ? 97  VAL A CG1 1 
ATOM   11   C CG2 . VAL A 1 4   ? -4.874  17.104  5.516   1.00 59.36 ? 97  VAL A CG2 1 
ATOM   12   N N   . PRO A 1 5   ? -7.303  12.889  5.289   1.00 38.11 ? 98  PRO A N   1 
ATOM   13   C CA  . PRO A 1 5   ? -7.349  11.474  4.821   1.00 34.98 ? 98  PRO A CA  1 
ATOM   14   C C   . PRO A 1 5   ? -6.436  11.203  3.662   1.00 32.63 ? 98  PRO A C   1 
ATOM   15   O O   . PRO A 1 5   ? -6.130  12.096  2.879   1.00 30.29 ? 98  PRO A O   1 
ATOM   16   C CB  . PRO A 1 5   ? -8.796  11.218  4.424   1.00 41.88 ? 98  PRO A CB  1 
ATOM   17   C CG  . PRO A 1 5   ? -9.555  12.398  4.994   1.00 41.99 ? 98  PRO A CG  1 
ATOM   18   C CD  . PRO A 1 5   ? -8.631  13.496  5.342   1.00 39.63 ? 98  PRO A CD  1 
ATOM   19   N N   . THR A 1 6   ? -5.926  9.954   3.604   1.00 28.96 ? 99  THR A N   1 
ATOM   20   C CA  . THR A 1 6   ? -5.106  9.497   2.454   1.00 28.50 ? 99  THR A CA  1 
ATOM   21   C C   . THR A 1 6   ? -5.802  8.355   1.716   1.00 23.96 ? 99  THR A C   1 
ATOM   22   O O   . THR A 1 6   ? -6.523  7.573   2.285   1.00 24.79 ? 99  THR A O   1 
ATOM   23   C CB  . THR A 1 6   ? -3.682  9.057   2.920   1.00 33.08 ? 99  THR A CB  1 
ATOM   24   O OG1 . THR A 1 6   ? -3.791  8.011   3.891   1.00 28.58 ? 99  THR A OG1 1 
ATOM   25   C CG2 . THR A 1 6   ? -2.903  10.280  3.546   1.00 31.62 ? 99  THR A CG2 1 
ATOM   26   N N   . TYR A 1 7   ? -5.535  8.281   0.403   1.00 26.06 ? 100 TYR A N   1 
ATOM   27   C CA  . TYR A 1 7   ? -6.143  7.348   -0.471  1.00 26.44 ? 100 TYR A CA  1 
ATOM   28   C C   . TYR A 1 7   ? -5.067  6.804   -1.362  1.00 20.67 ? 100 TYR A C   1 
ATOM   29   O O   . TYR A 1 7   ? -4.165  7.519   -1.754  1.00 22.62 ? 100 TYR A O   1 
ATOM   30   C CB  . TYR A 1 7   ? -7.322  7.985   -1.324  1.00 26.69 ? 100 TYR A CB  1 
ATOM   31   C CG  . TYR A 1 7   ? -8.397  8.509   -0.431  1.00 27.18 ? 100 TYR A CG  1 
ATOM   32   C CD1 . TYR A 1 7   ? -9.317  7.688   0.076   1.00 26.97 ? 100 TYR A CD1 1 
ATOM   33   C CD2 . TYR A 1 7   ? -8.475  9.879   -0.145  1.00 31.96 ? 100 TYR A CD2 1 
ATOM   34   C CE1 . TYR A 1 7   ? -10.308 8.153   0.968   1.00 33.54 ? 100 TYR A CE1 1 
ATOM   35   C CE2 . TYR A 1 7   ? -9.442  10.354  0.753   1.00 31.18 ? 100 TYR A CE2 1 
ATOM   36   C CZ  . TYR A 1 7   ? -10.381 9.486   1.216   1.00 34.44 ? 100 TYR A CZ  1 
ATOM   37   O OH  . TYR A 1 7   ? -11.351 9.965   2.056   1.00 38.75 ? 100 TYR A OH  1 
ATOM   38   N N   . GLY A 1 8   ? -5.206  5.519   -1.714  1.00 21.76 ? 101 GLY A N   1 
ATOM   39   C CA  . GLY A 1 8   ? -4.264  4.918   -2.622  1.00 20.92 ? 101 GLY A CA  1 
ATOM   40   C C   . GLY A 1 8   ? -4.756  3.509   -3.029  1.00 19.07 ? 101 GLY A C   1 
ATOM   41   O O   . GLY A 1 8   ? -5.985  3.222   -3.072  1.00 21.77 ? 101 GLY A O   1 
ATOM   42   N N   . ALA A 1 9   ? -3.830  2.617   -3.282  1.00 20.43 ? 102 ALA A N   1 
ATOM   43   C CA  . ALA A 1 9   ? -4.210  1.277   -3.772  1.00 17.72 ? 102 ALA A CA  1 
ATOM   44   C C   . ALA A 1 9   ? -3.263  0.180   -3.353  1.00 18.87 ? 102 ALA A C   1 
ATOM   45   O O   . ALA A 1 9   ? -2.097  0.383   -3.204  1.00 18.70 ? 102 ALA A O   1 
ATOM   46   C CB  . ALA A 1 9   ? -4.317  1.211   -5.280  1.00 19.49 ? 102 ALA A CB  1 
ATOM   47   N N   . ILE A 1 10  ? -3.904  -0.958  -3.206  1.00 18.01 ? 103 ILE A N   1 
ATOM   48   C CA  . ILE A 1 10  ? -3.222  -2.256  -3.148  1.00 19.09 ? 103 ILE A CA  1 
ATOM   49   C C   . ILE A 1 10  ? -3.406  -2.920  -4.486  1.00 18.63 ? 103 ILE A C   1 
ATOM   50   O O   . ILE A 1 10  ? -4.520  -3.445  -4.808  1.00 20.49 ? 103 ILE A O   1 
ATOM   51   C CB  . ILE A 1 10  ? -3.832  -3.129  -2.059  1.00 21.67 ? 103 ILE A CB  1 
ATOM   52   C CG1 . ILE A 1 10  ? -3.592  -2.508  -0.676  1.00 22.46 ? 103 ILE A CG1 1 
ATOM   53   C CG2 . ILE A 1 10  ? -3.211  -4.518  -2.102  1.00 22.94 ? 103 ILE A CG2 1 
ATOM   54   C CD1 . ILE A 1 10  ? -4.437  -3.062  0.509   1.00 26.38 ? 103 ILE A CD1 1 
ATOM   55   N N   . ILE A 1 11  ? -2.378  -2.956  -5.282  1.00 19.69 ? 104 ILE A N   1 
ATOM   56   C CA  . ILE A 1 11  ? -2.376  -3.550  -6.580  1.00 19.40 ? 104 ILE A CA  1 
ATOM   57   C C   . ILE A 1 11  ? -1.836  -4.927  -6.423  1.00 20.26 ? 104 ILE A C   1 
ATOM   58   O O   . ILE A 1 11  ? -0.746  -5.129  -5.884  1.00 19.38 ? 104 ILE A O   1 
ATOM   59   C CB  . ILE A 1 11  ? -1.504  -2.718  -7.591  1.00 18.61 ? 104 ILE A CB  1 
ATOM   60   C CG1 . ILE A 1 11  ? -2.182  -1.351  -7.778  1.00 20.99 ? 104 ILE A CG1 1 
ATOM   61   C CG2 . ILE A 1 11  ? -1.221  -3.454  -8.864  1.00 22.29 ? 104 ILE A CG2 1 
ATOM   62   C CD1 . ILE A 1 11  ? -1.241  -0.328  -8.348  1.00 23.55 ? 104 ILE A CD1 1 
ATOM   63   N N   . LEU A 1 12  ? -2.587  -5.913  -6.932  1.00 19.17 ? 105 LEU A N   1 
ATOM   64   C CA  . LEU A 1 12  ? -2.126  -7.309  -6.976  1.00 18.79 ? 105 LEU A CA  1 
ATOM   65   C C   . LEU A 1 12  ? -2.002  -7.793  -8.440  1.00 19.51 ? 105 LEU A C   1 
ATOM   66   O O   . LEU A 1 12  ? -2.672  -7.261  -9.362  1.00 20.94 ? 105 LEU A O   1 
ATOM   67   C CB  . LEU A 1 12  ? -3.171  -8.206  -6.337  1.00 21.05 ? 105 LEU A CB  1 
ATOM   68   C CG  . LEU A 1 12  ? -3.398  -7.894  -4.855  1.00 27.75 ? 105 LEU A CG  1 
ATOM   69   C CD1 . LEU A 1 12  ? -4.615  -7.098  -4.620  1.00 37.47 ? 105 LEU A CD1 1 
ATOM   70   C CD2 . LEU A 1 12  ? -3.513  -9.157  -4.046  1.00 37.50 ? 105 LEU A CD2 1 
ATOM   71   N N   . ASP A 1 13  ? -1.195  -8.837  -8.629  1.00 20.86 ? 106 ASP A N   1 
ATOM   72   C CA  . ASP A 1 13  ? -0.982  -9.373  -9.933  1.00 22.83 ? 106 ASP A CA  1 
ATOM   73   C C   . ASP A 1 13  ? -2.112  -10.354 -10.236 1.00 21.66 ? 106 ASP A C   1 
ATOM   74   O O   . ASP A 1 13  ? -3.074  -10.477 -9.494  1.00 23.32 ? 106 ASP A O   1 
ATOM   75   C CB  . ASP A 1 13  ? 0.390   -10.020 -9.997  1.00 24.77 ? 106 ASP A CB  1 
ATOM   76   C CG  . ASP A 1 13  ? 0.496   -11.285 -9.107  1.00 29.93 ? 106 ASP A CG  1 
ATOM   77   O OD1 . ASP A 1 13  ? -0.241  -11.475 -8.110  1.00 28.46 ? 106 ASP A OD1 1 
ATOM   78   O OD2 . ASP A 1 13  ? 1.408   -12.003 -9.399  1.00 34.79 ? 106 ASP A OD2 1 
ATOM   79   N N   . GLU A 1 14  ? -1.950  -11.030 -11.341 1.00 25.31 ? 107 GLU A N   1 
ATOM   80   C CA  . GLU A 1 14  ? -2.945  -11.971 -11.756 1.00 26.35 ? 107 GLU A CA  1 
ATOM   81   C C   . GLU A 1 14  ? -3.024  -13.238 -10.959 1.00 26.64 ? 107 GLU A C   1 
ATOM   82   O O   . GLU A 1 14  ? -4.060  -13.838 -10.923 1.00 25.74 ? 107 GLU A O   1 
ATOM   83   C CB  . GLU A 1 14  ? -2.764  -12.311 -13.248 1.00 34.23 ? 107 GLU A CB  1 
ATOM   84   C CG  . GLU A 1 14  ? -1.485  -13.050 -13.607 1.00 39.26 ? 107 GLU A CG  1 
ATOM   85   C CD  . GLU A 1 14  ? -0.410  -12.106 -14.086 1.00 51.34 ? 107 GLU A CD  1 
ATOM   86   O OE1 . GLU A 1 14  ? 0.144   -11.336 -13.257 1.00 42.33 ? 107 GLU A OE1 1 
ATOM   87   O OE2 . GLU A 1 14  ? -0.075  -12.105 -15.302 1.00 69.99 ? 107 GLU A OE2 1 
ATOM   88   N N   . THR A 1 15  ? -1.945  -13.599 -10.204 1.00 26.60 ? 108 THR A N   1 
ATOM   89   C CA  . THR A 1 15  ? -1.962  -14.773 -9.416  1.00 24.66 ? 108 THR A CA  1 
ATOM   90   C C   . THR A 1 15  ? -2.554  -14.570 -8.052  1.00 25.50 ? 108 THR A C   1 
ATOM   91   O O   . THR A 1 15  ? -2.870  -15.529 -7.340  1.00 28.06 ? 108 THR A O   1 
ATOM   92   C CB  . THR A 1 15  ? -0.539  -15.321 -9.192  1.00 30.79 ? 108 THR A CB  1 
ATOM   93   O OG1 . THR A 1 15  ? 0.110   -14.512 -8.220  1.00 28.21 ? 108 THR A OG1 1 
ATOM   94   C CG2 . THR A 1 15  ? 0.297   -15.330 -10.429 1.00 36.28 ? 108 THR A CG2 1 
ATOM   95   N N   . LEU A 1 16  ? -2.738  -13.272 -7.653  1.00 23.26 ? 109 LEU A N   1 
ATOM   96   C CA  . LEU A 1 16  ? -3.128  -12.848 -6.333  1.00 25.46 ? 109 LEU A CA  1 
ATOM   97   C C   . LEU A 1 16  ? -2.106  -13.115 -5.229  1.00 26.17 ? 109 LEU A C   1 
ATOM   98   O O   . LEU A 1 16  ? -2.440  -12.989 -4.043  1.00 29.75 ? 109 LEU A O   1 
ATOM   99   C CB  . LEU A 1 16  ? -4.495  -13.381 -5.875  1.00 24.76 ? 109 LEU A CB  1 
ATOM   100  C CG  . LEU A 1 16  ? -5.602  -13.275 -6.883  1.00 28.30 ? 109 LEU A CG  1 
ATOM   101  C CD1 . LEU A 1 16  ? -6.773  -14.054 -6.397  1.00 35.67 ? 109 LEU A CD1 1 
ATOM   102  C CD2 . LEU A 1 16  ? -5.905  -11.743 -7.047  1.00 31.02 ? 109 LEU A CD2 1 
ATOM   103  N N   . GLU A 1 17  ? -0.897  -13.463 -5.587  0.50 27.28 ? 110 GLU A N   1 
ATOM   104  C CA  . GLU A 1 17  ? 0.113   -13.779 -4.592  0.50 27.82 ? 110 GLU A CA  1 
ATOM   105  C C   . GLU A 1 17  ? 1.213   -12.711 -4.491  0.50 25.77 ? 110 GLU A C   1 
ATOM   106  O O   . GLU A 1 17  ? 2.096   -12.817 -3.617  0.50 21.90 ? 110 GLU A O   1 
ATOM   107  C CB  . GLU A 1 17  ? 0.684   -15.154 -4.882  0.50 33.14 ? 110 GLU A CB  1 
ATOM   108  C CG  . GLU A 1 17  ? -0.404  -16.197 -4.760  0.50 36.57 ? 110 GLU A CG  1 
ATOM   109  C CD  . GLU A 1 17  ? 0.119   -17.577 -4.524  0.50 42.69 ? 110 GLU A CD  1 
ATOM   110  O OE1 . GLU A 1 17  ? 1.265   -17.866 -4.948  0.50 47.30 ? 110 GLU A OE1 1 
ATOM   111  O OE2 . GLU A 1 17  ? -0.638  -18.372 -3.928  0.50 46.29 ? 110 GLU A OE2 1 
ATOM   112  N N   . ASN A 1 18  ? 1.132   -11.660 -5.317  1.00 23.28 ? 111 ASN A N   1 
ATOM   113  C CA  . ASN A 1 18  ? 2.063   -10.559 -5.247  1.00 21.52 ? 111 ASN A CA  1 
ATOM   114  C C   . ASN A 1 18  ? 1.363   -9.224  -5.183  1.00 24.39 ? 111 ASN A C   1 
ATOM   115  O O   . ASN A 1 18  ? 0.310   -9.037  -5.770  1.00 21.52 ? 111 ASN A O   1 
ATOM   116  C CB  . ASN A 1 18  ? 3.023   -10.560 -6.404  1.00 24.85 ? 111 ASN A CB  1 
ATOM   117  C CG  . ASN A 1 18  ? 3.782   -11.878 -6.497  1.00 35.24 ? 111 ASN A CG  1 
ATOM   118  O OD1 . ASN A 1 18  ? 4.557   -12.198 -5.602  1.00 31.31 ? 111 ASN A OD1 1 
ATOM   119  N ND2 . ASN A 1 18  ? 3.522   -12.638 -7.512  1.00 34.23 ? 111 ASN A ND2 1 
ATOM   120  N N   . VAL A 1 19  ? 1.983   -8.308  -4.417  1.00 20.98 ? 112 VAL A N   1 
ATOM   121  C CA  . VAL A 1 19  ? 1.483   -6.931  -4.291  1.00 18.34 ? 112 VAL A CA  1 
ATOM   122  C C   . VAL A 1 19  ? 2.530   -5.931  -4.638  1.00 20.00 ? 112 VAL A C   1 
ATOM   123  O O   . VAL A 1 19  ? 3.702   -6.188  -4.508  1.00 20.06 ? 112 VAL A O   1 
ATOM   124  C CB  . VAL A 1 19  ? 1.032   -6.575  -2.829  1.00 21.75 ? 112 VAL A CB  1 
ATOM   125  C CG1 . VAL A 1 19  ? -0.233  -7.254  -2.437  1.00 28.49 ? 112 VAL A CG1 1 
ATOM   126  C CG2 . VAL A 1 19  ? 2.154   -6.843  -1.807  1.00 22.03 ? 112 VAL A CG2 1 
ATOM   127  N N   . LEU A 1 20  ? 2.098   -4.784  -5.122  1.00 18.41 ? 113 LEU A N   1 
ATOM   128  C CA  . LEU A 1 20  ? 3.016   -3.733  -5.612  1.00 20.10 ? 113 LEU A CA  1 
ATOM   129  C C   . LEU A 1 20  ? 3.286   -2.765  -4.494  1.00 20.50 ? 113 LEU A C   1 
ATOM   130  O O   . LEU A 1 20  ? 2.395   -2.093  -3.984  1.00 21.07 ? 113 LEU A O   1 
ATOM   131  C CB  . LEU A 1 20  ? 2.395   -3.003  -6.815  1.00 19.87 ? 113 LEU A CB  1 
ATOM   132  C CG  . LEU A 1 20  ? 3.465   -2.165  -7.589  1.00 22.64 ? 113 LEU A CG  1 
ATOM   133  C CD1 . LEU A 1 20  ? 4.374   -3.078  -8.407  1.00 23.20 ? 113 LEU A CD1 1 
ATOM   134  C CD2 . LEU A 1 20  ? 2.734   -1.138  -8.431  1.00 25.19 ? 113 LEU A CD2 1 
ATOM   135  N N   . LEU A 1 21  ? 4.568   -2.647  -4.116  1.00 19.81 ? 114 LEU A N   1 
ATOM   136  C CA  . LEU A 1 21  ? 4.902   -1.684  -3.123  1.00 17.68 ? 114 LEU A CA  1 
ATOM   137  C C   . LEU A 1 21  ? 5.834   -0.611  -3.756  1.00 19.88 ? 114 LEU A C   1 
ATOM   138  O O   . LEU A 1 21  ? 6.496   -0.879  -4.770  1.00 20.59 ? 114 LEU A O   1 
ATOM   139  C CB  . LEU A 1 21  ? 5.607   -2.257  -1.903  1.00 18.77 ? 114 LEU A CB  1 
ATOM   140  C CG  . LEU A 1 21  ? 4.854   -3.365  -1.157  1.00 21.38 ? 114 LEU A CG  1 
ATOM   141  C CD1 . LEU A 1 21  ? 5.621   -3.788  0.104   1.00 21.06 ? 114 LEU A CD1 1 
ATOM   142  C CD2 . LEU A 1 21  ? 3.490   -2.898  -0.801  1.00 23.68 ? 114 LEU A CD2 1 
ATOM   143  N N   . VAL A 1 22  ? 5.869   0.521   -3.090  1.00 18.72 ? 115 VAL A N   1 
ATOM   144  C CA  . VAL A 1 22  ? 6.790   1.632   -3.496  1.00 19.45 ? 115 VAL A CA  1 
ATOM   145  C C   . VAL A 1 22  ? 7.674   2.000   -2.359  1.00 21.17 ? 115 VAL A C   1 
ATOM   146  O O   . VAL A 1 22  ? 7.282   1.869   -1.169  1.00 20.05 ? 115 VAL A O   1 
ATOM   147  C CB  . VAL A 1 22  ? 6.021   2.834   -4.032  1.00 21.91 ? 115 VAL A CB  1 
ATOM   148  C CG1 . VAL A 1 22  ? 5.241   2.497   -5.318  1.00 23.68 ? 115 VAL A CG1 1 
ATOM   149  C CG2 . VAL A 1 22  ? 5.076   3.427   -3.029  1.00 24.43 ? 115 VAL A CG2 1 
ATOM   150  N N   . GLN A 1 23  ? 8.888   2.496   -2.677  1.00 20.11 ? 116 GLN A N   1 
ATOM   151  C CA  . GLN A 1 23  ? 9.827   2.827   -1.630  1.00 19.26 ? 116 GLN A CA  1 
ATOM   152  C C   . GLN A 1 23  ? 10.067  4.340   -1.707  1.00 22.57 ? 116 GLN A C   1 
ATOM   153  O O   . GLN A 1 23  ? 10.334  4.825   -2.778  1.00 22.14 ? 116 GLN A O   1 
ATOM   154  C CB  . GLN A 1 23  ? 11.161  2.109   -1.900  1.00 19.64 ? 116 GLN A CB  1 
ATOM   155  C CG  . GLN A 1 23  ? 12.187  2.272   -0.856  1.00 21.98 ? 116 GLN A CG  1 
ATOM   156  C CD  . GLN A 1 23  ? 13.442  1.522   -1.196  1.00 22.10 ? 116 GLN A CD  1 
ATOM   157  O OE1 . GLN A 1 23  ? 13.808  1.390   -2.407  1.00 24.23 ? 116 GLN A OE1 1 
ATOM   158  N NE2 . GLN A 1 23  ? 14.145  1.098   -0.187  1.00 25.15 ? 116 GLN A NE2 1 
ATOM   159  N N   . GLY A 1 24  ? 9.916   5.013   -0.597  1.00 24.35 ? 117 GLY A N   1 
ATOM   160  C CA  . GLY A 1 24  ? 10.162  6.477   -0.600  1.00 25.15 ? 117 GLY A CA  1 
ATOM   161  C C   . GLY A 1 24  ? 11.560  6.782   -0.108  1.00 28.71 ? 117 GLY A C   1 
ATOM   162  O O   . GLY A 1 24  ? 12.453  5.932   -0.117  1.00 26.93 ? 117 GLY A O   1 
ATOM   163  N N   . TYR A 1 25  ? 11.698  8.009   0.317   1.00 25.04 ? 118 TYR A N   1 
ATOM   164  C CA  . TYR A 1 25  ? 12.951  8.558   0.826   1.00 27.20 ? 118 TYR A CA  1 
ATOM   165  C C   . TYR A 1 25  ? 12.766  9.120   2.201   1.00 31.25 ? 118 TYR A C   1 
ATOM   166  O O   . TYR A 1 25  ? 11.654  9.526   2.581   1.00 27.98 ? 118 TYR A O   1 
ATOM   167  C CB  . TYR A 1 25  ? 13.363  9.701   -0.083  1.00 26.13 ? 118 TYR A CB  1 
ATOM   168  C CG  . TYR A 1 25  ? 13.850  9.308   -1.500  1.00 23.92 ? 118 TYR A CG  1 
ATOM   169  C CD1 . TYR A 1 25  ? 15.057  8.609   -1.669  1.00 24.50 ? 118 TYR A CD1 1 
ATOM   170  C CD2 . TYR A 1 25  ? 13.150  9.588   -2.615  1.00 24.63 ? 118 TYR A CD2 1 
ATOM   171  C CE1 . TYR A 1 25  ? 15.491  8.269   -2.929  1.00 22.91 ? 118 TYR A CE1 1 
ATOM   172  C CE2 . TYR A 1 25  ? 13.639  9.218   -3.869  1.00 23.72 ? 118 TYR A CE2 1 
ATOM   173  C CZ  . TYR A 1 25  ? 14.779  8.521   -3.996  1.00 25.28 ? 118 TYR A CZ  1 
ATOM   174  O OH  . TYR A 1 25  ? 15.287  8.156   -5.214  1.00 30.01 ? 118 TYR A OH  1 
ATOM   175  N N   . LEU A 1 26  ? 13.893  9.217   2.922   1.00 30.85 ? 119 LEU A N   1 
ATOM   176  C CA  . LEU A 1 26  ? 13.957  9.954   4.214   1.00 33.07 ? 119 LEU A CA  1 
ATOM   177  C C   . LEU A 1 26  ? 13.012  9.358   5.261   1.00 30.43 ? 119 LEU A C   1 
ATOM   178  O O   . LEU A 1 26  ? 13.167  8.216   5.605   1.00 33.43 ? 119 LEU A O   1 
ATOM   179  C CB  . LEU A 1 26  ? 13.717  11.465  3.964   1.00 35.55 ? 119 LEU A CB  1 
ATOM   180  C CG  . LEU A 1 26  ? 14.817  12.048  3.042   1.00 36.45 ? 119 LEU A CG  1 
ATOM   181  C CD1 . LEU A 1 26  ? 14.467  13.468  2.579   1.00 32.81 ? 119 LEU A CD1 1 
ATOM   182  C CD2 . LEU A 1 26  ? 16.203  11.943  3.681   1.00 40.19 ? 119 LEU A CD2 1 
ATOM   183  N N   . ALA A 1 27  ? 12.018  10.109  5.717   1.00 28.42 ? 120 ALA A N   1 
ATOM   184  C CA  . ALA A 1 27  ? 11.083  9.581   6.703   1.00 35.83 ? 120 ALA A CA  1 
ATOM   185  C C   . ALA A 1 27  ? 10.239  8.472   6.110   1.00 35.64 ? 120 ALA A C   1 
ATOM   186  O O   . ALA A 1 27  ? 9.704   7.604   6.861   1.00 37.03 ? 120 ALA A O   1 
ATOM   187  C CB  . ALA A 1 27  ? 10.157  10.690  7.206   1.00 36.61 ? 120 ALA A CB  1 
ATOM   188  N N   . LYS A 1 28  ? 10.102  8.518   4.789   1.00 32.56 ? 121 LYS A N   1 
ATOM   189  C CA  . LYS A 1 28  ? 9.397   7.473   4.034   1.00 33.17 ? 121 LYS A CA  1 
ATOM   190  C C   . LYS A 1 28  ? 10.341  6.482   3.333   1.00 31.14 ? 121 LYS A C   1 
ATOM   191  O O   . LYS A 1 28  ? 10.010  5.901   2.324   1.00 28.84 ? 121 LYS A O   1 
ATOM   192  C CB  . LYS A 1 28  ? 8.510   8.153   3.049   1.00 34.16 ? 121 LYS A CB  1 
ATOM   193  C CG  . LYS A 1 28  ? 7.370   8.871   3.732   1.00 36.92 ? 121 LYS A CG  1 
ATOM   194  C CD  . LYS A 1 28  ? 6.416   9.342   2.695   1.00 44.44 ? 121 LYS A CD  1 
ATOM   195  C CE  . LYS A 1 28  ? 5.740   10.657  3.059   1.00 53.56 ? 121 LYS A CE  1 
ATOM   196  N NZ  . LYS A 1 28  ? 4.800   10.966  1.949   1.00 49.14 ? 121 LYS A NZ  1 
ATOM   197  N N   . SER A 1 29  ? 11.526  6.297   3.901   1.00 30.85 ? 122 SER A N   1 
ATOM   198  C CA  . SER A 1 29  ? 12.571  5.486   3.300   1.00 33.72 ? 122 SER A CA  1 
ATOM   199  C C   . SER A 1 29  ? 12.339  3.963   3.003   1.00 40.71 ? 122 SER A C   1 
ATOM   200  O O   . SER A 1 29  ? 13.121  3.305   2.193   1.00 43.65 ? 122 SER A O   1 
ATOM   201  C CB  . SER A 1 29  ? 13.799  5.673   4.152   1.00 35.14 ? 122 SER A CB  1 
ATOM   202  O OG  . SER A 1 29  ? 14.732  4.820   3.625   1.00 38.88 ? 122 SER A OG  1 
ATOM   203  N N   . GLY A 1 30  ? 11.272  3.434   3.550   1.00 30.24 ? 123 GLY A N   1 
ATOM   204  C CA  . GLY A 1 30  ? 10.901  1.987   3.518   1.00 25.97 ? 123 GLY A CA  1 
ATOM   205  C C   . GLY A 1 30  ? 9.826   1.735   2.439   1.00 26.46 ? 123 GLY A C   1 
ATOM   206  O O   . GLY A 1 30  ? 9.621   2.606   1.588   1.00 23.58 ? 123 GLY A O   1 
ATOM   207  N N   . TRP A 1 31  ? 9.161   0.583   2.506   1.00 22.13 ? 124 TRP A N   1 
ATOM   208  C CA  . TRP A 1 31  ? 8.250   0.154   1.444   1.00 20.69 ? 124 TRP A CA  1 
ATOM   209  C C   . TRP A 1 31  ? 6.843   0.350   1.977   1.00 23.56 ? 124 TRP A C   1 
ATOM   210  O O   . TRP A 1 31  ? 6.595   0.027   3.153   1.00 24.26 ? 124 TRP A O   1 
ATOM   211  C CB  . TRP A 1 31  ? 8.482   -1.285  1.109   1.00 20.35 ? 124 TRP A CB  1 
ATOM   212  C CG  . TRP A 1 31  ? 9.769   -1.524  0.345   1.00 19.63 ? 124 TRP A CG  1 
ATOM   213  C CD1 . TRP A 1 31  ? 10.968  -1.827  0.919   1.00 22.81 ? 124 TRP A CD1 1 
ATOM   214  C CD2 . TRP A 1 31  ? 10.018  -1.353  -1.026  1.00 19.17 ? 124 TRP A CD2 1 
ATOM   215  N NE1 . TRP A 1 31  ? 11.927  -1.921  -0.025  1.00 24.38 ? 124 TRP A NE1 1 
ATOM   216  C CE2 . TRP A 1 31  ? 11.367  -1.659  -1.245  1.00 21.36 ? 124 TRP A CE2 1 
ATOM   217  C CE3 . TRP A 1 31  ? 9.205   -1.055  -2.143  1.00 19.42 ? 124 TRP A CE3 1 
ATOM   218  C CZ2 . TRP A 1 31  ? 11.910  -1.656  -2.525  1.00 23.46 ? 124 TRP A CZ2 1 
ATOM   219  C CZ3 . TRP A 1 31  ? 9.760   -1.058  -3.379  1.00 23.41 ? 124 TRP A CZ3 1 
ATOM   220  C CH2 . TRP A 1 31  ? 11.078  -1.284  -3.553  1.00 22.52 ? 124 TRP A CH2 1 
ATOM   221  N N   . GLY A 1 32  ? 5.929   0.827   1.123   1.00 21.13 ? 125 GLY A N   1 
ATOM   222  C CA  . GLY A 1 32  ? 4.571   1.060   1.542   1.00 19.60 ? 125 GLY A CA  1 
ATOM   223  C C   . GLY A 1 32  ? 3.754   0.952   0.262   1.00 19.50 ? 125 GLY A C   1 
ATOM   224  O O   . GLY A 1 32  ? 4.225   0.819   -0.860  1.00 21.11 ? 125 GLY A O   1 
ATOM   225  N N   . PHE A 1 33  ? 2.430   0.901   0.468   1.00 22.17 ? 126 PHE A N   1 
ATOM   226  C CA  . PHE A 1 33  ? 1.503   1.012   -0.630  1.00 19.43 ? 126 PHE A CA  1 
ATOM   227  C C   . PHE A 1 33  ? 1.466   2.451   -1.130  1.00 22.01 ? 126 PHE A C   1 
ATOM   228  O O   . PHE A 1 33  ? 1.607   3.404   -0.361  1.00 22.00 ? 126 PHE A O   1 
ATOM   229  C CB  . PHE A 1 33  ? 0.117   0.575   -0.164  1.00 19.10 ? 126 PHE A CB  1 
ATOM   230  C CG  . PHE A 1 33  ? 0.055   -0.874  0.184   1.00 21.16 ? 126 PHE A CG  1 
ATOM   231  C CD1 . PHE A 1 33  ? 0.090   -1.847  -0.761  1.00 22.66 ? 126 PHE A CD1 1 
ATOM   232  C CD2 . PHE A 1 33  ? 0.125   -1.247  1.507   1.00 24.17 ? 126 PHE A CD2 1 
ATOM   233  C CE1 . PHE A 1 33  ? 0.092   -3.191  -0.406  1.00 25.27 ? 126 PHE A CE1 1 
ATOM   234  C CE2 . PHE A 1 33  ? 0.140   -2.574  1.886   1.00 22.70 ? 126 PHE A CE2 1 
ATOM   235  C CZ  . PHE A 1 33  ? 0.088   -3.535  0.942   1.00 22.01 ? 126 PHE A CZ  1 
ATOM   236  N N   . PRO A 1 34  ? 1.254   2.591   -2.452  1.00 20.11 ? 127 PRO A N   1 
ATOM   237  C CA  . PRO A 1 34  ? 1.105   3.949   -3.000  1.00 21.31 ? 127 PRO A CA  1 
ATOM   238  C C   . PRO A 1 34  ? -0.147  4.639   -2.518  1.00 22.63 ? 127 PRO A C   1 
ATOM   239  O O   . PRO A 1 34  ? -1.260  4.092   -2.631  1.00 21.53 ? 127 PRO A O   1 
ATOM   240  C CB  . PRO A 1 34  ? 1.191   3.729   -4.515  1.00 21.48 ? 127 PRO A CB  1 
ATOM   241  C CG  . PRO A 1 34  ? 0.653   2.308   -4.697  1.00 20.02 ? 127 PRO A CG  1 
ATOM   242  C CD  . PRO A 1 34  ? 1.116   1.562   -3.458  1.00 20.03 ? 127 PRO A CD  1 
ATOM   243  N N   . LYS A 1 35  ? 0.022   5.835   -1.939  0.42 22.24 ? 128 LYS A N   1 
ATOM   244  C CA  . LYS A 1 35  ? -1.095  6.609   -1.430  0.42 23.15 ? 128 LYS A CA  1 
ATOM   245  C C   . LYS A 1 35  ? -0.639  8.059   -1.278  0.42 23.89 ? 128 LYS A C   1 
ATOM   246  O O   . LYS A 1 35  ? 0.535   8.379   -1.500  0.42 23.98 ? 128 LYS A O   1 
ATOM   247  C CB  . LYS A 1 35  ? -1.629  6.069   -0.083  0.42 23.03 ? 128 LYS A CB  1 
ATOM   248  C CG  . LYS A 1 35  ? -0.656  6.119   1.094   0.42 23.36 ? 128 LYS A CG  1 
ATOM   249  C CD  . LYS A 1 35  ? -1.353  6.082   2.461   0.42 23.58 ? 128 LYS A CD  1 
ATOM   250  C CE  . LYS A 1 35  ? -0.577  6.841   3.518   0.42 24.81 ? 128 LYS A CE  1 
ATOM   251  N NZ  . LYS A 1 35  ? -1.221  7.039   4.833   0.42 24.85 ? 128 LYS A NZ  1 
ATOM   252  N N   . GLY A 1 36  ? -1.582  8.910   -0.907  1.00 26.67 ? 129 GLY A N   1 
ATOM   253  C CA  . GLY A 1 36  ? -1.282  10.274  -0.532  1.00 25.69 ? 129 GLY A CA  1 
ATOM   254  C C   . GLY A 1 36  ? -2.499  11.029  -0.100  1.00 29.73 ? 129 GLY A C   1 
ATOM   255  O O   . GLY A 1 36  ? -3.622  10.526  -0.036  1.00 27.70 ? 129 GLY A O   1 
ATOM   256  N N   . LYS A 1 37  ? -2.249  12.316  0.242   1.00 29.82 ? 130 LYS A N   1 
ATOM   257  C CA  . LYS A 1 37  ? -3.271  13.127  0.849   1.00 32.59 ? 130 LYS A CA  1 
ATOM   258  C C   . LYS A 1 37  ? -4.308  13.649  -0.142  1.00 26.55 ? 130 LYS A C   1 
ATOM   259  O O   . LYS A 1 37  ? -3.937  14.001  -1.275  1.00 31.63 ? 130 LYS A O   1 
ATOM   260  C CB  . LYS A 1 37  ? -2.550  14.314  1.568   1.00 37.18 ? 130 LYS A CB  1 
ATOM   261  C CG  . LYS A 1 37  ? -1.950  13.966  2.927   1.00 40.60 ? 130 LYS A CG  1 
ATOM   262  C CD  . LYS A 1 37  ? -1.424  15.212  3.670   1.00 49.71 ? 130 LYS A CD  1 
ATOM   263  N N   . VAL A 1 38  ? -5.546  13.704  0.305   1.00 31.21 ? 131 VAL A N   1 
ATOM   264  C CA  . VAL A 1 38  ? -6.642  14.154  -0.516  1.00 36.95 ? 131 VAL A CA  1 
ATOM   265  C C   . VAL A 1 38  ? -6.506  15.670  -0.687  1.00 34.78 ? 131 VAL A C   1 
ATOM   266  O O   . VAL A 1 38  ? -6.145  16.372  0.279   1.00 38.20 ? 131 VAL A O   1 
ATOM   267  C CB  . VAL A 1 38  ? -8.022  13.721  0.026   1.00 32.96 ? 131 VAL A CB  1 
ATOM   268  C CG1 . VAL A 1 38  ? -8.364  14.243  1.422   1.00 36.50 ? 131 VAL A CG1 1 
ATOM   269  C CG2 . VAL A 1 38  ? -9.114  14.031  -0.971  1.00 39.28 ? 131 VAL A CG2 1 
ATOM   270  N N   . ASN A 1 39  ? -6.807  16.138  -1.893  1.00 35.51 ? 132 ASN A N   1 
ATOM   271  C CA  . ASN A 1 39  ? -6.926  17.619  -2.132  1.00 37.90 ? 132 ASN A CA  1 
ATOM   272  C C   . ASN A 1 39  ? -8.341  18.091  -1.726  1.00 37.88 ? 132 ASN A C   1 
ATOM   273  O O   . ASN A 1 39  ? -9.315  17.331  -1.671  1.00 39.53 ? 132 ASN A O   1 
ATOM   274  C CB  . ASN A 1 39  ? -6.630  17.937  -3.611  1.00 37.14 ? 132 ASN A CB  1 
ATOM   275  C CG  . ASN A 1 39  ? -5.217  17.711  -3.997  1.00 34.94 ? 132 ASN A CG  1 
ATOM   276  O OD1 . ASN A 1 39  ? -4.290  17.926  -3.188  1.00 47.67 ? 132 ASN A OD1 1 
ATOM   277  N ND2 . ASN A 1 39  ? -4.988  17.326  -5.231  1.00 39.66 ? 132 ASN A ND2 1 
ATOM   278  N N   . LYS A 1 40  ? -8.471  19.407  -1.436  1.00 47.20 ? 133 LYS A N   1 
ATOM   279  C CA  . LYS A 1 40  ? -9.793  20.059  -1.350  1.00 47.90 ? 133 LYS A CA  1 
ATOM   280  C C   . LYS A 1 40  ? -10.741 19.734  -2.518  1.00 40.03 ? 133 LYS A C   1 
ATOM   281  O O   . LYS A 1 40  ? -10.343 19.780  -3.693  1.00 49.33 ? 133 LYS A O   1 
ATOM   282  C CB  . LYS A 1 40  ? -9.623  21.602  -1.285  1.00 53.36 ? 133 LYS A CB  1 
ATOM   283  N N   . GLU A 1 41  ? -11.992 19.416  -2.163  1.00 45.05 ? 134 GLU A N   1 
ATOM   284  C CA  . GLU A 1 41  ? -13.066 19.020  -3.108  1.00 54.13 ? 134 GLU A CA  1 
ATOM   285  C C   . GLU A 1 41  ? -12.790 17.725  -3.908  1.00 55.24 ? 134 GLU A C   1 
ATOM   286  O O   . GLU A 1 41  ? -13.530 17.416  -4.853  1.00 48.93 ? 134 GLU A O   1 
ATOM   287  C CB  . GLU A 1 41  ? -13.429 20.189  -4.066  1.00 61.74 ? 134 GLU A CB  1 
ATOM   288  N N   . GLU A 1 42  ? -11.785 16.919  -3.506  1.00 46.04 ? 135 GLU A N   1 
ATOM   289  C CA  . GLU A 1 42  ? -11.379 15.772  -4.333  1.00 41.47 ? 135 GLU A CA  1 
ATOM   290  C C   . GLU A 1 42  ? -12.060 14.539  -3.800  1.00 42.43 ? 135 GLU A C   1 
ATOM   291  O O   . GLU A 1 42  ? -12.082 14.343  -2.593  1.00 41.92 ? 135 GLU A O   1 
ATOM   292  C CB  . GLU A 1 42  ? -9.885  15.580  -4.315  1.00 39.32 ? 135 GLU A CB  1 
ATOM   293  C CG  . GLU A 1 42  ? -9.394  14.484  -5.251  1.00 37.01 ? 135 GLU A CG  1 
ATOM   294  C CD  . GLU A 1 42  ? -7.885  14.360  -5.283  1.00 32.58 ? 135 GLU A CD  1 
ATOM   295  O OE1 . GLU A 1 42  ? -7.276  14.544  -4.206  1.00 35.34 ? 135 GLU A OE1 1 
ATOM   296  O OE2 . GLU A 1 42  ? -7.332  14.045  -6.362  1.00 34.74 ? 135 GLU A OE2 1 
ATOM   297  N N   . ALA A 1 43  ? -12.654 13.759  -4.705  1.00 37.22 ? 136 ALA A N   1 
ATOM   298  C CA  . ALA A 1 43  ? -13.424 12.583  -4.381  1.00 34.44 ? 136 ALA A CA  1 
ATOM   299  C C   . ALA A 1 43  ? -12.343 11.465  -3.984  1.00 34.12 ? 136 ALA A C   1 
ATOM   300  O O   . ALA A 1 43  ? -11.309 11.449  -4.623  1.00 31.76 ? 136 ALA A O   1 
ATOM   301  C CB  . ALA A 1 43  ? -14.160 12.089  -5.576  1.00 39.18 ? 136 ALA A CB  1 
ATOM   302  N N   . PRO A 1 44  ? -12.662 10.574  -3.039  1.00 37.43 ? 137 PRO A N   1 
ATOM   303  C CA  . PRO A 1 44  ? -11.683 9.499   -2.669  1.00 33.81 ? 137 PRO A CA  1 
ATOM   304  C C   . PRO A 1 44  ? -11.131 8.749   -3.864  1.00 35.52 ? 137 PRO A C   1 
ATOM   305  O O   . PRO A 1 44  ? -9.910  8.639   -3.980  1.00 30.06 ? 137 PRO A O   1 
ATOM   306  C CB  . PRO A 1 44  ? -12.496 8.592   -1.775  1.00 38.45 ? 137 PRO A CB  1 
ATOM   307  C CG  . PRO A 1 44  ? -13.468 9.601   -1.059  1.00 37.45 ? 137 PRO A CG  1 
ATOM   308  C CD  . PRO A 1 44  ? -13.862 10.530  -2.188  1.00 39.36 ? 137 PRO A CD  1 
ATOM   309  N N   . HIS A 1 45  ? -11.985 8.243   -4.744  1.00 33.38 ? 138 HIS A N   1 
ATOM   310  C CA  . HIS A 1 45  ? -11.476 7.509   -5.939  1.00 33.31 ? 138 HIS A CA  1 
ATOM   311  C C   . HIS A 1 45  ? -10.569 8.319   -6.786  1.00 27.95 ? 138 HIS A C   1 
ATOM   312  O O   . HIS A 1 45  ? -9.621  7.800   -7.384  1.00 27.47 ? 138 HIS A O   1 
ATOM   313  C CB  . HIS A 1 45  ? -12.649 6.839   -6.713  1.00 36.45 ? 138 HIS A CB  1 
ATOM   314  C CG  . HIS A 1 45  ? -13.417 7.776   -7.581  1.00 46.91 ? 138 HIS A CG  1 
ATOM   315  N ND1 . HIS A 1 45  ? -14.524 8.481   -7.129  1.00 61.91 ? 138 HIS A ND1 1 
ATOM   316  C CD2 . HIS A 1 45  ? -13.254 8.130   -8.883  1.00 46.79 ? 138 HIS A CD2 1 
ATOM   317  C CE1 . HIS A 1 45  ? -15.006 9.227   -8.118  1.00 48.42 ? 138 HIS A CE1 1 
ATOM   318  N NE2 . HIS A 1 45  ? -14.251 9.036   -9.188  1.00 59.93 ? 138 HIS A NE2 1 
ATOM   319  N N   . ASP A 1 46  ? -10.826 9.643   -6.943  1.00 29.52 ? 139 ASP A N   1 
ATOM   320  C CA  . ASP A 1 46  ? -9.937  10.452  -7.772  1.00 29.43 ? 139 ASP A CA  1 
ATOM   321  C C   . ASP A 1 46  ? -8.553  10.693  -7.122  1.00 26.88 ? 139 ASP A C   1 
ATOM   322  O O   . ASP A 1 46  ? -7.538  10.672  -7.807  1.00 28.94 ? 139 ASP A O   1 
ATOM   323  C CB  . ASP A 1 46  ? -10.578 11.824  -8.077  1.00 31.58 ? 139 ASP A CB  1 
ATOM   324  C CG  . ASP A 1 46  ? -11.727 11.702  -9.017  1.00 38.55 ? 139 ASP A CG  1 
ATOM   325  O OD1 . ASP A 1 46  ? -11.681 10.847  -9.905  1.00 36.93 ? 139 ASP A OD1 1 
ATOM   326  O OD2 . ASP A 1 46  ? -12.699 12.481  -8.846  1.00 38.97 ? 139 ASP A OD2 1 
ATOM   327  N N   . CYS A 1 47  ? -8.534  10.897  -5.802  1.00 27.79 ? 140 CYS A N   1 
ATOM   328  C CA  . CYS A 1 47  ? -7.312  11.014  -5.050  1.00 27.11 ? 140 CYS A CA  1 
ATOM   329  C C   . CYS A 1 47  ? -6.496  9.696   -5.200  1.00 23.27 ? 140 CYS A C   1 
ATOM   330  O O   . CYS A 1 47  ? -5.336  9.727   -5.535  1.00 23.58 ? 140 CYS A O   1 
ATOM   331  C CB  . CYS A 1 47  ? -7.624  11.234  -3.580  1.00 28.49 ? 140 CYS A CB  1 
ATOM   332  S SG  . CYS A 1 47  ? -6.116  11.258  -2.558  1.00 30.54 ? 140 CYS A SG  1 
ATOM   333  N N   . ALA A 1 48  ? -7.161  8.566   -5.022  1.00 26.56 ? 141 ALA A N   1 
ATOM   334  C CA  . ALA A 1 48  ? -6.404  7.274   -5.104  1.00 23.64 ? 141 ALA A CA  1 
ATOM   335  C C   . ALA A 1 48  ? -5.804  7.126   -6.441  1.00 22.47 ? 141 ALA A C   1 
ATOM   336  O O   . ALA A 1 48  ? -4.667  6.832   -6.613  1.00 23.33 ? 141 ALA A O   1 
ATOM   337  C CB  . ALA A 1 48  ? -7.342  6.085   -4.827  1.00 23.57 ? 141 ALA A CB  1 
ATOM   338  N N   . ALA A 1 49  ? -6.600  7.336   -7.516  1.00 22.95 ? 142 ALA A N   1 
ATOM   339  C CA  . ALA A 1 49  ? -5.982  7.266   -8.814  1.00 21.66 ? 142 ALA A CA  1 
ATOM   340  C C   . ALA A 1 49  ? -4.868  8.280   -9.089  1.00 22.65 ? 142 ALA A C   1 
ATOM   341  O O   . ALA A 1 49  ? -3.872  7.929   -9.711  1.00 23.66 ? 142 ALA A O   1 
ATOM   342  C CB  . ALA A 1 49  ? -7.035  7.408   -9.890  1.00 25.22 ? 142 ALA A CB  1 
ATOM   343  N N   . ARG A 1 50  ? -5.033  9.492   -8.625  1.00 24.94 ? 143 ARG A N   1 
ATOM   344  C CA  . ARG A 1 50  ? -4.011  10.504  -8.828  1.00 26.56 ? 143 ARG A CA  1 
ATOM   345  C C   . ARG A 1 50  ? -2.742  10.144  -8.113  1.00 26.92 ? 143 ARG A C   1 
ATOM   346  O O   . ARG A 1 50  ? -1.672  10.219  -8.691  1.00 24.27 ? 143 ARG A O   1 
ATOM   347  C CB  . ARG A 1 50  ? -4.459  11.828  -8.288  1.00 27.56 ? 143 ARG A CB  1 
ATOM   348  C CG  . ARG A 1 50  ? -3.459  12.958  -8.466  1.00 31.14 ? 143 ARG A CG  1 
ATOM   349  C CD  . ARG A 1 50  ? -4.037  14.274  -7.889  1.00 31.88 ? 143 ARG A CD  1 
ATOM   350  N NE  . ARG A 1 50  ? -4.595  14.234  -6.520  1.00 32.14 ? 143 ARG A NE  1 
ATOM   351  C CZ  . ARG A 1 50  ? -3.886  14.242  -5.369  1.00 31.09 ? 143 ARG A CZ  1 
ATOM   352  N NH1 . ARG A 1 50  ? -2.565  14.330  -5.383  1.00 38.21 ? 143 ARG A NH1 1 
ATOM   353  N NH2 . ARG A 1 50  ? -4.493  14.189  -4.209  1.00 35.06 ? 143 ARG A NH2 1 
ATOM   354  N N   . GLU A 1 51  ? -2.885  9.813   -6.848  1.00 27.65 ? 144 GLU A N   1 
ATOM   355  C CA  . GLU A 1 51  ? -1.631  9.436   -6.088  1.00 26.58 ? 144 GLU A CA  1 
ATOM   356  C C   . GLU A 1 51  ? -0.946  8.197   -6.669  1.00 24.22 ? 144 GLU A C   1 
ATOM   357  O O   . GLU A 1 51  ? 0.290   8.083   -6.790  1.00 24.74 ? 144 GLU A O   1 
ATOM   358  C CB  . GLU A 1 51  ? -2.004  9.212   -4.672  1.00 27.15 ? 144 GLU A CB  1 
ATOM   359  C CG  . GLU A 1 51  ? -2.480  10.382  -3.899  1.00 28.36 ? 144 GLU A CG  1 
ATOM   360  C CD  . GLU A 1 51  ? -1.366  11.373  -3.584  1.00 42.45 ? 144 GLU A CD  1 
ATOM   361  O OE1 . GLU A 1 51  ? -0.169  11.057  -3.771  1.00 37.00 ? 144 GLU A OE1 1 
ATOM   362  O OE2 . GLU A 1 51  ? -1.682  12.468  -3.092  1.00 43.60 ? 144 GLU A OE2 1 
ATOM   363  N N   . VAL A 1 52  ? -1.728  7.170   -7.073  1.00 23.98 ? 145 VAL A N   1 
ATOM   364  C CA  . VAL A 1 52  ? -1.149  5.987   -7.587  1.00 23.30 ? 145 VAL A CA  1 
ATOM   365  C C   . VAL A 1 52  ? -0.465  6.246   -8.923  1.00 22.90 ? 145 VAL A C   1 
ATOM   366  O O   . VAL A 1 52  ? 0.591   5.715   -9.190  1.00 23.73 ? 145 VAL A O   1 
ATOM   367  C CB  . VAL A 1 52  ? -2.161  4.800   -7.613  1.00 21.76 ? 145 VAL A CB  1 
ATOM   368  C CG1 . VAL A 1 52  ? -1.585  3.690   -8.381  1.00 26.52 ? 145 VAL A CG1 1 
ATOM   369  C CG2 . VAL A 1 52  ? -2.628  4.461   -6.224  1.00 21.79 ? 145 VAL A CG2 1 
ATOM   370  N N   . PHE A 1 53  ? -1.089  7.111   -9.781  1.00 23.59 ? 146 PHE A N   1 
ATOM   371  C CA  . PHE A 1 53  ? -0.477  7.395   -11.039 1.00 22.15 ? 146 PHE A CA  1 
ATOM   372  C C   . PHE A 1 53  ? 0.823   8.238   -10.817 1.00 22.84 ? 146 PHE A C   1 
ATOM   373  O O   . PHE A 1 53  ? 1.799   7.993   -11.478 1.00 28.53 ? 146 PHE A O   1 
ATOM   374  C CB  . PHE A 1 53  ? -1.455  8.176   -11.972 1.00 23.64 ? 146 PHE A CB  1 
ATOM   375  C CG  . PHE A 1 53  ? -0.892  8.392   -13.344 1.00 27.69 ? 146 PHE A CG  1 
ATOM   376  C CD1 . PHE A 1 53  ? -0.821  7.387   -14.260 1.00 30.74 ? 146 PHE A CD1 1 
ATOM   377  C CD2 . PHE A 1 53  ? -0.309  9.604   -13.636 1.00 34.55 ? 146 PHE A CD2 1 
ATOM   378  C CE1 . PHE A 1 53  ? -0.306  7.609   -15.537 1.00 34.40 ? 146 PHE A CE1 1 
ATOM   379  C CE2 . PHE A 1 53  ? 0.233   9.847   -14.902 1.00 38.47 ? 146 PHE A CE2 1 
ATOM   380  C CZ  . PHE A 1 53  ? 0.247   8.837   -15.836 1.00 41.21 ? 146 PHE A CZ  1 
ATOM   381  N N   . GLU A 1 54  ? 0.777   9.148   -9.895  1.00 23.76 ? 147 GLU A N   1 
ATOM   382  C CA  . GLU A 1 54  ? 2.048   9.941   -9.568  1.00 29.01 ? 147 GLU A CA  1 
ATOM   383  C C   . GLU A 1 54  ? 3.186   9.071   -9.101  1.00 30.01 ? 147 GLU A C   1 
ATOM   384  O O   . GLU A 1 54  ? 4.377   9.263   -9.432  1.00 30.03 ? 147 GLU A O   1 
ATOM   385  C CB  . GLU A 1 54  ? 1.708   10.910  -8.490  1.00 34.38 ? 147 GLU A CB  1 
ATOM   386  C CG  . GLU A 1 54  ? 0.888   12.102  -8.955  1.00 43.35 ? 147 GLU A CG  1 
ATOM   387  C CD  . GLU A 1 54  ? 0.456   13.036  -7.770  1.00 50.97 ? 147 GLU A CD  1 
ATOM   388  O OE1 . GLU A 1 54  ? 0.780   12.706  -6.585  1.00 59.78 ? 147 GLU A OE1 1 
ATOM   389  O OE2 . GLU A 1 54  ? -0.214  14.115  -7.996  1.00 54.97 ? 147 GLU A OE2 1 
ATOM   390  N N   . GLU A 1 55  ? 2.813   8.078   -8.278  1.00 26.44 ? 148 GLU A N   1 
ATOM   391  C CA  . GLU A 1 55  ? 3.831   7.207   -7.637  1.00 25.28 ? 148 GLU A CA  1 
ATOM   392  C C   . GLU A 1 55  ? 4.290   6.005   -8.430  1.00 27.84 ? 148 GLU A C   1 
ATOM   393  O O   . GLU A 1 55  ? 5.345   5.471   -8.118  1.00 28.78 ? 148 GLU A O   1 
ATOM   394  C CB  . GLU A 1 55  ? 3.402   6.837   -6.211  1.00 26.66 ? 148 GLU A CB  1 
ATOM   395  C CG  . GLU A 1 55  ? 3.246   8.074   -5.346  1.00 26.92 ? 148 GLU A CG  1 
ATOM   396  C CD  . GLU A 1 55  ? 2.679   7.834   -4.000  1.00 34.53 ? 148 GLU A CD  1 
ATOM   397  O OE1 . GLU A 1 55  ? 2.680   6.680   -3.589  1.00 27.49 ? 148 GLU A OE1 1 
ATOM   398  O OE2 . GLU A 1 55  ? 2.178   8.821   -3.422  1.00 35.45 ? 148 GLU A OE2 1 
ATOM   399  N N   . THR A 1 56  ? 3.475   5.544   -9.409  1.00 24.54 ? 149 THR A N   1 
ATOM   400  C CA  . THR A 1 56  ? 3.725   4.344   -10.118 1.00 24.76 ? 149 THR A CA  1 
ATOM   401  C C   . THR A 1 56  ? 3.654   4.454   -11.615 1.00 24.89 ? 149 THR A C   1 
ATOM   402  O O   . THR A 1 56  ? 4.089   3.541   -12.289 1.00 29.04 ? 149 THR A O   1 
ATOM   403  C CB  . THR A 1 56  ? 2.731   3.200   -9.747  1.00 25.94 ? 149 THR A CB  1 
ATOM   404  O OG1 . THR A 1 56  ? 1.456   3.497   -10.294 1.00 25.80 ? 149 THR A OG1 1 
ATOM   405  C CG2 . THR A 1 56  ? 2.550   3.054   -8.234  1.00 24.34 ? 149 THR A CG2 1 
ATOM   406  N N   . GLY A 1 57  ? 3.010   5.488   -12.078 1.00 25.85 ? 150 GLY A N   1 
ATOM   407  C CA  . GLY A 1 57  ? 2.748   5.666   -13.538 1.00 28.46 ? 150 GLY A CA  1 
ATOM   408  C C   . GLY A 1 57  ? 1.682   4.744   -14.110 1.00 30.52 ? 150 GLY A C   1 
ATOM   409  O O   . GLY A 1 57  ? 1.534   4.643   -15.313 1.00 31.82 ? 150 GLY A O   1 
ATOM   410  N N   . PHE A 1 58  ? 0.959   4.058   -13.263 1.00 25.37 ? 151 PHE A N   1 
ATOM   411  C CA  . PHE A 1 58  ? -0.121  3.205   -13.657 1.00 25.11 ? 151 PHE A CA  1 
ATOM   412  C C   . PHE A 1 58  ? -1.443  3.819   -13.273 1.00 25.01 ? 151 PHE A C   1 
ATOM   413  O O   . PHE A 1 58  ? -1.629  4.303   -12.149 1.00 26.98 ? 151 PHE A O   1 
ATOM   414  C CB  . PHE A 1 58  ? 0.075   1.834   -13.127 1.00 25.73 ? 151 PHE A CB  1 
ATOM   415  C CG  . PHE A 1 58  ? -1.019  0.882   -13.527 1.00 25.02 ? 151 PHE A CG  1 
ATOM   416  C CD1 . PHE A 1 58  ? -0.935  0.237   -14.729 1.00 31.22 ? 151 PHE A CD1 1 
ATOM   417  C CD2 . PHE A 1 58  ? -2.054  0.589   -12.642 1.00 28.79 ? 151 PHE A CD2 1 
ATOM   418  C CE1 . PHE A 1 58  ? -1.929  -0.598  -15.144 1.00 32.32 ? 151 PHE A CE1 1 
ATOM   419  C CE2 . PHE A 1 58  ? -3.031  -0.342  -13.016 1.00 31.72 ? 151 PHE A CE2 1 
ATOM   420  C CZ  . PHE A 1 58  ? -2.944  -0.870  -14.313 1.00 27.90 ? 151 PHE A CZ  1 
ATOM   421  N N   . ASP A 1 59  ? -2.406  3.864   -14.211 1.00 27.44 ? 152 ASP A N   1 
ATOM   422  C CA  . ASP A 1 59  ? -3.684  4.518   -13.979 1.00 28.84 ? 152 ASP A CA  1 
ATOM   423  C C   . ASP A 1 59  ? -4.708  3.489   -13.606 1.00 29.14 ? 152 ASP A C   1 
ATOM   424  O O   . ASP A 1 59  ? -5.057  2.588   -14.424 1.00 26.21 ? 152 ASP A O   1 
ATOM   425  C CB  . ASP A 1 59  ? -4.167  5.237   -15.282 1.00 28.49 ? 152 ASP A CB  1 
ATOM   426  C CG  . ASP A 1 59  ? -5.383  6.041   -15.077 1.00 36.21 ? 152 ASP A CG  1 
ATOM   427  O OD1 . ASP A 1 59  ? -6.050  6.104   -14.005 1.00 29.90 ? 152 ASP A OD1 1 
ATOM   428  O OD2 . ASP A 1 59  ? -5.727  6.665   -16.100 1.00 42.63 ? 152 ASP A OD2 1 
ATOM   429  N N   . ILE A 1 60  ? -5.229  3.609   -12.398 1.00 26.72 ? 153 ILE A N   1 
ATOM   430  C CA  . ILE A 1 60  ? -6.187  2.591   -11.851 1.00 26.62 ? 153 ILE A CA  1 
ATOM   431  C C   . ILE A 1 60  ? -7.619  2.975   -12.082 1.00 26.19 ? 153 ILE A C   1 
ATOM   432  O O   . ILE A 1 60  ? -8.517  2.331   -11.623 1.00 26.20 ? 153 ILE A O   1 
ATOM   433  C CB  . ILE A 1 60  ? -5.997  2.306   -10.347 1.00 25.61 ? 153 ILE A CB  1 
ATOM   434  C CG1 . ILE A 1 60  ? -6.202  3.522   -9.468  1.00 26.90 ? 153 ILE A CG1 1 
ATOM   435  C CG2 . ILE A 1 60  ? -4.631  1.675   -10.127 1.00 28.50 ? 153 ILE A CG2 1 
ATOM   436  C CD1 . ILE A 1 60  ? -6.268  3.207   -7.957  1.00 26.80 ? 153 ILE A CD1 1 
ATOM   437  N N   . LYS A 1 61  ? -7.838  4.106   -12.705 1.00 27.49 ? 154 LYS A N   1 
ATOM   438  C CA  . LYS A 1 61  ? -9.146  4.719   -12.629 1.00 28.58 ? 154 LYS A CA  1 
ATOM   439  C C   . LYS A 1 61  ? -10.241 3.743   -13.177 1.00 27.17 ? 154 LYS A C   1 
ATOM   440  O O   . LYS A 1 61  ? -11.299 3.651   -12.593 1.00 29.73 ? 154 LYS A O   1 
ATOM   441  C CB  . LYS A 1 61  ? -9.160  6.055   -13.420 1.00 33.82 ? 154 LYS A CB  1 
ATOM   442  C CG  . LYS A 1 61  ? -10.523 6.483   -13.937 1.00 46.38 ? 154 LYS A CG  1 
ATOM   443  C CD  . LYS A 1 61  ? -10.536 7.875   -14.638 1.00 52.79 ? 154 LYS A CD  1 
ATOM   444  C CE  . LYS A 1 61  ? -9.330  8.120   -15.587 1.00 55.53 ? 154 LYS A CE  1 
ATOM   445  N NZ  . LYS A 1 61  ? -9.192  7.187   -16.750 1.00 67.25 ? 154 LYS A NZ  1 
ATOM   446  N N   . ASP A 1 62  ? -9.927  3.141   -14.288 1.00 26.55 ? 155 ASP A N   1 
ATOM   447  C CA  . ASP A 1 62  ? -10.901 2.167   -14.945 1.00 29.83 ? 155 ASP A CA  1 
ATOM   448  C C   . ASP A 1 62  ? -11.076 0.896   -14.173 1.00 33.13 ? 155 ASP A C   1 
ATOM   449  O O   . ASP A 1 62  ? -11.992 0.098   -14.470 1.00 29.90 ? 155 ASP A O   1 
ATOM   450  C CB  . ASP A 1 62  ? -10.421 1.846   -16.358 1.00 33.50 ? 155 ASP A CB  1 
ATOM   451  C CG  . ASP A 1 62  ? -10.547 3.021   -17.310 1.00 37.49 ? 155 ASP A CG  1 
ATOM   452  O OD1 . ASP A 1 62  ? -11.258 3.967   -17.034 1.00 41.48 ? 155 ASP A OD1 1 
ATOM   453  O OD2 . ASP A 1 62  ? -9.951  2.937   -18.367 1.00 46.09 ? 155 ASP A OD2 1 
ATOM   454  N N   . TYR A 1 63  ? -10.246 0.665   -13.117 1.00 29.23 ? 156 TYR A N   1 
ATOM   455  C CA  . TYR A 1 63  ? -10.279 -0.632  -12.379 1.00 28.46 ? 156 TYR A CA  1 
ATOM   456  C C   . TYR A 1 63  ? -10.788 -0.523  -10.967 1.00 26.39 ? 156 TYR A C   1 
ATOM   457  O O   . TYR A 1 63  ? -11.145 -1.480  -10.307 1.00 31.56 ? 156 TYR A O   1 
ATOM   458  C CB  . TYR A 1 63  ? -8.869  -1.211  -12.318 1.00 27.39 ? 156 TYR A CB  1 
ATOM   459  C CG  . TYR A 1 63  ? -8.291  -1.370  -13.606 1.00 27.73 ? 156 TYR A CG  1 
ATOM   460  C CD1 . TYR A 1 63  ? -9.084  -2.035  -14.616 1.00 32.99 ? 156 TYR A CD1 1 
ATOM   461  C CD2 . TYR A 1 63  ? -7.247  -0.641  -14.015 1.00 31.37 ? 156 TYR A CD2 1 
ATOM   462  C CE1 . TYR A 1 63  ? -8.674  -2.070  -15.908 1.00 35.05 ? 156 TYR A CE1 1 
ATOM   463  C CE2 . TYR A 1 63  ? -6.769  -0.690  -15.307 1.00 33.83 ? 156 TYR A CE2 1 
ATOM   464  C CZ  . TYR A 1 63  ? -7.485  -1.424  -16.252 1.00 40.18 ? 156 TYR A CZ  1 
ATOM   465  O OH  . TYR A 1 63  ? -7.065  -1.446  -17.540 1.00 45.30 ? 156 TYR A OH  1 
ATOM   466  N N   . ILE A 1 64  ? -10.833 0.692   -10.408 1.00 24.81 ? 157 ILE A N   1 
ATOM   467  C CA  . ILE A 1 64  ? -11.369 0.836   -9.085  1.00 26.22 ? 157 ILE A CA  1 
ATOM   468  C C   . ILE A 1 64  ? -12.754 0.307   -8.890  1.00 32.79 ? 157 ILE A C   1 
ATOM   469  O O   . ILE A 1 64  ? -13.666 0.571   -9.715  1.00 33.83 ? 157 ILE A O   1 
ATOM   470  C CB  . ILE A 1 64  ? -11.373 2.353   -8.609  1.00 28.51 ? 157 ILE A CB  1 
ATOM   471  C CG1 . ILE A 1 64  ? -9.978  2.771   -8.316  1.00 32.92 ? 157 ILE A CG1 1 
ATOM   472  C CG2 . ILE A 1 64  ? -12.087 2.568   -7.283  1.00 28.14 ? 157 ILE A CG2 1 
ATOM   473  C CD1 . ILE A 1 64  ? -9.855  4.314   -8.116  1.00 29.92 ? 157 ILE A CD1 1 
ATOM   474  N N   A CYS A 1 65  ? -12.947 -0.457  -7.824  0.25 27.33 ? 158 CYS A N   1 
ATOM   475  N N   B CYS A 1 65  ? -12.968 -0.398  -7.792  0.25 30.92 ? 158 CYS A N   1 
ATOM   476  C CA  A CYS A 1 65  ? -14.277 -0.835  -7.385  0.25 28.83 ? 158 CYS A CA  1 
ATOM   477  C CA  B CYS A 1 65  ? -14.287 -0.884  -7.442  0.25 34.98 ? 158 CYS A CA  1 
ATOM   478  C C   A CYS A 1 65  ? -14.572 -0.106  -6.114  0.25 31.85 ? 158 CYS A C   1 
ATOM   479  C C   B CYS A 1 65  ? -14.666 -0.277  -6.102  0.25 35.42 ? 158 CYS A C   1 
ATOM   480  O O   A CYS A 1 65  ? -13.785 -0.118  -5.161  0.25 27.76 ? 158 CYS A O   1 
ATOM   481  O O   B CYS A 1 65  ? -14.032 -0.583  -5.089  0.25 32.82 ? 158 CYS A O   1 
ATOM   482  C CB  A CYS A 1 65  ? -14.408 -2.322  -7.171  0.25 28.09 ? 158 CYS A CB  1 
ATOM   483  C CB  B CYS A 1 65  ? -14.288 -2.405  -7.414  0.25 37.85 ? 158 CYS A CB  1 
ATOM   484  S SG  A CYS A 1 65  ? -14.182 -3.262  -8.677  0.25 24.94 ? 158 CYS A SG  1 
ATOM   485  S SG  B CYS A 1 65  ? -15.837 -3.130  -6.857  0.25 44.67 ? 158 CYS A SG  1 
ATOM   486  N N   . LYS A 1 66  ? -15.712 0.565   -6.106  1.00 35.52 ? 159 LYS A N   1 
ATOM   487  C CA  . LYS A 1 66  ? -16.058 1.455   -5.011  1.00 37.08 ? 159 LYS A CA  1 
ATOM   488  C C   . LYS A 1 66  ? -16.154 0.823   -3.646  1.00 31.65 ? 159 LYS A C   1 
ATOM   489  O O   . LYS A 1 66  ? -15.776 1.464   -2.660  1.00 36.70 ? 159 LYS A O   1 
ATOM   490  C CB  . LYS A 1 66  ? -17.413 2.159   -5.307  1.00 38.58 ? 159 LYS A CB  1 
ATOM   491  C CG  . LYS A 1 66  ? -18.634 1.297   -5.078  1.00 49.24 ? 159 LYS A CG  1 
ATOM   492  N N   . ASP A 1 67  ? -16.586 -0.428  -3.555  1.00 32.36 ? 160 ASP A N   1 
ATOM   493  C CA  . ASP A 1 67  ? -16.724 -1.114  -2.318  1.00 40.98 ? 160 ASP A CA  1 
ATOM   494  C C   . ASP A 1 67  ? -15.531 -1.957  -1.955  1.00 35.66 ? 160 ASP A C   1 
ATOM   495  O O   . ASP A 1 67  ? -15.563 -2.592  -0.914  1.00 36.44 ? 160 ASP A O   1 
ATOM   496  C CB  . ASP A 1 67  ? -17.973 -1.994  -2.370  1.00 44.53 ? 160 ASP A CB  1 
ATOM   497  C CG  . ASP A 1 67  ? -19.229 -1.139  -2.424  1.00 59.23 ? 160 ASP A CG  1 
ATOM   498  O OD1 . ASP A 1 67  ? -19.309 -0.216  -1.591  1.00 63.89 ? 160 ASP A OD1 1 
ATOM   499  O OD2 . ASP A 1 67  ? -20.049 -1.326  -3.341  1.00 63.52 ? 160 ASP A OD2 1 
ATOM   500  N N   . ASP A 1 68  ? -14.480 -1.972  -2.780  1.00 33.28 ? 161 ASP A N   1 
ATOM   501  C CA  . ASP A 1 68  ? -13.384 -2.967  -2.516  1.00 29.62 ? 161 ASP A CA  1 
ATOM   502  C C   . ASP A 1 68  ? -12.151 -2.163  -2.059  1.00 25.71 ? 161 ASP A C   1 
ATOM   503  O O   . ASP A 1 68  ? -11.401 -1.626  -2.884  1.00 25.16 ? 161 ASP A O   1 
ATOM   504  C CB  . ASP A 1 68  ? -12.979 -3.688  -3.774  1.00 25.72 ? 161 ASP A CB  1 
ATOM   505  C CG  . ASP A 1 68  ? -14.037 -4.667  -4.292  1.00 35.22 ? 161 ASP A CG  1 
ATOM   506  O OD1 . ASP A 1 68  ? -15.023 -4.901  -3.564  1.00 32.59 ? 161 ASP A OD1 1 
ATOM   507  O OD2 . ASP A 1 68  ? -13.853 -5.226  -5.378  1.00 32.48 ? 161 ASP A OD2 1 
ATOM   508  N N   . TYR A 1 69  ? -11.970 -2.080  -0.764  1.00 28.80 ? 162 TYR A N   1 
ATOM   509  C CA  . TYR A 1 69  ? -10.896 -1.274  -0.170  1.00 24.33 ? 162 TYR A CA  1 
ATOM   510  C C   . TYR A 1 69  ? -10.667 -1.751  1.256   1.00 29.55 ? 162 TYR A C   1 
ATOM   511  O O   . TYR A 1 69  ? -11.512 -2.486  1.825   1.00 31.33 ? 162 TYR A O   1 
ATOM   512  C CB  . TYR A 1 69  ? -11.178 0.241   -0.254  1.00 24.15 ? 162 TYR A CB  1 
ATOM   513  C CG  . TYR A 1 69  ? -12.444 0.705   0.515   1.00 28.07 ? 162 TYR A CG  1 
ATOM   514  C CD1 . TYR A 1 69  ? -12.458 0.823   1.928   1.00 33.38 ? 162 TYR A CD1 1 
ATOM   515  C CD2 . TYR A 1 69  ? -13.603 1.004   -0.194  1.00 34.51 ? 162 TYR A CD2 1 
ATOM   516  C CE1 . TYR A 1 69  ? -13.608 1.218   2.606   1.00 36.90 ? 162 TYR A CE1 1 
ATOM   517  C CE2 . TYR A 1 69  ? -14.759 1.428   0.506   1.00 36.05 ? 162 TYR A CE2 1 
ATOM   518  C CZ  . TYR A 1 69  ? -14.737 1.541   1.855   1.00 41.45 ? 162 TYR A CZ  1 
ATOM   519  O OH  . TYR A 1 69  ? -15.907 1.938   2.466   1.00 43.99 ? 162 TYR A OH  1 
ATOM   520  N N   . ILE A 1 70  ? -9.492  -1.451  1.781   1.00 26.79 ? 163 ILE A N   1 
ATOM   521  C CA  . ILE A 1 70  ? -9.195  -1.607  3.226   1.00 29.00 ? 163 ILE A CA  1 
ATOM   522  C C   . ILE A 1 70  ? -8.913  -0.252  3.746   1.00 27.66 ? 163 ILE A C   1 
ATOM   523  O O   . ILE A 1 70  ? -8.128  0.499   3.192   1.00 25.33 ? 163 ILE A O   1 
ATOM   524  C CB  . ILE A 1 70  ? -7.982  -2.560  3.354   1.00 34.57 ? 163 ILE A CB  1 
ATOM   525  C CG1 . ILE A 1 70  ? -8.557  -3.956  3.130   1.00 38.78 ? 163 ILE A CG1 1 
ATOM   526  C CG2 . ILE A 1 70  ? -7.372  -2.556  4.767   1.00 41.70 ? 163 ILE A CG2 1 
ATOM   527  C CD1 . ILE A 1 70  ? -7.479  -4.962  2.800   1.00 40.31 ? 163 ILE A CD1 1 
ATOM   528  N N   . GLU A 1 71  ? -9.534  0.076   4.899   1.00 26.18 ? 164 GLU A N   1 
ATOM   529  C CA  . GLU A 1 71  ? -9.341  1.343   5.472   1.00 28.67 ? 164 GLU A CA  1 
ATOM   530  C C   . GLU A 1 71  ? -8.916  1.146   6.912   1.00 32.90 ? 164 GLU A C   1 
ATOM   531  O O   . GLU A 1 71  ? -9.451  0.259   7.542   1.00 33.74 ? 164 GLU A O   1 
ATOM   532  C CB  . GLU A 1 71  ? -10.657 2.037   5.353   1.00 32.75 ? 164 GLU A CB  1 
ATOM   533  C CG  . GLU A 1 71  ? -10.750 3.375   5.888   1.00 37.51 ? 164 GLU A CG  1 
ATOM   534  C CD  . GLU A 1 71  ? -12.184 3.882   5.608   1.00 48.80 ? 164 GLU A CD  1 
ATOM   535  O OE1 . GLU A 1 71  ? -13.141 3.415   6.283   1.00 60.55 ? 164 GLU A OE1 1 
ATOM   536  O OE2 . GLU A 1 71  ? -12.329 4.685   4.699   1.00 45.17 ? 164 GLU A OE2 1 
ATOM   537  N N   . LEU A 1 72  ? -7.920  1.893   7.326   1.00 28.80 ? 165 LEU A N   1 
ATOM   538  C CA  . LEU A 1 72  ? -7.400  1.913   8.671   1.00 30.46 ? 165 LEU A CA  1 
ATOM   539  C C   . LEU A 1 72  ? -7.255  3.342   9.176   1.00 31.30 ? 165 LEU A C   1 
ATOM   540  O O   . LEU A 1 72  ? -6.825  4.251   8.498   1.00 32.01 ? 165 LEU A O   1 
ATOM   541  C CB  . LEU A 1 72  ? -5.993  1.319   8.735   1.00 29.78 ? 165 LEU A CB  1 
ATOM   542  C CG  . LEU A 1 72  ? -5.988  -0.116  8.276   1.00 32.02 ? 165 LEU A CG  1 
ATOM   543  C CD1 . LEU A 1 72  ? -4.541  -0.592  8.353   1.00 32.67 ? 165 LEU A CD1 1 
ATOM   544  C CD2 . LEU A 1 72  ? -6.916  -1.046  9.091   1.00 41.03 ? 165 LEU A CD2 1 
ATOM   545  N N   . ARG A 1 73  ? -7.511  3.538   10.486  1.00 32.12 ? 166 ARG A N   1 
ATOM   546  C CA  . ARG A 1 73  ? -7.261  4.834   11.067  1.00 32.81 ? 166 ARG A CA  1 
ATOM   547  C C   . ARG A 1 73  ? -6.100  4.672   11.980  1.00 35.90 ? 166 ARG A C   1 
ATOM   548  O O   . ARG A 1 73  ? -6.170  3.924   12.969  1.00 40.34 ? 166 ARG A O   1 
ATOM   549  C CB  . ARG A 1 73  ? -8.503  5.394   11.829  1.00 37.69 ? 166 ARG A CB  1 
ATOM   550  C CG  . ARG A 1 73  ? -8.299  6.802   12.397  1.00 41.59 ? 166 ARG A CG  1 
ATOM   551  C CD  . ARG A 1 73  ? -9.428  7.161   13.370  1.00 53.02 ? 166 ARG A CD  1 
ATOM   552  N NE  . ARG A 1 73  ? -9.411  6.290   14.579  1.00 50.27 ? 166 ARG A NE  1 
ATOM   553  C CZ  . ARG A 1 73  ? -10.496 5.849   15.240  1.00 55.51 ? 166 ARG A CZ  1 
ATOM   554  N NH1 . ARG A 1 73  ? -11.745 6.153   14.862  1.00 54.42 ? 166 ARG A NH1 1 
ATOM   555  N NH2 . ARG A 1 73  ? -10.354 5.077   16.305  1.00 51.41 ? 166 ARG A NH2 1 
ATOM   556  N N   . ILE A 1 74  ? -5.005  5.307   11.652  1.00 27.31 ? 167 ILE A N   1 
ATOM   557  C CA  . ILE A 1 74  ? -3.803  5.225   12.370  1.00 31.53 ? 167 ILE A CA  1 
ATOM   558  C C   . ILE A 1 74  ? -3.486  6.574   12.940  1.00 35.51 ? 167 ILE A C   1 
ATOM   559  O O   . ILE A 1 74  ? -3.264  7.539   12.169  1.00 33.46 ? 167 ILE A O   1 
ATOM   560  C CB  . ILE A 1 74  ? -2.680  4.832   11.419  1.00 37.87 ? 167 ILE A CB  1 
ATOM   561  C CG1 . ILE A 1 74  ? -3.058  3.488   10.780  1.00 42.56 ? 167 ILE A CG1 1 
ATOM   562  C CG2 . ILE A 1 74  ? -1.318  4.777   12.151  1.00 41.99 ? 167 ILE A CG2 1 
ATOM   563  C CD1 . ILE A 1 74  ? -1.940  2.815   10.054  1.00 43.48 ? 167 ILE A CD1 1 
ATOM   564  N N   . ASN A 1 75  ? -3.427  6.671   14.270  1.00 31.71 ? 168 ASN A N   1 
ATOM   565  C CA  . ASN A 1 75  ? -3.178  7.966   14.932  1.00 34.53 ? 168 ASN A CA  1 
ATOM   566  C C   . ASN A 1 75  ? -4.010  9.092   14.374  1.00 37.64 ? 168 ASN A C   1 
ATOM   567  O O   . ASN A 1 75  ? -3.491  10.164  14.058  1.00 47.03 ? 168 ASN A O   1 
ATOM   568  C CB  . ASN A 1 75  ? -1.734  8.349   14.786  1.00 38.89 ? 168 ASN A CB  1 
ATOM   569  C CG  . ASN A 1 75  ? -0.844  7.389   15.477  1.00 39.69 ? 168 ASN A CG  1 
ATOM   570  O OD1 . ASN A 1 75  ? -1.192  6.896   16.546  1.00 41.27 ? 168 ASN A OD1 1 
ATOM   571  N ND2 . ASN A 1 75  ? 0.276   7.024   14.836  1.00 41.98 ? 168 ASN A ND2 1 
ATOM   572  N N   . ASP A 1 76  ? -5.270  8.773   14.277  1.00 32.09 ? 169 ASP A N   1 
ATOM   573  C CA  . ASP A 1 76  ? -6.360  9.591   13.925  1.00 48.25 ? 169 ASP A CA  1 
ATOM   574  C C   . ASP A 1 76  ? -6.173  10.155  12.491  1.00 47.40 ? 169 ASP A C   1 
ATOM   575  O O   . ASP A 1 76  ? -6.573  11.270  12.198  1.00 45.01 ? 169 ASP A O   1 
ATOM   576  C CB  . ASP A 1 76  ? -6.588  10.648  15.034  1.00 58.11 ? 169 ASP A CB  1 
ATOM   577  C CG  . ASP A 1 76  ? -8.015  10.597  15.612  1.00 69.49 ? 169 ASP A CG  1 
ATOM   578  O OD1 . ASP A 1 76  ? -8.424  9.781   16.599  1.00 49.52 ? 169 ASP A OD1 1 
ATOM   579  O OD2 . ASP A 1 76  ? -8.736  11.438  15.023  1.00 74.31 ? 169 ASP A OD2 1 
ATOM   580  N N   . GLN A 1 77  ? -5.514  9.405   11.618  1.00 40.26 ? 170 GLN A N   1 
ATOM   581  C CA  . GLN A 1 77  ? -5.557  9.732   10.134  1.00 40.75 ? 170 GLN A CA  1 
ATOM   582  C C   . GLN A 1 77  ? -6.075  8.508   9.415   1.00 41.61 ? 170 GLN A C   1 
ATOM   583  O O   . GLN A 1 77  ? -5.615  7.400   9.700   1.00 35.82 ? 170 GLN A O   1 
ATOM   584  C CB  . GLN A 1 77  ? -4.209  10.084  9.614   1.00 45.83 ? 170 GLN A CB  1 
ATOM   585  C CG  . GLN A 1 77  ? -4.252  10.581  8.162   1.00 55.70 ? 170 GLN A CG  1 
ATOM   586  C CD  . GLN A 1 77  ? -2.951  11.217  7.733   1.00 54.93 ? 170 GLN A CD  1 
ATOM   587  O OE1 . GLN A 1 77  ? -1.919  10.558  7.730   1.00 70.46 ? 170 GLN A OE1 1 
ATOM   588  N NE2 . GLN A 1 77  ? -2.996  12.493  7.348   1.00 71.94 ? 170 GLN A NE2 1 
ATOM   589  N N   . LEU A 1 78  ? -7.006  8.701   8.497   1.00 33.15 ? 171 LEU A N   1 
ATOM   590  C CA  . LEU A 1 78  ? -7.655  7.608   7.851   1.00 37.39 ? 171 LEU A CA  1 
ATOM   591  C C   . LEU A 1 78  ? -6.873  7.312   6.588   1.00 31.32 ? 171 LEU A C   1 
ATOM   592  O O   . LEU A 1 78  ? -6.498  8.228   5.966   1.00 34.89 ? 171 LEU A O   1 
ATOM   593  C CB  . LEU A 1 78  ? -9.037  8.041   7.484   1.00 46.52 ? 171 LEU A CB  1 
ATOM   594  C CG  . LEU A 1 78  ? -9.935  6.982   6.913   1.00 55.43 ? 171 LEU A CG  1 
ATOM   595  C CD1 . LEU A 1 78  ? -10.669 6.325   8.085   1.00 67.18 ? 171 LEU A CD1 1 
ATOM   596  C CD2 . LEU A 1 78  ? -10.861 7.610   5.863   1.00 55.12 ? 171 LEU A CD2 1 
ATOM   597  N N   . ALA A 1 79  ? -6.565  6.027   6.311   1.00 27.90 ? 172 ALA A N   1 
ATOM   598  C CA  . ALA A 1 79  ? -5.952  5.639   5.055   1.00 26.83 ? 172 ALA A CA  1 
ATOM   599  C C   . ALA A 1 79  ? -6.855  4.559   4.436   1.00 28.65 ? 172 ALA A C   1 
ATOM   600  O O   . ALA A 1 79  ? -7.136  3.473   5.007   1.00 28.00 ? 172 ALA A O   1 
ATOM   601  C CB  . ALA A 1 79  ? -4.513  5.138   5.281   1.00 31.04 ? 172 ALA A CB  1 
ATOM   602  N N   . ARG A 1 80  ? -7.261  4.834   3.200   1.00 25.73 ? 173 ARG A N   1 
ATOM   603  C CA  . ARG A 1 80  ? -8.082  3.939   2.465   1.00 23.89 ? 173 ARG A CA  1 
ATOM   604  C C   . ARG A 1 80  ? -7.408  3.526   1.177   1.00 23.98 ? 173 ARG A C   1 
ATOM   605  O O   . ARG A 1 80  ? -6.958  4.389   0.390   1.00 26.05 ? 173 ARG A O   1 
ATOM   606  C CB  . ARG A 1 80  ? -9.443  4.561   2.129   1.00 26.43 ? 173 ARG A CB  1 
ATOM   607  C CG  . ARG A 1 80  ? -10.267 3.572   1.311   1.00 25.47 ? 173 ARG A CG  1 
ATOM   608  C CD  . ARG A 1 80  ? -11.450 4.301   0.710   1.00 27.81 ? 173 ARG A CD  1 
ATOM   609  N NE  . ARG A 1 80  ? -12.380 4.547   1.808   1.00 34.25 ? 173 ARG A NE  1 
ATOM   610  C CZ  . ARG A 1 80  ? -13.529 5.217   1.634   1.00 42.81 ? 173 ARG A CZ  1 
ATOM   611  N NH1 . ARG A 1 80  ? -13.874 5.673   0.432   1.00 42.00 ? 173 ARG A NH1 1 
ATOM   612  N NH2 . ARG A 1 80  ? -14.332 5.372   2.646   1.00 41.82 ? 173 ARG A NH2 1 
ATOM   613  N N   . LEU A 1 81  ? -7.167  2.198   1.046   1.00 22.20 ? 174 LEU A N   1 
ATOM   614  C CA  . LEU A 1 81  ? -6.475  1.660   -0.096  1.00 20.99 ? 174 LEU A CA  1 
ATOM   615  C C   . LEU A 1 81  ? -7.481  0.812   -0.849  1.00 21.18 ? 174 LEU A C   1 
ATOM   616  O O   . LEU A 1 81  ? -7.933  -0.256  -0.364  1.00 21.63 ? 174 LEU A O   1 
ATOM   617  C CB  . LEU A 1 81  ? -5.270  0.745   0.282   1.00 20.71 ? 174 LEU A CB  1 
ATOM   618  C CG  . LEU A 1 81  ? -4.207  1.496   1.126   1.00 22.41 ? 174 LEU A CG  1 
ATOM   619  C CD1 . LEU A 1 81  ? -3.136  0.506   1.480   1.00 21.48 ? 174 LEU A CD1 1 
ATOM   620  C CD2 . LEU A 1 81  ? -3.617  2.748   0.430   1.00 23.83 ? 174 LEU A CD2 1 
ATOM   621  N N   . TYR A 1 82  ? -7.768  1.201   -2.075  1.00 22.86 ? 175 TYR A N   1 
ATOM   622  C CA  . TYR A 1 82  ? -8.589  0.427   -2.941  1.00 23.08 ? 175 TYR A CA  1 
ATOM   623  C C   . TYR A 1 82  ? -7.880  -0.799  -3.470  1.00 25.18 ? 175 TYR A C   1 
ATOM   624  O O   . TYR A 1 82  ? -6.678  -0.722  -3.842  1.00 21.04 ? 175 TYR A O   1 
ATOM   625  C CB  . TYR A 1 82  ? -9.051  1.257   -4.132  1.00 22.66 ? 175 TYR A CB  1 
ATOM   626  C CG  . TYR A 1 82  ? -9.991  2.313   -3.726  1.00 22.56 ? 175 TYR A CG  1 
ATOM   627  C CD1 . TYR A 1 82  ? -11.363 2.001   -3.601  1.00 26.25 ? 175 TYR A CD1 1 
ATOM   628  C CD2 . TYR A 1 82  ? -9.582  3.565   -3.391  1.00 26.86 ? 175 TYR A CD2 1 
ATOM   629  C CE1 . TYR A 1 82  ? -12.260 2.967   -3.164  1.00 29.47 ? 175 TYR A CE1 1 
ATOM   630  C CE2 . TYR A 1 82  ? -10.491 4.490   -2.902  1.00 28.71 ? 175 TYR A CE2 1 
ATOM   631  C CZ  . TYR A 1 82  ? -11.817 4.160   -2.821  1.00 30.63 ? 175 TYR A CZ  1 
ATOM   632  O OH  . TYR A 1 82  ? -12.710 5.114   -2.384  1.00 32.34 ? 175 TYR A OH  1 
ATOM   633  N N   . ILE A 1 83  ? -8.560  -1.956  -3.461  1.00 21.94 ? 176 ILE A N   1 
ATOM   634  C CA  . ILE A 1 83  ? -7.978  -3.185  -3.889  1.00 21.42 ? 176 ILE A CA  1 
ATOM   635  C C   . ILE A 1 83  ? -8.117  -3.374  -5.398  1.00 22.31 ? 176 ILE A C   1 
ATOM   636  O O   . ILE A 1 83  ? -9.221  -3.332  -5.887  1.00 25.29 ? 176 ILE A O   1 
ATOM   637  C CB  . ILE A 1 83  ? -8.549  -4.360  -3.066  1.00 22.34 ? 176 ILE A CB  1 
ATOM   638  C CG1 . ILE A 1 83  ? -8.129  -4.133  -1.560  1.00 27.38 ? 176 ILE A CG1 1 
ATOM   639  C CG2 . ILE A 1 83  ? -7.969  -5.619  -3.504  1.00 23.44 ? 176 ILE A CG2 1 
ATOM   640  C CD1 . ILE A 1 83  ? -8.884  -5.018  -0.650  1.00 40.74 ? 176 ILE A CD1 1 
ATOM   641  N N   . ILE A 1 84  ? -6.988  -3.539  -6.103  1.00 19.65 ? 177 ILE A N   1 
ATOM   642  C CA  . ILE A 1 84  ? -6.925  -3.618  -7.600  1.00 20.56 ? 177 ILE A CA  1 
ATOM   643  C C   . ILE A 1 84  ? -6.244  -4.895  -8.012  1.00 21.36 ? 177 ILE A C   1 
ATOM   644  O O   . ILE A 1 84  ? -5.057  -4.898  -8.241  1.00 19.79 ? 177 ILE A O   1 
ATOM   645  C CB  . ILE A 1 84  ? -6.165  -2.433  -8.165  1.00 22.84 ? 177 ILE A CB  1 
ATOM   646  C CG1 . ILE A 1 84  ? -6.689  -1.110  -7.610  1.00 25.14 ? 177 ILE A CG1 1 
ATOM   647  C CG2 . ILE A 1 84  ? -6.254  -2.415  -9.668  1.00 21.95 ? 177 ILE A CG2 1 
ATOM   648  C CD1 . ILE A 1 84  ? -8.089  -0.701  -7.949  1.00 28.25 ? 177 ILE A CD1 1 
ATOM   649  N N   . PRO A 1 85  ? -6.976  -6.008  -8.139  1.00 20.90 ? 178 PRO A N   1 
ATOM   650  C CA  . PRO A 1 85  ? -6.323  -7.301  -8.497  1.00 20.55 ? 178 PRO A CA  1 
ATOM   651  C C   . PRO A 1 85  ? -6.136  -7.415  -9.972  1.00 22.71 ? 178 PRO A C   1 
ATOM   652  O O   . PRO A 1 85  ? -6.669  -6.607  -10.749 1.00 22.88 ? 178 PRO A O   1 
ATOM   653  C CB  . PRO A 1 85  ? -7.357  -8.369  -8.087  1.00 26.07 ? 178 PRO A CB  1 
ATOM   654  C CG  . PRO A 1 85  ? -8.392  -7.641  -7.414  1.00 26.32 ? 178 PRO A CG  1 
ATOM   655  C CD  . PRO A 1 85  ? -8.383  -6.191  -7.759  1.00 22.97 ? 178 PRO A CD  1 
ATOM   656  N N   . GLY A 1 86  ? -5.322  -8.357  -10.372 1.00 21.34 ? 179 GLY A N   1 
ATOM   657  C CA  . GLY A 1 86  ? -5.227  -8.764  -11.744 1.00 23.19 ? 179 GLY A CA  1 
ATOM   658  C C   . GLY A 1 86  ? -4.372  -7.944  -12.639 1.00 24.83 ? 179 GLY A C   1 
ATOM   659  O O   . GLY A 1 86  ? -4.625  -7.902  -13.846 1.00 27.15 ? 179 GLY A O   1 
ATOM   660  N N   . ILE A 1 87  ? -3.470  -7.139  -12.092 1.00 22.41 ? 180 ILE A N   1 
ATOM   661  C CA  . ILE A 1 87  ? -2.583  -6.312  -12.870 1.00 23.33 ? 180 ILE A CA  1 
ATOM   662  C C   . ILE A 1 87  ? -1.316  -7.094  -13.266 1.00 27.23 ? 180 ILE A C   1 
ATOM   663  O O   . ILE A 1 87  ? -0.609  -7.579  -12.437 1.00 24.75 ? 180 ILE A O   1 
ATOM   664  C CB  . ILE A 1 87  ? -2.191  -4.998  -12.119 1.00 23.73 ? 180 ILE A CB  1 
ATOM   665  C CG1 . ILE A 1 87  ? -3.425  -4.240  -11.730 1.00 22.25 ? 180 ILE A CG1 1 
ATOM   666  C CG2 . ILE A 1 87  ? -1.271  -4.170  -12.992 1.00 26.43 ? 180 ILE A CG2 1 
ATOM   667  C CD1 . ILE A 1 87  ? -4.472  -4.033  -12.820 1.00 24.01 ? 180 ILE A CD1 1 
ATOM   668  N N   . PRO A 1 88  ? -1.028  -7.273  -14.589 1.00 27.12 ? 181 PRO A N   1 
ATOM   669  C CA  . PRO A 1 88  ? 0.067   -8.189  -14.938 1.00 29.05 ? 181 PRO A CA  1 
ATOM   670  C C   . PRO A 1 88  ? 1.423   -7.777  -14.407 1.00 28.31 ? 181 PRO A C   1 
ATOM   671  O O   . PRO A 1 88  ? 1.742   -6.567  -14.308 1.00 26.25 ? 181 PRO A O   1 
ATOM   672  C CB  . PRO A 1 88  ? 0.042   -8.213  -16.502 1.00 36.68 ? 181 PRO A CB  1 
ATOM   673  C CG  . PRO A 1 88  ? -1.367  -7.888  -16.853 1.00 35.46 ? 181 PRO A CG  1 
ATOM   674  C CD  . PRO A 1 88  ? -1.859  -6.912  -15.761 1.00 34.31 ? 181 PRO A CD  1 
ATOM   675  N N   . LYS A 1 89  ? 2.207   -8.763  -13.989 1.00 29.77 ? 182 LYS A N   1 
ATOM   676  C CA  . LYS A 1 89  ? 3.499   -8.457  -13.472 1.00 34.51 ? 182 LYS A CA  1 
ATOM   677  C C   . LYS A 1 89  ? 4.436   -7.916  -14.427 1.00 34.99 ? 182 LYS A C   1 
ATOM   678  O O   . LYS A 1 89  ? 5.427   -7.353  -14.009 1.00 41.06 ? 182 LYS A O   1 
ATOM   679  C CB  . LYS A 1 89  ? 4.176   -9.649  -12.772 1.00 46.41 ? 182 LYS A CB  1 
ATOM   680  C CG  . LYS A 1 89  ? 3.719   -9.840  -11.354 1.00 45.41 ? 182 LYS A CG  1 
ATOM   681  C CD  . LYS A 1 89  ? 4.604   -10.787 -10.565 1.00 50.25 ? 182 LYS A CD  1 
ATOM   682  C CE  . LYS A 1 89  ? 4.662   -12.191 -11.161 1.00 48.55 ? 182 LYS A CE  1 
ATOM   683  N NZ  . LYS A 1 89  ? 3.320   -12.890 -11.236 1.00 47.01 ? 182 LYS A NZ  1 
ATOM   684  N N   . ASP A 1 90  ? 4.183   -8.037  -15.733 1.00 30.33 ? 183 ASP A N   1 
ATOM   685  C CA  . ASP A 1 90  ? 5.065   -7.340  -16.681 1.00 36.96 ? 183 ASP A CA  1 
ATOM   686  C C   . ASP A 1 90  ? 4.711   -5.903  -16.988 1.00 39.44 ? 183 ASP A C   1 
ATOM   687  O O   . ASP A 1 90  ? 5.344   -5.254  -17.823 1.00 37.58 ? 183 ASP A O   1 
ATOM   688  C CB  . ASP A 1 90  ? 5.154   -8.167  -17.959 1.00 39.60 ? 183 ASP A CB  1 
ATOM   689  C CG  . ASP A 1 90  ? 3.834   -8.304  -18.668 1.00 51.20 ? 183 ASP A CG  1 
ATOM   690  O OD1 . ASP A 1 90  ? 2.786   -7.697  -18.288 1.00 47.68 ? 183 ASP A OD1 1 
ATOM   691  O OD2 . ASP A 1 90  ? 3.833   -9.084  -19.612 1.00 58.77 ? 183 ASP A OD2 1 
ATOM   692  N N   . THR A 1 91  ? 3.696   -5.362  -16.328 1.00 34.46 ? 184 THR A N   1 
ATOM   693  C CA  . THR A 1 91  ? 3.419   -3.923  -16.383 1.00 30.03 ? 184 THR A CA  1 
ATOM   694  C C   . THR A 1 91  ? 4.593   -3.018  -16.119 1.00 36.39 ? 184 THR A C   1 
ATOM   695  O O   . THR A 1 91  ? 5.333   -3.248  -15.193 1.00 35.39 ? 184 THR A O   1 
ATOM   696  C CB  . THR A 1 91  ? 2.250   -3.575  -15.450 1.00 27.68 ? 184 THR A CB  1 
ATOM   697  O OG1 . THR A 1 91  ? 1.141   -4.460  -15.740 1.00 29.47 ? 184 THR A OG1 1 
ATOM   698  C CG2 . THR A 1 91  ? 1.808   -2.177  -15.590 1.00 31.32 ? 184 THR A CG2 1 
ATOM   699  N N   . LYS A 1 92  ? 4.796   -2.008  -16.955 1.00 36.99 ? 185 LYS A N   1 
ATOM   700  C CA  . LYS A 1 92  ? 5.893   -1.056  -16.765 1.00 40.81 ? 185 LYS A CA  1 
ATOM   701  C C   . LYS A 1 92  ? 5.456   0.038   -15.896 1.00 34.28 ? 185 LYS A C   1 
ATOM   702  O O   . LYS A 1 92  ? 4.511   0.741   -16.209 1.00 40.02 ? 185 LYS A O   1 
ATOM   703  C CB  . LYS A 1 92  ? 6.370   -0.518  -18.164 1.00 43.42 ? 185 LYS A CB  1 
ATOM   704  C CG  . LYS A 1 92  ? 6.869   -1.684  -19.013 1.00 43.40 ? 185 LYS A CG  1 
ATOM   705  C CD  . LYS A 1 92  ? 7.663   -2.738  -18.227 1.00 55.47 ? 185 LYS A CD  1 
ATOM   706  N N   . PHE A 1 93  ? 6.064   0.137   -14.728 1.00 33.23 ? 186 PHE A N   1 
ATOM   707  C CA  . PHE A 1 93  ? 5.723   1.106   -13.779 1.00 30.40 ? 186 PHE A CA  1 
ATOM   708  C C   . PHE A 1 93  ? 6.857   2.113   -13.736 1.00 38.86 ? 186 PHE A C   1 
ATOM   709  O O   . PHE A 1 93  ? 8.003   1.740   -13.668 1.00 43.99 ? 186 PHE A O   1 
ATOM   710  C CB  . PHE A 1 93  ? 5.596   0.495   -12.353 1.00 31.10 ? 186 PHE A CB  1 
ATOM   711  C CG  . PHE A 1 93  ? 4.448   -0.487  -12.191 1.00 27.40 ? 186 PHE A CG  1 
ATOM   712  C CD1 . PHE A 1 93  ? 3.138   0.000   -12.141 1.00 25.90 ? 186 PHE A CD1 1 
ATOM   713  C CD2 . PHE A 1 93  ? 4.642   -1.836  -12.105 1.00 25.87 ? 186 PHE A CD2 1 
ATOM   714  C CE1 . PHE A 1 93  ? 2.066   -0.849  -12.031 1.00 26.52 ? 186 PHE A CE1 1 
ATOM   715  C CE2 . PHE A 1 93  ? 3.559   -2.694  -11.973 1.00 26.00 ? 186 PHE A CE2 1 
ATOM   716  C CZ  . PHE A 1 93  ? 2.283   -2.209  -11.935 1.00 25.80 ? 186 PHE A CZ  1 
ATOM   717  N N   . ASN A 1 94  ? 6.519   3.370   -13.649 1.00 38.75 ? 187 ASN A N   1 
ATOM   718  C CA  . ASN A 1 94  ? 7.514   4.428   -13.627 1.00 45.98 ? 187 ASN A CA  1 
ATOM   719  C C   . ASN A 1 94  ? 6.961   5.594   -12.873 1.00 35.63 ? 187 ASN A C   1 
ATOM   720  O O   . ASN A 1 94  ? 6.068   6.230   -13.342 1.00 39.01 ? 187 ASN A O   1 
ATOM   721  C CB  . ASN A 1 94  ? 7.775   4.833   -15.081 1.00 51.25 ? 187 ASN A CB  1 
ATOM   722  C CG  . ASN A 1 94  ? 8.671   3.850   -15.789 1.00 66.72 ? 187 ASN A CG  1 
ATOM   723  O OD1 . ASN A 1 94  ? 8.248   3.131   -16.712 1.00 77.83 ? 187 ASN A OD1 1 
ATOM   724  N ND2 . ASN A 1 94  ? 9.920   3.770   -15.326 1.00 73.41 ? 187 ASN A ND2 1 
ATOM   725  N N   . PRO A 1 95  ? 7.520   5.964   -11.704 1.00 36.81 ? 188 PRO A N   1 
ATOM   726  C CA  . PRO A 1 95  ? 6.925   7.130   -11.095 1.00 33.22 ? 188 PRO A CA  1 
ATOM   727  C C   . PRO A 1 95  ? 7.086   8.406   -11.872 1.00 43.91 ? 188 PRO A C   1 
ATOM   728  O O   . PRO A 1 95  ? 7.987   8.570   -12.742 1.00 43.44 ? 188 PRO A O   1 
ATOM   729  C CB  . PRO A 1 95  ? 7.676   7.244   -9.766  1.00 40.62 ? 188 PRO A CB  1 
ATOM   730  C CG  . PRO A 1 95  ? 8.961   6.715   -10.122 1.00 43.30 ? 188 PRO A CG  1 
ATOM   731  C CD  . PRO A 1 95  ? 8.721   5.540   -10.976 1.00 44.99 ? 188 PRO A CD  1 
ATOM   732  N N   . LYS A 1 96  ? 6.222   9.334   -11.537 1.00 40.07 ? 189 LYS A N   1 
ATOM   733  C CA  . LYS A 1 96  ? 6.265   10.643  -12.132 1.00 47.97 ? 189 LYS A CA  1 
ATOM   734  C C   . LYS A 1 96  ? 7.382   11.450  -11.479 1.00 49.17 ? 189 LYS A C   1 
ATOM   735  O O   . LYS A 1 96  ? 8.065   12.202  -12.175 1.00 49.34 ? 189 LYS A O   1 
ATOM   736  C CB  . LYS A 1 96  ? 4.931   11.360  -12.036 1.00 57.81 ? 189 LYS A CB  1 
ATOM   737  C CG  . LYS A 1 96  ? 3.757   10.733  -12.846 1.00 70.20 ? 189 LYS A CG  1 
ATOM   738  C CD  . LYS A 1 96  ? 4.093   10.175  -14.249 1.00 72.28 ? 189 LYS A CD  1 
ATOM   739  C CE  . LYS A 1 96  ? 4.220   8.656   -14.247 1.00 73.36 ? 189 LYS A CE  1 
ATOM   740  N NZ  . LYS A 1 96  ? 5.124   8.044   -15.270 1.00 70.24 ? 189 LYS A NZ  1 
ATOM   741  N N   . THR A 1 97  ? 7.639   11.290  -10.191 0.50 53.91 ? 190 THR A N   1 
ATOM   742  C CA  . THR A 1 97  ? 8.687   12.084  -9.549  0.50 54.37 ? 190 THR A CA  1 
ATOM   743  C C   . THR A 1 97  ? 9.712   11.152  -8.927  0.50 48.16 ? 190 THR A C   1 
ATOM   744  O O   . THR A 1 97  ? 9.419   10.459  -7.949  0.50 44.23 ? 190 THR A O   1 
ATOM   745  C CB  . THR A 1 97  ? 8.075   13.014  -8.479  0.50 53.33 ? 190 THR A CB  1 
ATOM   746  O OG1 . THR A 1 97  ? 6.931   13.678  -9.033  0.50 56.53 ? 190 THR A OG1 1 
ATOM   747  C CG2 . THR A 1 97  ? 9.081   14.044  -8.010  0.50 48.11 ? 190 THR A CG2 1 
ATOM   748  N N   . ARG A 1 98  ? 10.908  11.117  -9.505  0.50 43.50 ? 191 ARG A N   1 
ATOM   749  C CA  . ARG A 1 98  ? 11.994  10.394  -8.867  0.50 43.10 ? 191 ARG A CA  1 
ATOM   750  C C   . ARG A 1 98  ? 12.394  11.025  -7.529  0.50 37.33 ? 191 ARG A C   1 
ATOM   751  O O   . ARG A 1 98  ? 13.070  10.386  -6.732  0.50 34.02 ? 191 ARG A O   1 
ATOM   752  C CB  . ARG A 1 98  ? 13.209  10.253  -9.781  0.50 46.96 ? 191 ARG A CB  1 
ATOM   753  C CG  . ARG A 1 98  ? 13.340  8.861   -10.366 0.50 47.80 ? 191 ARG A CG  1 
ATOM   754  C CD  . ARG A 1 98  ? 11.961  8.268   -10.570 0.50 50.63 ? 191 ARG A CD  1 
ATOM   755  N NE  . ARG A 1 98  ? 11.694  8.046   -11.978 0.50 53.91 ? 191 ARG A NE  1 
ATOM   756  C CZ  . ARG A 1 98  ? 12.069  6.946   -12.612 0.50 52.80 ? 191 ARG A CZ  1 
ATOM   757  N NH1 . ARG A 1 98  ? 11.811  6.789   -13.903 0.50 52.00 ? 191 ARG A NH1 1 
ATOM   758  N NH2 . ARG A 1 98  ? 12.711  6.009   -11.928 0.50 52.87 ? 191 ARG A NH2 1 
ATOM   759  N N   . ARG A 1 99  ? 11.976  12.265  -7.279  1.00 35.42 ? 192 ARG A N   1 
ATOM   760  C CA  . ARG A 1 99  ? 12.295  12.948  -6.019  1.00 30.97 ? 192 ARG A CA  1 
ATOM   761  C C   . ARG A 1 99  ? 11.559  12.431  -4.885  1.00 26.12 ? 192 ARG A C   1 
ATOM   762  O O   . ARG A 1 99  ? 11.962  12.630  -3.763  1.00 25.83 ? 192 ARG A O   1 
ATOM   763  C CB  . ARG A 1 99  ? 11.996  14.464  -6.136  1.00 39.15 ? 192 ARG A CB  1 
ATOM   764  C CG  . ARG A 1 99  ? 12.739  15.122  -7.260  1.00 46.70 ? 192 ARG A CG  1 
ATOM   765  C CD  . ARG A 1 99  ? 12.478  16.639  -7.230  1.00 58.67 ? 192 ARG A CD  1 
ATOM   766  N NE  . ARG A 1 99  ? 13.742  17.338  -7.362  1.00 68.93 ? 192 ARG A NE  1 
ATOM   767  C CZ  . ARG A 1 99  ? 14.415  17.480  -8.492  1.00 78.48 ? 192 ARG A CZ  1 
ATOM   768  N NH1 . ARG A 1 99  ? 13.922  17.003  -9.632  1.00 84.56 ? 192 ARG A NH1 1 
ATOM   769  N NH2 . ARG A 1 99  ? 15.586  18.120  -8.483  1.00 71.35 ? 192 ARG A NH2 1 
ATOM   770  N N   . GLU A 1 100 ? 10.434  11.641  -5.085  1.00 30.42 ? 193 GLU A N   1 
ATOM   771  C CA  . GLU A 1 100 ? 9.719   11.064  -3.959  1.00 29.28 ? 193 GLU A CA  1 
ATOM   772  C C   . GLU A 1 100 ? 9.748   9.550   -3.881  1.00 22.03 ? 193 GLU A C   1 
ATOM   773  O O   . GLU A 1 100 ? 9.636   8.983   -2.786  1.00 29.86 ? 193 GLU A O   1 
ATOM   774  C CB  . GLU A 1 100 ? 8.219   11.493  -4.043  1.00 43.71 ? 193 GLU A CB  1 
ATOM   775  C CG  . GLU A 1 100 ? 8.077   12.926  -4.547  1.00 55.43 ? 193 GLU A CG  1 
ATOM   776  C CD  . GLU A 1 100 ? 6.667   13.485  -4.406  1.00 61.21 ? 193 GLU A CD  1 
ATOM   777  O OE1 . GLU A 1 100 ? 6.195   13.537  -3.240  1.00 58.87 ? 193 GLU A OE1 1 
ATOM   778  O OE2 . GLU A 1 100 ? 6.084   13.882  -5.454  1.00 70.96 ? 193 GLU A OE2 1 
ATOM   779  N N   . ILE A 1 101 ? 9.960   8.930   -5.039  1.00 22.30 ? 194 ILE A N   1 
ATOM   780  C CA  . ILE A 1 101 ? 9.923   7.425   -5.113  1.00 24.44 ? 194 ILE A CA  1 
ATOM   781  C C   . ILE A 1 101 ? 11.286  6.877   -5.593  1.00 22.95 ? 194 ILE A C   1 
ATOM   782  O O   . ILE A 1 101 ? 11.733  7.081   -6.785  1.00 26.14 ? 194 ILE A O   1 
ATOM   783  C CB  . ILE A 1 101 ? 8.828   6.902   -6.085  1.00 24.72 ? 194 ILE A CB  1 
ATOM   784  C CG1 . ILE A 1 101 ? 7.465   7.405   -5.633  1.00 24.70 ? 194 ILE A CG1 1 
ATOM   785  C CG2 . ILE A 1 101 ? 8.857   5.372   -6.177  1.00 25.14 ? 194 ILE A CG2 1 
ATOM   786  C CD1 . ILE A 1 101 ? 6.960   6.943   -4.259  1.00 24.94 ? 194 ILE A CD1 1 
ATOM   787  N N   . ARG A 1 102 ? 11.855  6.098   -4.704  1.00 24.71 ? 195 ARG A N   1 
ATOM   788  C CA  . ARG A 1 102 ? 13.126  5.433   -5.016  1.00 23.96 ? 195 ARG A CA  1 
ATOM   789  C C   . ARG A 1 102 ? 12.983  4.268   -5.937  1.00 26.75 ? 195 ARG A C   1 
ATOM   790  O O   . ARG A 1 102 ? 13.756  4.086   -6.867  1.00 28.04 ? 195 ARG A O   1 
ATOM   791  C CB  . ARG A 1 102 ? 13.877  5.017   -3.745  1.00 22.42 ? 195 ARG A CB  1 
ATOM   792  C CG  . ARG A 1 102 ? 15.345  4.595   -4.038  1.00 21.96 ? 195 ARG A CG  1 
ATOM   793  C CD  . ARG A 1 102 ? 16.010  3.892   -2.892  1.00 21.43 ? 195 ARG A CD  1 
ATOM   794  N NE  . ARG A 1 102 ? 16.254  4.681   -1.767  1.00 23.88 ? 195 ARG A NE  1 
ATOM   795  C CZ  . ARG A 1 102 ? 17.270  5.552   -1.649  1.00 24.44 ? 195 ARG A CZ  1 
ATOM   796  N NH1 . ARG A 1 102 ? 18.163  5.637   -2.600  1.00 24.51 ? 195 ARG A NH1 1 
ATOM   797  N NH2 . ARG A 1 102 ? 17.398  6.249   -0.555  1.00 26.27 ? 195 ARG A NH2 1 
ATOM   798  N N   . ASN A 1 103 ? 11.963  3.425   -5.704  1.00 22.82 ? 196 ASN A N   1 
ATOM   799  C CA  . ASN A 1 103 ? 11.909  2.158   -6.406  1.00 24.12 ? 196 ASN A CA  1 
ATOM   800  C C   . ASN A 1 103 ? 10.433  1.641   -6.213  1.00 23.26 ? 196 ASN A C   1 
ATOM   801  O O   . ASN A 1 103 ? 9.695   2.168   -5.376  1.00 22.36 ? 196 ASN A O   1 
ATOM   802  C CB  . ASN A 1 103 ? 12.815  1.159   -5.740  1.00 24.37 ? 196 ASN A CB  1 
ATOM   803  C CG  . ASN A 1 103 ? 13.249  0.042   -6.688  1.00 28.58 ? 196 ASN A CG  1 
ATOM   804  O OD1 . ASN A 1 103 ? 12.721  -0.106  -7.840  1.00 27.83 ? 196 ASN A OD1 1 
ATOM   805  N ND2 . ASN A 1 103 ? 14.166  -0.812  -6.186  1.00 32.07 ? 196 ASN A ND2 1 
ATOM   806  N N   . ILE A 1 104 ? 10.099  0.715   -7.057  1.00 24.20 ? 197 ILE A N   1 
ATOM   807  C CA  . ILE A 1 104 ? 8.742   0.155   -7.186  1.00 23.27 ? 197 ILE A CA  1 
ATOM   808  C C   . ILE A 1 104 ? 8.996   -1.322  -7.421  1.00 25.01 ? 197 ILE A C   1 
ATOM   809  O O   . ILE A 1 104 ? 9.699   -1.684  -8.376  1.00 23.95 ? 197 ILE A O   1 
ATOM   810  C CB  . ILE A 1 104 ? 7.942   0.733   -8.379  1.00 24.83 ? 197 ILE A CB  1 
ATOM   811  C CG1 . ILE A 1 104 ? 7.737   2.209   -8.313  1.00 27.75 ? 197 ILE A CG1 1 
ATOM   812  C CG2 . ILE A 1 104 ? 6.560   0.082   -8.427  1.00 22.74 ? 197 ILE A CG2 1 
ATOM   813  C CD1 . ILE A 1 104 ? 7.067   2.853   -9.511  1.00 30.06 ? 197 ILE A CD1 1 
ATOM   814  N N   . GLU A 1 105 ? 8.386   -2.231  -6.658  1.00 22.20 ? 198 GLU A N   1 
ATOM   815  C CA  . GLU A 1 105 ? 8.675   -3.657  -6.799  1.00 22.28 ? 198 GLU A CA  1 
ATOM   816  C C   . GLU A 1 105 ? 7.468   -4.454  -6.428  1.00 23.40 ? 198 GLU A C   1 
ATOM   817  O O   . GLU A 1 105 ? 6.670   -4.053  -5.549  1.00 21.41 ? 198 GLU A O   1 
ATOM   818  C CB  . GLU A 1 105 ? 9.844   -4.143  -5.971  1.00 23.89 ? 198 GLU A CB  1 
ATOM   819  C CG  . GLU A 1 105 ? 11.207  -3.680  -6.401  1.00 28.91 ? 198 GLU A CG  1 
ATOM   820  C CD  . GLU A 1 105 ? 12.325  -4.136  -5.425  1.00 33.46 ? 198 GLU A CD  1 
ATOM   821  O OE1 . GLU A 1 105 ? 12.117  -5.079  -4.635  1.00 33.81 ? 198 GLU A OE1 1 
ATOM   822  O OE2 . GLU A 1 105 ? 13.432  -3.514  -5.492  1.00 46.22 ? 198 GLU A OE2 1 
ATOM   823  N N   . TRP A 1 106 ? 7.416   -5.666  -6.974  1.00 22.38 ? 199 TRP A N   1 
ATOM   824  C CA  . TRP A 1 106 ? 6.421   -6.630  -6.537  1.00 21.94 ? 199 TRP A CA  1 
ATOM   825  C C   . TRP A 1 106 ? 6.969   -7.422  -5.368  1.00 21.76 ? 199 TRP A C   1 
ATOM   826  O O   . TRP A 1 106 ? 8.120   -7.838  -5.389  1.00 24.12 ? 199 TRP A O   1 
ATOM   827  C CB  . TRP A 1 106 ? 6.096   -7.643  -7.609  1.00 23.63 ? 199 TRP A CB  1 
ATOM   828  C CG  . TRP A 1 106 ? 5.354   -7.105  -8.749  1.00 19.55 ? 199 TRP A CG  1 
ATOM   829  C CD1 . TRP A 1 106 ? 5.856   -6.786  -10.018 1.00 27.18 ? 199 TRP A CD1 1 
ATOM   830  C CD2 . TRP A 1 106 ? 3.920   -6.857  -8.837  1.00 20.70 ? 199 TRP A CD2 1 
ATOM   831  N NE1 . TRP A 1 106 ? 4.838   -6.238  -10.805 1.00 26.12 ? 199 TRP A NE1 1 
ATOM   832  C CE2 . TRP A 1 106 ? 3.654   -6.316  -10.132 1.00 22.60 ? 199 TRP A CE2 1 
ATOM   833  C CE3 . TRP A 1 106 ? 2.871   -6.952  -7.929  1.00 22.68 ? 199 TRP A CE3 1 
ATOM   834  C CZ2 . TRP A 1 106 ? 2.346   -5.943  -10.551 1.00 22.74 ? 199 TRP A CZ2 1 
ATOM   835  C CZ3 . TRP A 1 106 ? 1.608   -6.586  -8.331  1.00 23.12 ? 199 TRP A CZ3 1 
ATOM   836  C CH2 . TRP A 1 106 ? 1.345   -6.119  -9.645  1.00 26.02 ? 199 TRP A CH2 1 
ATOM   837  N N   . PHE A 1 107 ? 6.119   -7.714  -4.407  1.00 21.17 ? 200 PHE A N   1 
ATOM   838  C CA  . PHE A 1 107 ? 6.475   -8.563  -3.240  1.00 23.14 ? 200 PHE A CA  1 
ATOM   839  C C   . PHE A 1 107 ? 5.480   -9.653  -3.073  1.00 25.57 ? 200 PHE A C   1 
ATOM   840  O O   . PHE A 1 107 ? 4.278   -9.468  -3.227  1.00 23.56 ? 200 PHE A O   1 
ATOM   841  C CB  . PHE A 1 107 ? 6.573   -7.748  -1.932  1.00 22.89 ? 200 PHE A CB  1 
ATOM   842  C CG  . PHE A 1 107 ? 7.723   -6.727  -1.900  1.00 20.33 ? 200 PHE A CG  1 
ATOM   843  C CD1 . PHE A 1 107 ? 7.617   -5.469  -2.478  1.00 22.95 ? 200 PHE A CD1 1 
ATOM   844  C CD2 . PHE A 1 107 ? 8.972   -7.120  -1.413  1.00 21.88 ? 200 PHE A CD2 1 
ATOM   845  C CE1 . PHE A 1 107 ? 8.675   -4.607  -2.488  1.00 24.49 ? 200 PHE A CE1 1 
ATOM   846  C CE2 . PHE A 1 107 ? 10.045  -6.247  -1.425  1.00 23.51 ? 200 PHE A CE2 1 
ATOM   847  C CZ  . PHE A 1 107 ? 9.888   -4.988  -1.968  1.00 23.36 ? 200 PHE A CZ  1 
ATOM   848  N N   . SER A 1 108 ? 5.992   -10.826 -2.672  1.00 22.27 ? 201 SER A N   1 
ATOM   849  C CA  . SER A 1 108 ? 5.159   -11.955 -2.340  1.00 23.70 ? 201 SER A CA  1 
ATOM   850  C C   . SER A 1 108 ? 4.369   -11.648 -1.108  1.00 23.85 ? 201 SER A C   1 
ATOM   851  O O   . SER A 1 108 ? 4.948   -11.367 -0.048  1.00 24.18 ? 201 SER A O   1 
ATOM   852  C CB  . SER A 1 108 ? 6.030   -13.233 -2.131  1.00 25.67 ? 201 SER A CB  1 
ATOM   853  O OG  . SER A 1 108 ? 5.265   -14.222 -1.529  1.00 29.44 ? 201 SER A OG  1 
ATOM   854  N N   . ILE A 1 109 ? 3.052   -11.749 -1.133  1.00 21.96 ? 202 ILE A N   1 
ATOM   855  C CA  . ILE A 1 109 ? 2.220   -11.440 0.033   1.00 23.22 ? 202 ILE A CA  1 
ATOM   856  C C   . ILE A 1 109 ? 2.500   -12.404 1.191   1.00 28.48 ? 202 ILE A C   1 
ATOM   857  O O   . ILE A 1 109 ? 2.584   -12.006 2.363   1.00 26.31 ? 202 ILE A O   1 
ATOM   858  C CB  . ILE A 1 109 ? 0.695   -11.445 -0.265  1.00 27.59 ? 202 ILE A CB  1 
ATOM   859  C CG1 . ILE A 1 109 ? 0.262   -10.357 -1.193  1.00 32.99 ? 202 ILE A CG1 1 
ATOM   860  C CG2 . ILE A 1 109 ? -0.083  -11.223 1.021   1.00 31.77 ? 202 ILE A CG2 1 
ATOM   861  C CD1 . ILE A 1 109 ? -1.043  -10.711 -1.901  1.00 36.30 ? 202 ILE A CD1 1 
ATOM   862  N N   . GLU A 1 110 ? 2.766   -13.682 0.878   1.00 24.66 ? 203 GLU A N   1 
ATOM   863  C CA  . GLU A 1 110 ? 2.943   -14.613 1.970   1.00 28.50 ? 203 GLU A CA  1 
ATOM   864  C C   . GLU A 1 110 ? 4.242   -14.399 2.708   1.00 28.25 ? 203 GLU A C   1 
ATOM   865  O O   . GLU A 1 110 ? 4.331   -14.780 3.859   1.00 31.27 ? 203 GLU A O   1 
ATOM   866  C CB  . GLU A 1 110 ? 2.787   -16.071 1.452   1.00 28.46 ? 203 GLU A CB  1 
ATOM   867  C CG  . GLU A 1 110 ? 3.872   -16.603 0.624   1.00 33.64 ? 203 GLU A CG  1 
ATOM   868  C CD  . GLU A 1 110 ? 3.536   -18.081 0.121   1.00 36.37 ? 203 GLU A CD  1 
ATOM   869  O OE1 . GLU A 1 110 ? 2.404   -18.607 0.374   1.00 51.29 ? 203 GLU A OE1 1 
ATOM   870  O OE2 . GLU A 1 110 ? 4.420   -18.677 -0.491  1.00 53.85 ? 203 GLU A OE2 1 
ATOM   871  N N   . LYS A 1 111 ? 5.214   -13.718 2.050   1.00 24.60 ? 204 LYS A N   1 
ATOM   872  C CA  . LYS A 1 111 ? 6.515   -13.467 2.652   1.00 23.76 ? 204 LYS A CA  1 
ATOM   873  C C   . LYS A 1 111 ? 6.602   -12.134 3.440   1.00 23.28 ? 204 LYS A C   1 
ATOM   874  O O   . LYS A 1 111 ? 7.507   -11.935 4.255   1.00 25.14 ? 204 LYS A O   1 
ATOM   875  C CB  . LYS A 1 111 ? 7.522   -13.453 1.548   1.00 29.43 ? 204 LYS A CB  1 
ATOM   876  C CG  . LYS A 1 111 ? 7.789   -14.865 1.019   1.00 33.48 ? 204 LYS A CG  1 
ATOM   877  C CD  . LYS A 1 111 ? 8.988   -14.852 0.088   1.00 44.53 ? 204 LYS A CD  1 
ATOM   878  C CE  . LYS A 1 111 ? 9.320   -16.295 -0.286  1.00 53.53 ? 204 LYS A CE  1 
ATOM   879  N NZ  . LYS A 1 111 ? 10.106  -16.252 -1.546  1.00 68.61 ? 204 LYS A NZ  1 
ATOM   880  N N   . LEU A 1 112 ? 5.615   -11.256 3.236   1.00 23.02 ? 205 LEU A N   1 
ATOM   881  C CA  . LEU A 1 112 ? 5.588   -9.963  3.926   1.00 23.63 ? 205 LEU A CA  1 
ATOM   882  C C   . LEU A 1 112 ? 5.221   -10.149 5.371   1.00 26.12 ? 205 LEU A C   1 
ATOM   883  O O   . LEU A 1 112 ? 4.457   -11.012 5.718   1.00 28.07 ? 205 LEU A O   1 
ATOM   884  C CB  . LEU A 1 112 ? 4.563   -9.026  3.282   1.00 22.35 ? 205 LEU A CB  1 
ATOM   885  C CG  . LEU A 1 112 ? 5.054   -8.465  1.959   1.00 21.55 ? 205 LEU A CG  1 
ATOM   886  C CD1 . LEU A 1 112 ? 3.874   -7.749  1.275   1.00 22.39 ? 205 LEU A CD1 1 
ATOM   887  C CD2 . LEU A 1 112 ? 6.269   -7.513  2.018   1.00 22.45 ? 205 LEU A CD2 1 
ATOM   888  N N   . PRO A 1 113 ? 5.830   -9.348  6.244   1.00 22.75 ? 206 PRO A N   1 
ATOM   889  C CA  . PRO A 1 113 ? 5.439   -9.444  7.632   1.00 27.60 ? 206 PRO A CA  1 
ATOM   890  C C   . PRO A 1 113 ? 4.068   -8.890  7.894   1.00 28.50 ? 206 PRO A C   1 
ATOM   891  O O   . PRO A 1 113 ? 3.701   -7.891  7.173   1.00 25.33 ? 206 PRO A O   1 
ATOM   892  C CB  . PRO A 1 113 ? 6.472   -8.541  8.278   1.00 25.34 ? 206 PRO A CB  1 
ATOM   893  C CG  . PRO A 1 113 ? 6.869   -7.528  7.264   1.00 25.45 ? 206 PRO A CG  1 
ATOM   894  C CD  . PRO A 1 113 ? 6.816   -8.287  5.967   1.00 25.70 ? 206 PRO A CD  1 
ATOM   895  N N   . CYS A 1 114 ? 3.340   -9.442  8.862   1.00 28.46 ? 207 CYS A N   1 
ATOM   896  C CA  . CYS A 1 114 ? 2.108   -8.749  9.285   1.00 28.01 ? 207 CYS A CA  1 
ATOM   897  C C   . CYS A 1 114 ? 2.242   -8.109  10.707  1.00 31.67 ? 207 CYS A C   1 
ATOM   898  O O   . CYS A 1 114 ? 1.291   -7.529  11.170  1.00 32.76 ? 207 CYS A O   1 
ATOM   899  C CB  . CYS A 1 114 ? 0.919   -9.613  9.127   1.00 32.60 ? 207 CYS A CB  1 
ATOM   900  S SG  . CYS A 1 114 ? 1.017   -11.064 10.244  1.00 41.46 ? 207 CYS A SG  1 
ATOM   901  N N   . HIS A 1 115 ? 3.457   -8.062  11.263  1.00 29.97 ? 208 HIS A N   1 
ATOM   902  C CA  . HIS A 1 115 ? 3.798   -7.287  12.494  1.00 34.80 ? 208 HIS A CA  1 
ATOM   903  C C   . HIS A 1 115 ? 5.257   -7.102  12.542  1.00 37.36 ? 208 HIS A C   1 
ATOM   904  O O   . HIS A 1 115 ? 5.968   -7.794  11.821  1.00 31.27 ? 208 HIS A O   1 
ATOM   905  C CB  . HIS A 1 115 ? 3.236   -8.084  13.675  1.00 36.82 ? 208 HIS A CB  1 
ATOM   906  C CG  . HIS A 1 115 ? 3.841   -9.453  13.790  1.00 33.41 ? 208 HIS A CG  1 
ATOM   907  N ND1 . HIS A 1 115 ? 5.160   -9.619  14.192  1.00 37.76 ? 208 HIS A ND1 1 
ATOM   908  C CD2 . HIS A 1 115 ? 3.423   -10.670 13.380  1.00 42.74 ? 208 HIS A CD2 1 
ATOM   909  C CE1 . HIS A 1 115 ? 5.480   -10.902 14.134  1.00 34.75 ? 208 HIS A CE1 1 
ATOM   910  N NE2 . HIS A 1 115 ? 4.441   -11.561 13.654  1.00 40.81 ? 208 HIS A NE2 1 
ATOM   911  N N   A ARG A 1 116 ? 5.784   -6.138  13.316  0.21 34.28 ? 209 ARG A N   1 
ATOM   912  N N   B ARG A 1 116 ? 5.702   -6.215  13.425  0.21 36.52 ? 209 ARG A N   1 
ATOM   913  C CA  A ARG A 1 116 ? 7.238   -6.085  13.544  0.21 34.51 ? 209 ARG A CA  1 
ATOM   914  C CA  B ARG A 1 116 ? 7.104   -6.051  13.711  0.21 36.61 ? 209 ARG A CA  1 
ATOM   915  C C   A ARG A 1 116 ? 7.577   -6.974  14.747  0.21 34.14 ? 209 ARG A C   1 
ATOM   916  C C   B ARG A 1 116 ? 7.543   -7.072  14.762  0.21 35.69 ? 209 ARG A C   1 
ATOM   917  O O   A ARG A 1 116 ? 6.707   -7.379  15.489  0.21 35.35 ? 209 ARG A O   1 
ATOM   918  O O   B ARG A 1 116 ? 6.705   -7.663  15.428  0.21 36.56 ? 209 ARG A O   1 
ATOM   919  C CB  A ARG A 1 116 ? 7.757   -4.658  13.738  0.21 33.77 ? 209 ARG A CB  1 
ATOM   920  C CB  B ARG A 1 116 ? 7.342   -4.657  14.239  0.21 37.63 ? 209 ARG A CB  1 
ATOM   921  C CG  A ARG A 1 116 ? 7.337   -3.680  12.649  0.21 32.70 ? 209 ARG A CG  1 
ATOM   922  C CG  B ARG A 1 116 ? 8.743   -4.190  13.974  0.21 35.77 ? 209 ARG A CG  1 
ATOM   923  C CD  A ARG A 1 116 ? 7.120   -2.292  13.200  0.21 35.94 ? 209 ARG A CD  1 
ATOM   924  C CD  B ARG A 1 116 ? 8.795   -3.435  12.690  0.21 32.20 ? 209 ARG A CD  1 
ATOM   925  N NE  A ARG A 1 116 ? 8.364   -1.603  13.441  0.21 35.18 ? 209 ARG A NE  1 
ATOM   926  N NE  B ARG A 1 116 ? 7.860   -2.363  12.693  0.21 27.88 ? 209 ARG A NE  1 
ATOM   927  C CZ  A ARG A 1 116 ? 8.523   -0.532  14.236  0.21 35.74 ? 209 ARG A CZ  1 
ATOM   928  C CZ  B ARG A 1 116 ? 7.979   -1.203  13.316  0.21 28.56 ? 209 ARG A CZ  1 
ATOM   929  N NH1 A ARG A 1 116 ? 7.530   0.006   14.955  0.21 34.30 ? 209 ARG A NH1 1 
ATOM   930  N NH1 B ARG A 1 116 ? 6.990   -0.335  13.165  0.21 26.20 ? 209 ARG A NH1 1 
ATOM   931  N NH2 A ARG A 1 116 ? 9.719   0.001   14.332  0.21 35.67 ? 209 ARG A NH2 1 
ATOM   932  N NH2 B ARG A 1 116 ? 9.083   -0.867  14.026  0.21 28.09 ? 209 ARG A NH2 1 
ATOM   933  N N   . ASN A 1 117 ? 8.848   -7.325  14.865  1.00 40.23 ? 210 ASN A N   1 
ATOM   934  C CA  . ASN A 1 117 ? 9.352   -8.204  15.889  1.00 37.35 ? 210 ASN A CA  1 
ATOM   935  C C   . ASN A 1 117 ? 9.642   -7.346  17.111  1.00 41.51 ? 210 ASN A C   1 
ATOM   936  O O   . ASN A 1 117 ? 10.088  -6.177  16.992  1.00 37.22 ? 210 ASN A O   1 
ATOM   937  C CB  . ASN A 1 117 ? 10.602  -8.870  15.376  1.00 46.15 ? 210 ASN A CB  1 
ATOM   938  C CG  . ASN A 1 117 ? 10.328  -9.793  14.189  1.00 48.08 ? 210 ASN A CG  1 
ATOM   939  O OD1 . ASN A 1 117 ? 9.225   -10.343 14.050  1.00 43.47 ? 210 ASN A OD1 1 
ATOM   940  N ND2 . ASN A 1 117 ? 11.326  -9.934  13.332  1.00 53.40 ? 210 ASN A ND2 1 
ATOM   941  N N   . ASP A 1 118 ? 9.382   -7.926  18.282  1.00 41.94 ? 211 ASP A N   1 
ATOM   942  C CA  . ASP A 1 118 ? 9.776   -7.220  19.510  1.00 40.27 ? 211 ASP A CA  1 
ATOM   943  C C   . ASP A 1 118 ? 11.300  -7.384  19.686  1.00 46.33 ? 211 ASP A C   1 
ATOM   944  O O   . ASP A 1 118 ? 12.033  -7.740  18.713  1.00 40.21 ? 211 ASP A O   1 
ATOM   945  C CB  . ASP A 1 118 ? 8.846   -7.605  20.673  1.00 42.22 ? 211 ASP A CB  1 
ATOM   946  C CG  . ASP A 1 118 ? 9.025   -9.000  21.174  1.00 48.67 ? 211 ASP A CG  1 
ATOM   947  O OD1 . ASP A 1 118 ? 10.043  -9.679  20.865  1.00 45.16 ? 211 ASP A OD1 1 
ATOM   948  O OD2 . ASP A 1 118 ? 8.107   -9.378  21.938  1.00 57.01 ? 211 ASP A OD2 1 
ATOM   949  N N   . MET A 1 119 ? 11.804  -7.017  20.873  1.00 42.28 ? 212 MET A N   1 
ATOM   950  C CA  . MET A 1 119 ? 13.234  -7.205  21.229  1.00 45.46 ? 212 MET A CA  1 
ATOM   951  C C   . MET A 1 119 ? 13.321  -7.904  22.624  1.00 47.72 ? 212 MET A C   1 
ATOM   952  O O   . MET A 1 119 ? 14.227  -7.633  23.432  1.00 50.78 ? 212 MET A O   1 
ATOM   953  C CB  . MET A 1 119 ? 13.915  -5.860  21.191  1.00 43.60 ? 212 MET A CB  1 
ATOM   954  C CG  . MET A 1 119 ? 14.013  -5.361  19.734  1.00 50.06 ? 212 MET A CG  1 
ATOM   955  S SD  . MET A 1 119 ? 14.467  -3.658  19.564  1.00 50.88 ? 212 MET A SD  1 
ATOM   956  C CE  . MET A 1 119 ? 13.335  -2.885  20.724  1.00 62.95 ? 212 MET A CE  1 
ATOM   957  N N   . THR A 1 120 ? 12.355  -8.799  22.864  1.00 40.20 ? 213 THR A N   1 
ATOM   958  C CA  . THR A 1 120 ? 12.280  -9.653  24.063  1.00 48.63 ? 213 THR A CA  1 
ATOM   959  C C   . THR A 1 120 ? 13.553  -10.468 24.276  1.00 57.52 ? 213 THR A C   1 
ATOM   960  O O   . THR A 1 120 ? 13.887  -10.667 25.426  1.00 51.75 ? 213 THR A O   1 
ATOM   961  C CB  . THR A 1 120 ? 11.020  -10.560 24.076  1.00 52.80 ? 213 THR A CB  1 
ATOM   962  O OG1 . THR A 1 120 ? 10.844  -11.158 22.785  1.00 67.74 ? 213 THR A OG1 1 
ATOM   963  C CG2 . THR A 1 120 ? 9.787   -9.760  24.383  1.00 49.59 ? 213 THR A CG2 1 
ATOM   964  N N   . PRO A 1 121 ? 14.279  -10.897 23.187  1.00 67.33 ? 214 PRO A N   1 
ATOM   965  C CA  . PRO A 1 121 ? 15.630  -11.467 23.428  1.00 67.92 ? 214 PRO A CA  1 
ATOM   966  C C   . PRO A 1 121 ? 16.637  -10.499 24.091  1.00 68.19 ? 214 PRO A C   1 
ATOM   967  O O   . PRO A 1 121 ? 17.513  -10.960 24.813  1.00 68.53 ? 214 PRO A O   1 
ATOM   968  C CB  . PRO A 1 121 ? 16.103  -11.923 22.011  1.00 65.95 ? 214 PRO A CB  1 
ATOM   969  C CG  . PRO A 1 121 ? 15.151  -11.301 21.038  1.00 74.67 ? 214 PRO A CG  1 
ATOM   970  C CD  . PRO A 1 121 ? 13.849  -11.171 21.788  1.00 73.40 ? 214 PRO A CD  1 
ATOM   971  N N   . LYS A 1 122 ? 16.511  -9.190  23.860  1.00 57.17 ? 215 LYS A N   1 
ATOM   972  C CA  . LYS A 1 122 ? 17.392  -8.208  24.462  1.00 54.45 ? 215 LYS A CA  1 
ATOM   973  C C   . LYS A 1 122 ? 16.795  -7.605  25.803  1.00 48.14 ? 215 LYS A C   1 
ATOM   974  O O   . LYS A 1 122 ? 17.378  -6.674  26.362  1.00 58.66 ? 215 LYS A O   1 
ATOM   975  C CB  . LYS A 1 122 ? 17.702  -7.106  23.436  1.00 52.33 ? 215 LYS A CB  1 
ATOM   976  C CG  . LYS A 1 122 ? 19.046  -6.393  23.630  1.00 59.35 ? 215 LYS A CG  1 
ATOM   977  N N   . SER A 1 123 ? 15.688  -8.151  26.326  1.00 44.83 ? 216 SER A N   1 
ATOM   978  C CA  . SER A 1 123 ? 14.997  -7.547  27.484  1.00 40.78 ? 216 SER A CA  1 
ATOM   979  C C   . SER A 1 123 ? 14.792  -6.009  27.349  1.00 36.26 ? 216 SER A C   1 
ATOM   980  O O   . SER A 1 123 ? 14.880  -5.245  28.328  1.00 37.02 ? 216 SER A O   1 
ATOM   981  C CB  . SER A 1 123 ? 15.836  -7.931  28.724  1.00 36.60 ? 216 SER A CB  1 
ATOM   982  O OG  . SER A 1 123 ? 15.500  -9.258  29.111  1.00 43.85 ? 216 SER A OG  1 
ATOM   983  N N   . LYS A 1 124 ? 14.479  -5.541  26.114  1.00 31.52 ? 217 LYS A N   1 
ATOM   984  C CA  . LYS A 1 124 ? 14.342  -4.187  25.793  1.00 28.87 ? 217 LYS A CA  1 
ATOM   985  C C   . LYS A 1 124 ? 12.881  -3.973  25.241  1.00 30.67 ? 217 LYS A C   1 
ATOM   986  O O   . LYS A 1 124 ? 12.377  -4.841  24.418  1.00 31.82 ? 217 LYS A O   1 
ATOM   987  C CB  . LYS A 1 124 ? 15.369  -3.899  24.670  1.00 37.34 ? 217 LYS A CB  1 
ATOM   988  C CG  . LYS A 1 124 ? 15.392  -2.486  24.152  1.00 41.14 ? 217 LYS A CG  1 
ATOM   989  C CD  . LYS A 1 124 ? 16.649  -2.257  23.302  1.00 47.44 ? 217 LYS A CD  1 
ATOM   990  N N   . LEU A 1 125 ? 12.268  -2.855  25.596  1.00 25.97 ? 218 LEU A N   1 
ATOM   991  C CA  . LEU A 1 125 ? 10.905  -2.541  25.030  1.00 26.93 ? 218 LEU A CA  1 
ATOM   992  C C   . LEU A 1 125 ? 10.978  -1.994  23.610  1.00 29.12 ? 218 LEU A C   1 
ATOM   993  O O   . LEU A 1 125 ? 11.911  -1.337  23.188  1.00 31.30 ? 218 LEU A O   1 
ATOM   994  C CB  . LEU A 1 125 ? 10.190  -1.492  25.840  1.00 27.03 ? 218 LEU A CB  1 
ATOM   995  C CG  . LEU A 1 125 ? 10.089  -1.965  27.318  1.00 27.37 ? 218 LEU A CG  1 
ATOM   996  C CD1 . LEU A 1 125 ? 9.081   -1.177  28.014  1.00 37.25 ? 218 LEU A CD1 1 
ATOM   997  C CD2 . LEU A 1 125 ? 9.742   -3.477  27.499  1.00 30.09 ? 218 LEU A CD2 1 
ATOM   998  N N   . GLY A 1 126 ? 9.863   -2.177  22.940  1.00 26.92 ? 219 GLY A N   1 
ATOM   999  C CA  . GLY A 1 126 ? 9.692   -1.592  21.607  1.00 26.59 ? 219 GLY A CA  1 
ATOM   1000 C C   . GLY A 1 126 ? 9.782   -2.631  20.516  1.00 26.01 ? 219 GLY A C   1 
ATOM   1001 O O   . GLY A 1 126 ? 9.658   -3.817  20.708  1.00 27.92 ? 219 GLY A O   1 
ATOM   1002 N N   . LEU A 1 127 ? 9.975   -2.123  19.299  1.00 28.31 ? 220 LEU A N   1 
ATOM   1003 C CA  . LEU A 1 127 ? 9.955   -2.992  18.134  1.00 27.42 ? 220 LEU A CA  1 
ATOM   1004 C C   . LEU A 1 127 ? 11.247  -2.824  17.311  1.00 24.93 ? 220 LEU A C   1 
ATOM   1005 O O   . LEU A 1 127 ? 11.715  -1.729  17.281  1.00 30.91 ? 220 LEU A O   1 
ATOM   1006 C CB  . LEU A 1 127 ? 8.746   -2.581  17.316  1.00 29.41 ? 220 LEU A CB  1 
ATOM   1007 C CG  . LEU A 1 127 ? 7.373   -3.063  17.864  1.00 32.51 ? 220 LEU A CG  1 
ATOM   1008 C CD1 . LEU A 1 127 ? 6.369   -2.303  17.046  1.00 40.67 ? 220 LEU A CD1 1 
ATOM   1009 C CD2 . LEU A 1 127 ? 7.133   -4.587  17.888  1.00 31.69 ? 220 LEU A CD2 1 
ATOM   1010 N N   . ALA A 1 128 ? 11.703  -3.894  16.668  1.00 29.39 ? 221 ALA A N   1 
ATOM   1011 C CA  . ALA A 1 128 ? 12.873  -3.848  15.811  1.00 32.26 ? 221 ALA A CA  1 
ATOM   1012 C C   . ALA A 1 128 ? 12.491  -3.189  14.517  1.00 34.75 ? 221 ALA A C   1 
ATOM   1013 O O   . ALA A 1 128 ? 11.350  -3.259  14.159  1.00 30.94 ? 221 ALA A O   1 
ATOM   1014 C CB  . ALA A 1 128 ? 13.388  -5.268  15.567  1.00 36.38 ? 221 ALA A CB  1 
ATOM   1015 N N   . PRO A 1 129 ? 13.402  -2.430  13.894  1.00 34.24 ? 222 PRO A N   1 
ATOM   1016 C CA  . PRO A 1 129 ? 13.061  -1.725  12.630  1.00 32.22 ? 222 PRO A CA  1 
ATOM   1017 C C   . PRO A 1 129 ? 12.693  -2.761  11.620  1.00 28.34 ? 222 PRO A C   1 
ATOM   1018 O O   . PRO A 1 129 ? 13.146  -3.932  11.691  1.00 29.55 ? 222 PRO A O   1 
ATOM   1019 C CB  . PRO A 1 129 ? 14.345  -0.982  12.246  1.00 39.00 ? 222 PRO A CB  1 
ATOM   1020 C CG  . PRO A 1 129 ? 15.387  -1.400  13.217  1.00 42.01 ? 222 PRO A CG  1 
ATOM   1021 C CD  . PRO A 1 129 ? 14.712  -1.984  14.432  1.00 37.87 ? 222 PRO A CD  1 
ATOM   1022 N N   . ASN A 1 130 ? 11.810  -2.363  10.695  1.00 27.31 ? 223 ASN A N   1 
ATOM   1023 C CA  . ASN A 1 130 ? 11.418  -3.270  9.612   1.00 26.70 ? 223 ASN A CA  1 
ATOM   1024 C C   . ASN A 1 130 ? 11.131  -2.408  8.427   1.00 27.42 ? 223 ASN A C   1 
ATOM   1025 O O   . ASN A 1 130 ? 10.411  -1.422  8.535   1.00 25.61 ? 223 ASN A O   1 
ATOM   1026 C CB  . ASN A 1 130 ? 10.210  -4.090  9.991   1.00 29.84 ? 223 ASN A CB  1 
ATOM   1027 C CG  . ASN A 1 130 ? 9.884   -5.133  8.986   1.00 32.37 ? 223 ASN A CG  1 
ATOM   1028 O OD1 . ASN A 1 130 ? 9.471   -4.804  7.895   1.00 28.03 ? 223 ASN A OD1 1 
ATOM   1029 N ND2 . ASN A 1 130 ? 10.122  -6.387  9.328   1.00 34.02 ? 223 ASN A ND2 1 
ATOM   1030 N N   . LYS A 1 131 ? 11.700  -2.733  7.273   1.00 25.54 ? 224 LYS A N   1 
ATOM   1031 C CA  . LYS A 1 131 ? 11.550  -1.802  6.150   1.00 26.79 ? 224 LYS A CA  1 
ATOM   1032 C C   . LYS A 1 131 ? 10.165  -1.819  5.560   1.00 25.92 ? 224 LYS A C   1 
ATOM   1033 O O   . LYS A 1 131 ? 9.888   -0.998  4.690   1.00 24.22 ? 224 LYS A O   1 
ATOM   1034 C CB  . LYS A 1 131 ? 12.521  -2.127  4.992   1.00 26.41 ? 224 LYS A CB  1 
ATOM   1035 C CG  . LYS A 1 131 ? 12.374  -3.497  4.427   1.00 24.82 ? 224 LYS A CG  1 
ATOM   1036 C CD  . LYS A 1 131 ? 13.487  -3.692  3.395   1.00 29.01 ? 224 LYS A CD  1 
ATOM   1037 C CE  . LYS A 1 131 ? 13.331  -4.969  2.603   1.00 32.29 ? 224 LYS A CE  1 
ATOM   1038 N NZ  . LYS A 1 131 ? 14.467  -5.113  1.566   1.00 33.05 ? 224 LYS A NZ  1 
ATOM   1039 N N   . PHE A 1 132 ? 9.338   -2.760  6.005   1.00 23.41 ? 225 PHE A N   1 
ATOM   1040 C CA  . PHE A 1 132 ? 7.918   -2.786  5.556   1.00 23.06 ? 225 PHE A CA  1 
ATOM   1041 C C   . PHE A 1 132 ? 6.945   -2.116  6.499   1.00 23.35 ? 225 PHE A C   1 
ATOM   1042 O O   . PHE A 1 132 ? 5.745   -2.274  6.373   1.00 23.18 ? 225 PHE A O   1 
ATOM   1043 C CB  . PHE A 1 132 ? 7.507   -4.216  5.310   1.00 21.86 ? 225 PHE A CB  1 
ATOM   1044 C CG  . PHE A 1 132 ? 8.315   -4.855  4.226   1.00 22.44 ? 225 PHE A CG  1 
ATOM   1045 C CD1 . PHE A 1 132 ? 8.115   -4.532  2.942   1.00 20.51 ? 225 PHE A CD1 1 
ATOM   1046 C CD2 . PHE A 1 132 ? 9.248   -5.852  4.527   1.00 23.41 ? 225 PHE A CD2 1 
ATOM   1047 C CE1 . PHE A 1 132 ? 8.835   -5.081  1.952   1.00 20.98 ? 225 PHE A CE1 1 
ATOM   1048 C CE2 . PHE A 1 132 ? 9.954   -6.462  3.541   1.00 25.41 ? 225 PHE A CE2 1 
ATOM   1049 C CZ  . PHE A 1 132 ? 9.743   -6.079  2.250   1.00 21.70 ? 225 PHE A CZ  1 
ATOM   1050 N N   . PHE A 1 133 ? 7.478   -1.346  7.447   0.42 24.80 ? 226 PHE A N   1 
ATOM   1051 C CA  . PHE A 1 133 ? 6.670   -0.714  8.487   0.42 26.11 ? 226 PHE A CA  1 
ATOM   1052 C C   . PHE A 1 133 ? 5.426   0.027   7.997   0.42 25.68 ? 226 PHE A C   1 
ATOM   1053 O O   . PHE A 1 133 ? 4.387   -0.054  8.655   0.42 23.38 ? 226 PHE A O   1 
ATOM   1054 C CB  . PHE A 1 133 ? 7.534   0.197   9.382   0.42 27.67 ? 226 PHE A CB  1 
ATOM   1055 C CG  . PHE A 1 133 ? 8.115   1.418   8.687   0.42 28.77 ? 226 PHE A CG  1 
ATOM   1056 C CD1 . PHE A 1 133 ? 9.274   1.339   7.895   0.42 31.49 ? 226 PHE A CD1 1 
ATOM   1057 C CD2 . PHE A 1 133 ? 7.535   2.669   8.883   0.42 31.92 ? 226 PHE A CD2 1 
ATOM   1058 C CE1 . PHE A 1 133 ? 9.801   2.462   7.298   0.42 31.48 ? 226 PHE A CE1 1 
ATOM   1059 C CE2 . PHE A 1 133 ? 8.076   3.795   8.292   0.42 30.99 ? 226 PHE A CE2 1 
ATOM   1060 C CZ  . PHE A 1 133 ? 9.190   3.696   7.499   0.42 31.29 ? 226 PHE A CZ  1 
ATOM   1061 N N   . MET A 1 134 ? 5.526   0.733   6.864   0.42 24.21 ? 227 MET A N   1 
ATOM   1062 C CA  . MET A 1 134 ? 4.364   1.435   6.260   0.42 25.97 ? 227 MET A CA  1 
ATOM   1063 C C   . MET A 1 134 ? 3.255   0.470   5.801   0.42 24.71 ? 227 MET A C   1 
ATOM   1064 O O   . MET A 1 134 ? 2.066   0.741   6.008   0.42 25.70 ? 227 MET A O   1 
ATOM   1065 C CB  . MET A 1 134 ? 4.824   2.353   5.103   0.42 28.00 ? 227 MET A CB  1 
ATOM   1066 C CG  . MET A 1 134 ? 5.656   3.559   5.555   0.42 29.68 ? 227 MET A CG  1 
ATOM   1067 S SD  . MET A 1 134 ? 6.135   4.715   4.241   0.42 33.32 ? 227 MET A SD  1 
ATOM   1068 C CE  . MET A 1 134 ? 7.359   3.734   3.380   0.42 33.72 ? 227 MET A CE  1 
ATOM   1069 N N   . ALA A 1 135 ? 3.647   -0.665  5.216   1.00 23.76 ? 228 ALA A N   1 
ATOM   1070 C CA  . ALA A 1 135 ? 2.766   -1.669  4.672   1.00 21.73 ? 228 ALA A CA  1 
ATOM   1071 C C   . ALA A 1 135 ? 2.126   -2.573  5.718   1.00 24.69 ? 228 ALA A C   1 
ATOM   1072 O O   . ALA A 1 135 ? 1.011   -3.119  5.549   1.00 22.58 ? 228 ALA A O   1 
ATOM   1073 C CB  . ALA A 1 135 ? 3.468   -2.501  3.646   1.00 21.49 ? 228 ALA A CB  1 
ATOM   1074 N N   . ILE A 1 136 ? 2.893   -2.864  6.795   1.00 22.14 ? 229 ILE A N   1 
ATOM   1075 C CA  . ILE A 1 136 ? 2.519   -3.908  7.716   1.00 21.28 ? 229 ILE A CA  1 
ATOM   1076 C C   . ILE A 1 136 ? 1.082   -3.839  8.224   1.00 22.55 ? 229 ILE A C   1 
ATOM   1077 O O   . ILE A 1 136 ? 0.416   -4.851  8.301   1.00 22.29 ? 229 ILE A O   1 
ATOM   1078 C CB  . ILE A 1 136 ? 3.541   -3.928  8.883   1.00 23.53 ? 229 ILE A CB  1 
ATOM   1079 C CG1 . ILE A 1 136 ? 4.773   -4.720  8.421   1.00 23.89 ? 229 ILE A CG1 1 
ATOM   1080 C CG2 . ILE A 1 136 ? 2.993   -4.578  10.163  1.00 27.18 ? 229 ILE A CG2 1 
ATOM   1081 C CD1 . ILE A 1 136 ? 6.018   -4.537  9.317   1.00 25.60 ? 229 ILE A CD1 1 
ATOM   1082 N N   . PRO A 1 137 ? 0.594   -2.655  8.586   1.00 24.75 ? 230 PRO A N   1 
ATOM   1083 C CA  . PRO A 1 137 ? -0.778  -2.614  9.162   1.00 25.04 ? 230 PRO A CA  1 
ATOM   1084 C C   . PRO A 1 137 ? -1.848  -3.158  8.243   1.00 23.37 ? 230 PRO A C   1 
ATOM   1085 O O   . PRO A 1 137 ? -2.896  -3.644  8.686   1.00 25.33 ? 230 PRO A O   1 
ATOM   1086 C CB  . PRO A 1 137 ? -1.013  -1.117  9.416   1.00 27.96 ? 230 PRO A CB  1 
ATOM   1087 C CG  . PRO A 1 137 ? 0.321   -0.532  9.592   1.00 31.02 ? 230 PRO A CG  1 
ATOM   1088 C CD  . PRO A 1 137 ? 1.236   -1.319  8.659   1.00 26.92 ? 230 PRO A CD  1 
ATOM   1089 N N   . PHE A 1 138 ? -1.610  -3.066  6.939   1.00 21.36 ? 231 PHE A N   1 
ATOM   1090 C CA  . PHE A 1 138 ? -2.572  -3.540  5.963   1.00 22.27 ? 231 PHE A CA  1 
ATOM   1091 C C   . PHE A 1 138 ? -2.509  -5.035  5.626   1.00 22.63 ? 231 PHE A C   1 
ATOM   1092 O O   . PHE A 1 138 ? -3.384  -5.534  4.964   1.00 23.59 ? 231 PHE A O   1 
ATOM   1093 C CB  . PHE A 1 138 ? -2.438  -2.731  4.640   1.00 20.74 ? 231 PHE A CB  1 
ATOM   1094 C CG  . PHE A 1 138 ? -2.732  -1.263  4.818   1.00 24.42 ? 231 PHE A CG  1 
ATOM   1095 C CD1 . PHE A 1 138 ? -4.049  -0.816  4.670   1.00 27.52 ? 231 PHE A CD1 1 
ATOM   1096 C CD2 . PHE A 1 138 ? -1.739  -0.341  5.162   1.00 25.46 ? 231 PHE A CD2 1 
ATOM   1097 C CE1 . PHE A 1 138 ? -4.359  0.475   4.862   1.00 27.34 ? 231 PHE A CE1 1 
ATOM   1098 C CE2 . PHE A 1 138 ? -2.096  1.012   5.284   1.00 29.82 ? 231 PHE A CE2 1 
ATOM   1099 C CZ  . PHE A 1 138 ? -3.391  1.376   5.145   1.00 26.82 ? 231 PHE A CZ  1 
ATOM   1100 N N   . ILE A 1 139 ? -1.451  -5.727  5.989   1.00 22.09 ? 232 ILE A N   1 
ATOM   1101 C CA  . ILE A 1 139 ? -1.207  -7.063  5.544   1.00 21.65 ? 232 ILE A CA  1 
ATOM   1102 C C   . ILE A 1 139 ? -2.215  -8.123  6.030   1.00 25.78 ? 232 ILE A C   1 
ATOM   1103 O O   . ILE A 1 139 ? -2.808  -8.855  5.232   1.00 25.18 ? 232 ILE A O   1 
ATOM   1104 C CB  . ILE A 1 139 ? 0.220   -7.525  5.799   1.00 24.22 ? 232 ILE A CB  1 
ATOM   1105 C CG1 . ILE A 1 139 ? 1.235   -6.571  5.109   1.00 21.21 ? 232 ILE A CG1 1 
ATOM   1106 C CG2 . ILE A 1 139 ? 0.354   -8.932  5.323   1.00 29.66 ? 232 ILE A CG2 1 
ATOM   1107 C CD1 . ILE A 1 139 ? 1.072   -6.473  3.596   1.00 24.80 ? 232 ILE A CD1 1 
ATOM   1108 N N   . ARG A 1 140 ? -2.453  -8.166  7.339   1.00 26.49 ? 233 ARG A N   1 
ATOM   1109 C CA  . ARG A 1 140 ? -3.457  -9.073  7.842   1.00 27.25 ? 233 ARG A CA  1 
ATOM   1110 C C   . ARG A 1 140 ? -4.856  -8.748  7.325   1.00 25.93 ? 233 ARG A C   1 
ATOM   1111 O O   . ARG A 1 140 ? -5.511  -9.623  6.821   1.00 27.44 ? 233 ARG A O   1 
ATOM   1112 C CB  . ARG A 1 140 ? -3.355  -9.130  9.381   1.00 31.84 ? 233 ARG A CB  1 
ATOM   1113 C CG  . ARG A 1 140 ? -4.522  -9.863  10.011  1.00 40.45 ? 233 ARG A CG  1 
ATOM   1114 C CD  . ARG A 1 140 ? -4.600  -11.284 9.549   1.00 51.09 ? 233 ARG A CD  1 
ATOM   1115 N NE  . ARG A 1 140 ? -3.277  -11.882 9.370   1.00 63.31 ? 233 ARG A NE  1 
ATOM   1116 C CZ  . ARG A 1 140 ? -3.019  -12.995 8.673   1.00 68.26 ? 233 ARG A CZ  1 
ATOM   1117 N NH1 . ARG A 1 140 ? -3.998  -13.728 8.078   1.00 66.18 ? 233 ARG A NH1 1 
ATOM   1118 N NH2 . ARG A 1 140 ? -1.752  -13.383 8.582   1.00 57.80 ? 233 ARG A NH2 1 
ATOM   1119 N N   . PRO A 1 141 ? -5.296  -7.495  7.354   1.00 25.89 ? 234 PRO A N   1 
ATOM   1120 C CA  . PRO A 1 141 ? -6.562  -7.163  6.740   1.00 27.78 ? 234 PRO A CA  1 
ATOM   1121 C C   . PRO A 1 141 ? -6.663  -7.568  5.277   1.00 27.08 ? 234 PRO A C   1 
ATOM   1122 O O   . PRO A 1 141 ? -7.741  -8.052  4.812   1.00 24.35 ? 234 PRO A O   1 
ATOM   1123 C CB  . PRO A 1 141 ? -6.697  -5.630  7.003   1.00 28.29 ? 234 PRO A CB  1 
ATOM   1124 C CG  . PRO A 1 141 ? -5.828  -5.441  8.130   1.00 28.55 ? 234 PRO A CG  1 
ATOM   1125 C CD  . PRO A 1 141 ? -4.736  -6.375  8.107   1.00 26.77 ? 234 PRO A CD  1 
ATOM   1126 N N   . LEU A 1 142 ? -5.555  -7.400  4.532   1.00 26.08 ? 235 LEU A N   1 
ATOM   1127 C CA  . LEU A 1 142 ? -5.521  -7.826  3.098   1.00 23.29 ? 235 LEU A CA  1 
ATOM   1128 C C   . LEU A 1 142 ? -5.684  -9.325  2.901   1.00 23.94 ? 235 LEU A C   1 
ATOM   1129 O O   . LEU A 1 142 ? -6.508  -9.783  2.083   1.00 26.73 ? 235 LEU A O   1 
ATOM   1130 C CB  . LEU A 1 142 ? -4.279  -7.390  2.359   1.00 22.18 ? 235 LEU A CB  1 
ATOM   1131 C CG  . LEU A 1 142 ? -4.092  -7.904  0.912   1.00 23.32 ? 235 LEU A CG  1 
ATOM   1132 C CD1 . LEU A 1 142 ? -5.192  -7.331  0.047   1.00 23.43 ? 235 LEU A CD1 1 
ATOM   1133 C CD2 . LEU A 1 142 ? -2.707  -7.398  0.460   1.00 23.86 ? 235 LEU A CD2 1 
ATOM   1134 N N   . ARG A 1 143 ? -4.929  -10.067 3.697   1.00 24.64 ? 236 ARG A N   1 
ATOM   1135 C CA  . ARG A 1 143 ? -5.020  -11.495 3.643   1.00 23.89 ? 236 ARG A CA  1 
ATOM   1136 C C   . ARG A 1 143 ? -6.463  -11.956 3.950   1.00 26.36 ? 236 ARG A C   1 
ATOM   1137 O O   . ARG A 1 143 ? -7.003  -12.841 3.248   1.00 29.31 ? 236 ARG A O   1 
ATOM   1138 C CB  . ARG A 1 143 ? -4.026  -12.168 4.524   1.00 25.94 ? 236 ARG A CB  1 
ATOM   1139 C CG  . ARG A 1 143 ? -2.602  -12.014 4.092   1.00 26.32 ? 236 ARG A CG  1 
ATOM   1140 C CD  . ARG A 1 143 ? -1.669  -12.625 5.110   1.00 32.86 ? 236 ARG A CD  1 
ATOM   1141 N NE  . ARG A 1 143 ? -0.304  -12.519 4.712   1.00 32.75 ? 236 ARG A NE  1 
ATOM   1142 C CZ  . ARG A 1 143 ? 0.764   -12.525 5.528   1.00 34.27 ? 236 ARG A CZ  1 
ATOM   1143 N NH1 . ARG A 1 143 ? 0.648   -12.556 6.850   1.00 32.77 ? 236 ARG A NH1 1 
ATOM   1144 N NH2 . ARG A 1 143 ? 1.980   -12.410 5.016   1.00 28.77 ? 236 ARG A NH2 1 
ATOM   1145 N N   . ASP A 1 144 ? -7.053  -11.383 4.986   1.00 30.10 ? 237 ASP A N   1 
ATOM   1146 C CA  . ASP A 1 144 ? -8.449  -11.748 5.363   1.00 31.32 ? 237 ASP A CA  1 
ATOM   1147 C C   . ASP A 1 144 ? -9.460  -11.363 4.307   1.00 36.03 ? 237 ASP A C   1 
ATOM   1148 O O   . ASP A 1 144 ? -10.346 -12.119 3.991   1.00 35.48 ? 237 ASP A O   1 
ATOM   1149 C CB  . ASP A 1 144 ? -8.814  -11.139 6.702   1.00 33.91 ? 237 ASP A CB  1 
ATOM   1150 C CG  . ASP A 1 144 ? -7.964  -11.730 7.907   1.00 35.25 ? 237 ASP A CG  1 
ATOM   1151 O OD1 . ASP A 1 144 ? -7.189  -12.756 7.807   1.00 38.92 ? 237 ASP A OD1 1 
ATOM   1152 O OD2 . ASP A 1 144 ? -7.978  -11.029 8.958   1.00 42.51 ? 237 ASP A OD2 1 
ATOM   1153 N N   . TRP A 1 145 ? -9.327  -10.162 3.748   1.00 28.87 ? 238 TRP A N   1 
ATOM   1154 C CA  . TRP A 1 145 ? -10.100 -9.767  2.645   1.00 30.17 ? 238 TRP A CA  1 
ATOM   1155 C C   . TRP A 1 145 ? -9.977  -10.676 1.444   1.00 30.01 ? 238 TRP A C   1 
ATOM   1156 O O   . TRP A 1 145 ? -11.011 -11.019 0.834   1.00 31.22 ? 238 TRP A O   1 
ATOM   1157 C CB  . TRP A 1 145 ? -9.764  -8.306  2.308   1.00 31.07 ? 238 TRP A CB  1 
ATOM   1158 C CG  . TRP A 1 145 ? -10.704 -7.653  1.323   1.00 31.93 ? 238 TRP A CG  1 
ATOM   1159 C CD1 . TRP A 1 145 ? -11.681 -6.769  1.655   1.00 37.07 ? 238 TRP A CD1 1 
ATOM   1160 C CD2 . TRP A 1 145 ? -10.724 -7.774  -0.105  1.00 28.31 ? 238 TRP A CD2 1 
ATOM   1161 N NE1 . TRP A 1 145 ? -12.297 -6.266  0.542   1.00 35.36 ? 238 TRP A NE1 1 
ATOM   1162 C CE2 . TRP A 1 145 ? -11.789 -6.921  -0.559  1.00 35.59 ? 238 TRP A CE2 1 
ATOM   1163 C CE3 . TRP A 1 145 ? -10.002 -8.494  -1.039  1.00 29.99 ? 238 TRP A CE3 1 
ATOM   1164 C CZ2 . TRP A 1 145 ? -12.078 -6.746  -1.876  1.00 35.62 ? 238 TRP A CZ2 1 
ATOM   1165 C CZ3 . TRP A 1 145 ? -10.315 -8.325  -2.399  1.00 30.24 ? 238 TRP A CZ3 1 
ATOM   1166 C CH2 . TRP A 1 145 ? -11.351 -7.468  -2.793  1.00 34.38 ? 238 TRP A CH2 1 
ATOM   1167 N N   . LEU A 1 146 ? -8.766  -11.100 1.062   1.00 27.10 ? 239 LEU A N   1 
ATOM   1168 C CA  . LEU A 1 146 ? -8.621  -11.935 -0.116  1.00 27.01 ? 239 LEU A CA  1 
ATOM   1169 C C   . LEU A 1 146 ? -9.243  -13.348 0.135   1.00 33.62 ? 239 LEU A C   1 
ATOM   1170 O O   . LEU A 1 146 ? -9.827  -13.889 -0.760  1.00 32.47 ? 239 LEU A O   1 
ATOM   1171 C CB  . LEU A 1 146 ? -7.222  -12.124 -0.477  1.00 26.82 ? 239 LEU A CB  1 
ATOM   1172 C CG  . LEU A 1 146 ? -6.508  -10.836 -0.944  1.00 27.60 ? 239 LEU A CG  1 
ATOM   1173 C CD1 . LEU A 1 146 ? -5.032  -11.099 -1.065  1.00 26.53 ? 239 LEU A CD1 1 
ATOM   1174 C CD2 . LEU A 1 146 ? -7.079  -10.512 -2.304  1.00 29.67 ? 239 LEU A CD2 1 
ATOM   1175 N N   . SER A 1 147 ? -9.085  -13.832 1.361   1.00 32.11 ? 240 SER A N   1 
ATOM   1176 C CA  . SER A 1 147 ? -9.737  -15.143 1.798   1.00 34.97 ? 240 SER A CA  1 
ATOM   1177 C C   . SER A 1 147 ? -11.216 -15.041 1.648   1.00 39.59 ? 240 SER A C   1 
ATOM   1178 O O   . SER A 1 147 ? -11.830 -15.923 1.065   1.00 46.06 ? 240 SER A O   1 
ATOM   1179 C CB  . SER A 1 147 ? -9.432  -15.416 3.256   1.00 36.08 ? 240 SER A CB  1 
ATOM   1180 O OG  . SER A 1 147 ? -8.082  -15.652 3.299   1.00 47.36 ? 240 SER A OG  1 
ATOM   1181 N N   . ARG A 1 148 ? -11.823 -13.997 2.170   1.00 38.24 ? 241 ARG A N   1 
ATOM   1182 C CA  . ARG A 1 148 ? -13.276 -13.859 2.052   1.00 42.69 ? 241 ARG A CA  1 
ATOM   1183 C C   . ARG A 1 148 ? -13.781 -13.767 0.572   1.00 53.12 ? 241 ARG A C   1 
ATOM   1184 O O   . ARG A 1 148 ? -14.757 -14.457 0.199   1.00 54.63 ? 241 ARG A O   1 
ATOM   1185 C CB  . ARG A 1 148 ? -13.808 -12.708 2.892   1.00 47.82 ? 241 ARG A CB  1 
ATOM   1186 C CG  . ARG A 1 148 ? -13.748 -12.961 4.391   1.00 53.71 ? 241 ARG A CG  1 
ATOM   1187 N N   . ARG A 1 149 ? -13.114 -12.942 -0.234  0.50 47.74 ? 242 ARG A N   1 
ATOM   1188 C CA  . ARG A 1 149 ? -13.510 -12.682 -1.622  0.50 51.75 ? 242 ARG A CA  1 
ATOM   1189 C C   . ARG A 1 149 ? -13.155 -13.799 -2.604  0.50 57.24 ? 242 ARG A C   1 
ATOM   1190 O O   . ARG A 1 149 ? -13.900 -14.028 -3.561  0.50 60.89 ? 242 ARG A O   1 
ATOM   1191 C CB  . ARG A 1 149 ? -12.882 -11.373 -2.081  0.50 53.38 ? 242 ARG A CB  1 
ATOM   1192 C CG  . ARG A 1 149 ? -12.683 -11.236 -3.580  0.50 52.97 ? 242 ARG A CG  1 
ATOM   1193 C CD  . ARG A 1 149 ? -13.899 -10.721 -4.302  0.50 50.49 ? 242 ARG A CD  1 
ATOM   1194 N NE  . ARG A 1 149 ? -14.661 -9.781  -3.497  0.50 49.64 ? 242 ARG A NE  1 
ATOM   1195 C CZ  . ARG A 1 149 ? -14.916 -8.530  -3.846  0.50 45.25 ? 242 ARG A CZ  1 
ATOM   1196 N NH1 . ARG A 1 149 ? -15.635 -7.765  -3.035  0.50 48.97 ? 242 ARG A NH1 1 
ATOM   1197 N NH2 . ARG A 1 149 ? -14.455 -8.054  -5.001  0.50 40.94 ? 242 ARG A NH2 1 
ATOM   1198 N N   . PHE A 1 150 ? -12.049 -14.506 -2.362  1.00 56.99 ? 243 PHE A N   1 
ATOM   1199 C CA  . PHE A 1 150 ? -11.554 -15.554 -3.284  1.00 53.12 ? 243 PHE A CA  1 
ATOM   1200 C C   . PHE A 1 150 ? -11.360 -16.960 -2.675  1.00 64.25 ? 243 PHE A C   1 
ATOM   1201 O O   . PHE A 1 150 ? -11.319 -17.919 -3.421  1.00 68.01 ? 243 PHE A O   1 
ATOM   1202 C CB  . PHE A 1 150 ? -10.204 -15.147 -3.891  1.00 49.35 ? 243 PHE A CB  1 
ATOM   1203 C CG  . PHE A 1 150 ? -10.238 -13.921 -4.764  1.00 51.79 ? 243 PHE A CG  1 
ATOM   1204 C CD1 . PHE A 1 150 ? -10.617 -14.000 -6.109  1.00 54.12 ? 243 PHE A CD1 1 
ATOM   1205 C CD2 . PHE A 1 150 ? -9.838  -12.668 -4.275  1.00 45.59 ? 243 PHE A CD2 1 
ATOM   1206 C CE1 . PHE A 1 150 ? -10.612 -12.859 -6.926  1.00 52.19 ? 243 PHE A CE1 1 
ATOM   1207 C CE2 . PHE A 1 150 ? -9.845  -11.538 -5.088  1.00 48.67 ? 243 PHE A CE2 1 
ATOM   1208 C CZ  . PHE A 1 150 ? -10.243 -11.613 -6.413  1.00 46.82 ? 243 PHE A CZ  1 
ATOM   1209 N N   . GLY A 1 151 ? -11.164 -17.100 -1.362  1.00 70.43 ? 244 GLY A N   1 
ATOM   1210 C CA  . GLY A 1 151 ? -10.890 -18.404 -0.748  1.00 67.31 ? 244 GLY A CA  1 
ATOM   1211 C C   . GLY A 1 151 ? -9.446  -18.846 -0.904  1.00 78.81 ? 244 GLY A C   1 
ATOM   1212 O O   . GLY A 1 151 ? -9.153  -19.980 -1.309  1.00 83.15 ? 244 GLY A O   1 
HETATM 1213 C C1  . EDO B 2 .   ? -5.495  9.953   -12.344 1.00 52.04 ? 301 EDO A C1  1 
HETATM 1214 O O1  . EDO B 2 .   ? -4.201  9.808   -12.952 1.00 60.22 ? 301 EDO A O1  1 
HETATM 1215 C C2  . EDO B 2 .   ? -6.543  9.124   -13.138 1.00 54.07 ? 301 EDO A C2  1 
HETATM 1216 O O2  . EDO B 2 .   ? -7.893  9.630   -12.909 1.00 63.17 ? 301 EDO A O2  1 
HETATM 1217 C C1  . EDO C 2 .   ? 14.574  -0.538  8.046   1.00 52.98 ? 302 EDO A C1  1 
HETATM 1218 O O1  . EDO C 2 .   ? 13.499  0.146   8.769   1.00 48.13 ? 302 EDO A O1  1 
HETATM 1219 C C2  . EDO C 2 .   ? 15.434  -1.609  8.731   1.00 54.19 ? 302 EDO A C2  1 
HETATM 1220 O O2  . EDO C 2 .   ? 14.938  -2.964  8.652   1.00 59.85 ? 302 EDO A O2  1 
HETATM 1221 S S   . DMS D 3 .   ? 7.628   -11.266 -7.502  1.00 63.73 ? 303 DMS A S   1 
HETATM 1222 O O   . DMS D 3 .   ? 7.589   -11.044 -6.060  1.00 45.58 ? 303 DMS A O   1 
HETATM 1223 C C1  . DMS D 3 .   ? 9.255   -11.013 -7.956  1.00 57.85 ? 303 DMS A C1  1 
HETATM 1224 C C2  . DMS D 3 .   ? 7.389   -12.950 -7.730  1.00 61.19 ? 303 DMS A C2  1 
HETATM 1225 C C   . ACT E 4 .   ? 17.811  6.681   4.598   1.00 51.08 ? 304 ACT A C   1 
HETATM 1226 O O   . ACT E 4 .   ? 17.133  6.064   3.830   1.00 51.26 ? 304 ACT A O   1 
HETATM 1227 O OXT . ACT E 4 .   ? 17.287  7.737   5.047   1.00 62.81 ? 304 ACT A OXT 1 
HETATM 1228 C CH3 . ACT E 4 .   ? 19.231  6.185   4.921   1.00 48.17 ? 304 ACT A CH3 1 
HETATM 1229 C C   . ACT F 4 .   ? 10.699  1.697   11.077  1.00 53.49 ? 305 ACT A C   1 
HETATM 1230 O O   . ACT F 4 .   ? 10.649  0.494   11.277  1.00 45.00 ? 305 ACT A O   1 
HETATM 1231 O OXT . ACT F 4 .   ? 11.448  2.061   10.123  1.00 73.64 ? 305 ACT A OXT 1 
HETATM 1232 C CH3 . ACT F 4 .   ? 9.960   2.675   11.968  1.00 52.46 ? 305 ACT A CH3 1 
HETATM 1233 N N1  . LE4 G 5 .   ? 3.119   6.257   4.635   0.42 39.34 ? 306 LE4 A N1  1 
HETATM 1234 N N3  . LE4 G 5 .   ? 2.255   4.526   3.220   0.42 38.58 ? 306 LE4 A N3  1 
HETATM 1235 C C4  . LE4 G 5 .   ? 2.411   5.730   5.651   0.42 34.08 ? 306 LE4 A C4  1 
HETATM 1236 C C5  . LE4 G 5 .   ? 3.011   5.628   3.435   0.42 35.32 ? 306 LE4 A C5  1 
HETATM 1237 C C6  . LE4 G 5 .   ? 3.647   5.574   1.030   0.42 35.95 ? 306 LE4 A C6  1 
HETATM 1238 C C7  . LE4 G 5 .   ? 3.525   6.690   -0.009  0.42 35.70 ? 306 LE4 A C7  1 
HETATM 1239 C C8  . LE4 G 5 .   ? 4.634   7.719   -0.065  0.42 35.12 ? 306 LE4 A C8  1 
HETATM 1240 C C10 . LE4 G 5 .   ? 6.409   5.976   -0.724  0.42 31.73 ? 306 LE4 A C10 1 
HETATM 1241 C C1  . LE4 G 5 .   ? 0.735   2.809   3.941   0.42 42.38 ? 306 LE4 A C1  1 
HETATM 1242 C C11 . LE4 G 5 .   ? 6.172   5.321   0.614   0.42 33.42 ? 306 LE4 A C11 1 
HETATM 1243 C C12 . LE4 G 5 .   ? 4.829   4.636   0.789   0.42 34.56 ? 306 LE4 A C12 1 
HETATM 1244 C C2  . LE4 G 5 .   ? 1.556   4.035   4.250   0.42 39.06 ? 306 LE4 A C2  1 
HETATM 1245 C C3  . LE4 G 5 .   ? 1.621   4.614   5.504   0.42 36.70 ? 306 LE4 A C3  1 
HETATM 1246 C C9  . LE4 G 5 .   ? 5.851   7.373   -0.893  0.42 33.04 ? 306 LE4 A C9  1 
HETATM 1247 N N2  . LE4 G 5 .   ? 3.705   6.119   2.393   0.42 37.46 ? 306 LE4 A N2  1 
HETATM 1248 O O1  . LE4 G 5 .   ? 1.430   1.902   3.110   0.42 40.69 ? 306 LE4 A O1  1 
HETATM 1249 O O   . HOH H 6 .   ? 14.479  8.414   -7.302  1.00 38.82 ? 401 HOH A O   1 
HETATM 1250 O O   . HOH H 6 .   ? 14.025  -8.589  17.760  1.00 56.32 ? 402 HOH A O   1 
HETATM 1251 O O   . HOH H 6 .   ? 5.847   -4.910  -13.461 1.00 45.85 ? 403 HOH A O   1 
HETATM 1252 O O   . HOH H 6 .   ? -2.872  -14.328 -1.982  1.00 39.73 ? 404 HOH A O   1 
HETATM 1253 O O   . HOH H 6 .   ? -7.606  -8.599  9.583   1.00 53.32 ? 405 HOH A O   1 
HETATM 1254 O O   . HOH H 6 .   ? 2.185   11.260  -5.030  1.00 46.41 ? 406 HOH A O   1 
HETATM 1255 O O   . HOH H 6 .   ? -13.118 5.168   -15.764 1.00 53.55 ? 407 HOH A O   1 
HETATM 1256 O O   . HOH H 6 .   ? 13.745  -4.893  7.457   1.00 32.86 ? 408 HOH A O   1 
HETATM 1257 O O   . HOH H 6 .   ? -0.282  5.885   18.722  1.00 39.14 ? 409 HOH A O   1 
HETATM 1258 O O   . HOH H 6 .   ? 14.750  5.051   0.619   1.00 28.12 ? 410 HOH A O   1 
HETATM 1259 O O   . HOH H 6 .   ? 15.379  -0.164  -3.724  1.00 32.18 ? 411 HOH A O   1 
HETATM 1260 O O   . HOH H 6 .   ? 15.518  -4.781  12.284  1.00 47.75 ? 412 HOH A O   1 
HETATM 1261 O O   . HOH H 6 .   ? -8.095  14.593  -8.794  1.00 52.01 ? 413 HOH A O   1 
HETATM 1262 O O   . HOH H 6 .   ? -15.488 4.057   -2.631  1.00 35.34 ? 414 HOH A O   1 
HETATM 1263 O O   . HOH H 6 .   ? -14.164 -3.881  0.874   1.00 46.40 ? 415 HOH A O   1 
HETATM 1264 O O   . HOH H 6 .   ? 4.979   -14.708 -4.979  1.00 42.77 ? 416 HOH A O   1 
HETATM 1265 O O   . HOH H 6 .   ? -13.772 1.960   -11.943 1.00 43.28 ? 417 HOH A O   1 
HETATM 1266 O O   . HOH H 6 .   ? -10.091 9.296   -11.507 1.00 48.36 ? 418 HOH A O   1 
HETATM 1267 O O   . HOH H 6 .   ? 7.736   1.019   5.337   1.00 28.77 ? 419 HOH A O   1 
HETATM 1268 O O   . HOH H 6 .   ? 3.929   -4.530  14.464  1.00 40.25 ? 420 HOH A O   1 
HETATM 1269 O O   . HOH H 6 .   ? -3.873  -3.414  11.148  1.00 34.74 ? 421 HOH A O   1 
HETATM 1270 O O   . HOH H 6 .   ? 7.964   -9.552  11.724  1.00 43.54 ? 422 HOH A O   1 
HETATM 1271 O O   . HOH H 6 .   ? -11.674 12.610  2.017   1.00 38.08 ? 423 HOH A O   1 
HETATM 1272 O O   . HOH H 6 .   ? 15.760  -4.715  30.789  1.00 29.64 ? 424 HOH A O   1 
HETATM 1273 O O   . HOH H 6 .   ? -12.368 -3.755  4.032   1.00 42.64 ? 425 HOH A O   1 
HETATM 1274 O O   . HOH H 6 .   ? -6.934  17.390  -7.085  1.00 56.03 ? 426 HOH A O   1 
HETATM 1275 O O   . HOH H 6 .   ? 10.667  -7.590  -4.560  1.00 32.64 ? 427 HOH A O   1 
HETATM 1276 O O   . HOH H 6 .   ? -10.661 4.416   -20.501 1.00 51.49 ? 428 HOH A O   1 
HETATM 1277 O O   . HOH H 6 .   ? -9.886  12.967  13.128  1.00 63.03 ? 429 HOH A O   1 
HETATM 1278 O O   . HOH H 6 .   ? 4.199   -1.011  11.178  1.00 46.70 ? 430 HOH A O   1 
HETATM 1279 O O   . HOH H 6 .   ? -6.407  -14.761 6.159   1.00 58.87 ? 431 HOH A O   1 
HETATM 1280 O O   . HOH H 6 .   ? -7.560  11.168  -10.473 1.00 37.13 ? 432 HOH A O   1 
HETATM 1281 O O   . HOH H 6 .   ? -1.236  -6.637  9.499   1.00 25.72 ? 433 HOH A O   1 
HETATM 1282 O O   . HOH H 6 .   ? -6.684  -7.446  -15.552 1.00 28.48 ? 434 HOH A O   1 
HETATM 1283 O O   . HOH H 6 .   ? -0.168  -1.389  -4.567  1.00 20.60 ? 435 HOH A O   1 
HETATM 1284 O O   . HOH H 6 .   ? -10.094 -7.311  5.968   1.00 34.01 ? 436 HOH A O   1 
HETATM 1285 O O   . HOH H 6 .   ? -4.205  1.705   -16.872 1.00 33.77 ? 437 HOH A O   1 
HETATM 1286 O O   . HOH H 6 .   ? -10.512 -3.779  -8.938  1.00 23.65 ? 438 HOH A O   1 
HETATM 1287 O O   . HOH H 6 .   ? -11.369 -5.114  -6.569  1.00 29.43 ? 439 HOH A O   1 
HETATM 1288 O O   . HOH H 6 .   ? -13.851 1.216   -16.174 1.00 30.82 ? 440 HOH A O   1 
HETATM 1289 O O   . HOH H 6 .   ? -3.817  5.377   -10.785 1.00 28.15 ? 441 HOH A O   1 
HETATM 1290 O O   . HOH H 6 .   ? 10.274  -5.643  22.804  1.00 32.58 ? 442 HOH A O   1 
HETATM 1291 O O   . HOH H 6 .   ? 9.823   1.694   16.524  1.00 50.48 ? 443 HOH A O   1 
HETATM 1292 O O   . HOH H 6 .   ? -11.046 -1.239  -5.897  1.00 22.97 ? 444 HOH A O   1 
HETATM 1293 O O   . HOH H 6 .   ? 0.552   -5.499  12.949  1.00 58.44 ? 445 HOH A O   1 
HETATM 1294 O O   . HOH H 6 .   ? -3.863  -17.228 -5.331  1.00 41.51 ? 446 HOH A O   1 
HETATM 1295 O O   . HOH H 6 .   ? -7.501  18.279  1.853   1.00 53.59 ? 447 HOH A O   1 
HETATM 1296 O O   . HOH H 6 .   ? 15.166  -3.665  -3.270  1.00 50.27 ? 448 HOH A O   1 
HETATM 1297 O O   . HOH H 6 .   ? 9.726   -13.642 4.672   1.00 43.77 ? 449 HOH A O   1 
HETATM 1298 O O   . HOH H 6 .   ? -5.406  -14.722 1.860   1.00 32.09 ? 450 HOH A O   1 
HETATM 1299 O O   . HOH H 6 .   ? 5.364   -14.005 6.384   1.00 37.47 ? 451 HOH A O   1 
HETATM 1300 O O   . HOH H 6 .   ? 2.015   -14.886 -1.678  1.00 27.92 ? 452 HOH A O   1 
HETATM 1301 O O   . HOH H 6 .   ? 9.331   -6.339  -8.957  1.00 30.43 ? 453 HOH A O   1 
HETATM 1302 O O   . HOH H 6 .   ? -7.518  3.056   -15.813 1.00 29.33 ? 454 HOH A O   1 
HETATM 1303 O O   . HOH H 6 .   ? -1.054  -3.833  -17.456 1.00 42.13 ? 455 HOH A O   1 
HETATM 1304 O O   . HOH H 6 .   ? -15.029 8.341   -4.320  1.00 43.00 ? 456 HOH A O   1 
HETATM 1305 O O   . HOH H 6 .   ? -11.761 -1.564  5.630   1.00 45.66 ? 457 HOH A O   1 
HETATM 1306 O O   . HOH H 6 .   ? -1.762  2.972   -16.856 1.00 33.07 ? 458 HOH A O   1 
HETATM 1307 O O   . HOH H 6 .   ? 9.441   0.684   19.067  1.00 39.84 ? 459 HOH A O   1 
HETATM 1308 O O   . HOH H 6 .   ? -12.268 5.780   -10.912 1.00 41.85 ? 460 HOH A O   1 
HETATM 1309 O O   . HOH H 6 .   ? -8.215  11.313  8.364   1.00 39.03 ? 461 HOH A O   1 
HETATM 1310 O O   . HOH H 6 .   ? -11.312 -14.001 5.959   1.00 52.09 ? 462 HOH A O   1 
HETATM 1311 O O   . HOH H 6 .   ? -17.305 0.729   -8.515  1.00 36.69 ? 463 HOH A O   1 
HETATM 1312 O O   . HOH H 6 .   ? -6.047  20.886  -1.995  1.00 54.20 ? 464 HOH A O   1 
HETATM 1313 O O   . HOH H 6 .   ? -8.358  1.151   11.904  1.00 37.45 ? 465 HOH A O   1 
HETATM 1314 O O   . HOH H 6 .   ? 0.593   13.007  0.409   1.00 43.05 ? 466 HOH A O   1 
HETATM 1315 O O   . HOH H 6 .   ? 3.107   -1.830  -19.353 1.00 44.59 ? 467 HOH A O   1 
HETATM 1316 O O   . HOH H 6 .   ? -10.540 7.273   -10.151 1.00 41.66 ? 468 HOH A O   1 
HETATM 1317 O O   . HOH H 6 .   ? 8.917   -11.192 -2.157  1.00 23.15 ? 469 HOH A O   1 
HETATM 1318 O O   . HOH H 6 .   ? 8.433   -10.757 18.005  1.00 51.73 ? 470 HOH A O   1 
HETATM 1319 O O   . HOH H 6 .   ? 4.965   11.122  -4.528  1.00 46.88 ? 471 HOH A O   1 
HETATM 1320 O O   . HOH H 6 .   ? 4.308   -4.682  -20.585 1.00 61.11 ? 472 HOH A O   1 
HETATM 1321 O O   . HOH H 6 .   ? 13.869  0.334   2.775   1.00 42.38 ? 473 HOH A O   1 
HETATM 1322 O O   . HOH H 6 .   ? 4.777   -15.466 -8.082  1.00 56.24 ? 474 HOH A O   1 
HETATM 1323 O O   . HOH H 6 .   ? 4.044   -6.640  17.227  1.00 50.58 ? 475 HOH A O   1 
HETATM 1324 O O   . HOH H 6 .   ? 10.420  -8.776  7.115   1.00 29.87 ? 476 HOH A O   1 
HETATM 1325 O O   . HOH H 6 .   ? -9.287  -3.216  7.656   1.00 55.66 ? 477 HOH A O   1 
HETATM 1326 O O   . HOH H 6 .   ? 9.779   -10.107 1.819   1.00 37.25 ? 478 HOH A O   1 
HETATM 1327 O O   . HOH H 6 .   ? -9.989  -7.767  8.678   1.00 49.86 ? 479 HOH A O   1 
HETATM 1328 O O   . HOH H 6 .   ? -16.310 -2.257  2.927   1.00 59.63 ? 480 HOH A O   1 
HETATM 1329 O O   . HOH H 6 .   ? 0.599   9.809   2.676   0.42 30.84 ? 481 HOH A O   1 
HETATM 1330 O O   . HOH H 6 .   ? 0.323   1.398   -17.781 1.00 47.02 ? 482 HOH A O   1 
HETATM 1331 O O   . HOH H 6 .   ? -10.659 -5.070  6.240   1.00 45.28 ? 483 HOH A O   1 
HETATM 1332 O O   . HOH H 6 .   ? -1.989  5.471   -18.454 1.00 44.94 ? 484 HOH A O   1 
# 
